data_5YZZ
# 
_entry.id   5YZZ 
# 
_audit_conform.dict_name       mmcif_pdbx.dic 
_audit_conform.dict_version    5.380 
_audit_conform.dict_location   http://mmcif.pdb.org/dictionaries/ascii/mmcif_pdbx.dic 
# 
loop_
_database_2.database_id 
_database_2.database_code 
_database_2.pdbx_database_accession 
_database_2.pdbx_DOI 
PDB   5YZZ         pdb_00005yzz 10.2210/pdb5yzz/pdb 
WWPDB D_1300006198 ?            ?                   
# 
_pdbx_database_status.status_code                     REL 
_pdbx_database_status.status_code_sf                  REL 
_pdbx_database_status.status_code_mr                  ? 
_pdbx_database_status.entry_id                        5YZZ 
_pdbx_database_status.recvd_initial_deposition_date   2017-12-17 
_pdbx_database_status.SG_entry                        N 
_pdbx_database_status.deposit_site                    PDBJ 
_pdbx_database_status.process_site                    PDBJ 
_pdbx_database_status.status_code_cs                  ? 
_pdbx_database_status.methods_development_category    ? 
_pdbx_database_status.pdb_format_compatible           Y 
_pdbx_database_status.status_code_nmr_data            ? 
# 
loop_
_audit_author.name 
_audit_author.pdbx_ordinal 
_audit_author.identifier_ORCID 
'Wu, B.X.'    1 ? 
'Zhang, M.M.' 2 ? 
# 
_citation.abstract                  ? 
_citation.abstract_id_CAS           ? 
_citation.book_id_ISBN              ? 
_citation.book_publisher            ? 
_citation.book_publisher_city       ? 
_citation.book_title                ? 
_citation.coordinate_linkage        ? 
_citation.country                   US 
_citation.database_id_Medline       ? 
_citation.details                   ? 
_citation.id                        primary 
_citation.journal_abbrev            'Biochem. Biophys. Res. Commun.' 
_citation.journal_id_ASTM           BBRCA9 
_citation.journal_id_CSD            0146 
_citation.journal_id_ISSN           1090-2104 
_citation.journal_full              ? 
_citation.journal_issue             ? 
_citation.journal_volume            ? 
_citation.language                  ? 
_citation.page_first                ? 
_citation.page_last                 ? 
_citation.title                     
'Structural insight into the role of VAL1 B3 domain for targeting to FLC locus in Arabidopsis thaliana.' 
_citation.year                      2018 
_citation.database_id_CSD           ? 
_citation.pdbx_database_id_DOI      10.1016/j.bbrc.2018.05.002 
_citation.pdbx_database_id_PubMed   29733847 
_citation.unpublished_flag          ? 
# 
loop_
_citation_author.citation_id 
_citation_author.name 
_citation_author.ordinal 
_citation_author.identifier_ORCID 
primary 'Wu, B.X.'    1 ? 
primary 'Zhang, M.M.' 2 ? 
primary 'Su, S.C.'    3 ? 
primary 'Liu, H.H.'   4 ? 
primary 'Gan, J.H.'   5 ? 
primary 'Ma, J.B.'    6 ? 
# 
_cell.angle_alpha                  90.00 
_cell.angle_alpha_esd              ? 
_cell.angle_beta                   90.00 
_cell.angle_beta_esd               ? 
_cell.angle_gamma                  90.00 
_cell.angle_gamma_esd              ? 
_cell.entry_id                     5YZZ 
_cell.details                      ? 
_cell.formula_units_Z              ? 
_cell.length_a                     86.896 
_cell.length_a_esd                 ? 
_cell.length_b                     86.896 
_cell.length_b_esd                 ? 
_cell.length_c                     148.237 
_cell.length_c_esd                 ? 
_cell.volume                       ? 
_cell.volume_esd                   ? 
_cell.Z_PDB                        16 
_cell.reciprocal_angle_alpha       ? 
_cell.reciprocal_angle_beta        ? 
_cell.reciprocal_angle_gamma       ? 
_cell.reciprocal_angle_alpha_esd   ? 
_cell.reciprocal_angle_beta_esd    ? 
_cell.reciprocal_angle_gamma_esd   ? 
_cell.reciprocal_length_a          ? 
_cell.reciprocal_length_b          ? 
_cell.reciprocal_length_c          ? 
_cell.reciprocal_length_a_esd      ? 
_cell.reciprocal_length_b_esd      ? 
_cell.reciprocal_length_c_esd      ? 
_cell.pdbx_unique_axis             ? 
# 
_symmetry.entry_id                         5YZZ 
_symmetry.cell_setting                     ? 
_symmetry.Int_Tables_number                98 
_symmetry.space_group_name_Hall            ? 
_symmetry.space_group_name_H-M             'I 41 2 2' 
_symmetry.pdbx_full_space_group_name_H-M   ? 
# 
loop_
_entity.id 
_entity.type 
_entity.src_method 
_entity.pdbx_description 
_entity.formula_weight 
_entity.pdbx_number_of_molecules 
_entity.pdbx_ec 
_entity.pdbx_mutation 
_entity.pdbx_fragment 
_entity.details 
1 polymer syn 
;DNA (5'-D(*AP*TP*TP*CP*TP*GP*CP*AP*TP*GP*GP*AP*T)-3')
;
3981.608  1 ? ? ?                               ? 
2 polymer syn 
;DNA (5'-D(*TP*AP*TP*CP*CP*AP*TP*GP*CP*AP*GP*AP*A)-3')
;
3959.612  1 ? ? ?                               ? 
3 polymer man 'B3 domain-containing transcription repressor VAL1'     14194.220 1 ? ? 'B3 domain, DNA binding domain' ? 
# 
_entity_name_com.entity_id   3 
_entity_name_com.name        'Protein HIGH-LEVEL EXPRESSION OF SUGAR-INDUCIBLE 2,Protein VP1/ABI3-LIKE 1' 
# 
loop_
_entity_poly.entity_id 
_entity_poly.type 
_entity_poly.nstd_linkage 
_entity_poly.nstd_monomer 
_entity_poly.pdbx_seq_one_letter_code 
_entity_poly.pdbx_seq_one_letter_code_can 
_entity_poly.pdbx_strand_id 
_entity_poly.pdbx_target_identifier 
1 polydeoxyribonucleotide no no '(DA)(DT)(DT)(DC)(DT)(DG)(DC)(DA)(DT)(DG)(DG)(DA)(DT)' ATTCTGCATGGAT A ? 
2 polydeoxyribonucleotide no no '(DT)(DA)(DT)(DC)(DC)(DA)(DT)(DG)(DC)(DA)(DG)(DA)(DA)' TATCCATGCAGAA B ? 
3 'polypeptide(L)'        no no 
;PKYTDKEVQQISGNLNLNIVPLFEKTLSASDAGRIGRLVLPKACAEAYFPPISQSEGIPLKIQDVRGREWTFQFRYWPNN
NSRMYVLEGVTPCIQSMMLQAGDTVTFSRVDPGGKLIMGSRKAANAGD
;
;PKYTDKEVQQISGNLNLNIVPLFEKTLSASDAGRIGRLVLPKACAEAYFPPISQSEGIPLKIQDVRGREWTFQFRYWPNN
NSRMYVLEGVTPCIQSMMLQAGDTVTFSRVDPGGKLIMGSRKAANAGD
;
C ? 
# 
loop_
_entity_poly_seq.entity_id 
_entity_poly_seq.num 
_entity_poly_seq.mon_id 
_entity_poly_seq.hetero 
1 1   DA  n 
1 2   DT  n 
1 3   DT  n 
1 4   DC  n 
1 5   DT  n 
1 6   DG  n 
1 7   DC  n 
1 8   DA  n 
1 9   DT  n 
1 10  DG  n 
1 11  DG  n 
1 12  DA  n 
1 13  DT  n 
2 1   DT  n 
2 2   DA  n 
2 3   DT  n 
2 4   DC  n 
2 5   DC  n 
2 6   DA  n 
2 7   DT  n 
2 8   DG  n 
2 9   DC  n 
2 10  DA  n 
2 11  DG  n 
2 12  DA  n 
2 13  DA  n 
3 1   PRO n 
3 2   LYS n 
3 3   TYR n 
3 4   THR n 
3 5   ASP n 
3 6   LYS n 
3 7   GLU n 
3 8   VAL n 
3 9   GLN n 
3 10  GLN n 
3 11  ILE n 
3 12  SER n 
3 13  GLY n 
3 14  ASN n 
3 15  LEU n 
3 16  ASN n 
3 17  LEU n 
3 18  ASN n 
3 19  ILE n 
3 20  VAL n 
3 21  PRO n 
3 22  LEU n 
3 23  PHE n 
3 24  GLU n 
3 25  LYS n 
3 26  THR n 
3 27  LEU n 
3 28  SER n 
3 29  ALA n 
3 30  SER n 
3 31  ASP n 
3 32  ALA n 
3 33  GLY n 
3 34  ARG n 
3 35  ILE n 
3 36  GLY n 
3 37  ARG n 
3 38  LEU n 
3 39  VAL n 
3 40  LEU n 
3 41  PRO n 
3 42  LYS n 
3 43  ALA n 
3 44  CYS n 
3 45  ALA n 
3 46  GLU n 
3 47  ALA n 
3 48  TYR n 
3 49  PHE n 
3 50  PRO n 
3 51  PRO n 
3 52  ILE n 
3 53  SER n 
3 54  GLN n 
3 55  SER n 
3 56  GLU n 
3 57  GLY n 
3 58  ILE n 
3 59  PRO n 
3 60  LEU n 
3 61  LYS n 
3 62  ILE n 
3 63  GLN n 
3 64  ASP n 
3 65  VAL n 
3 66  ARG n 
3 67  GLY n 
3 68  ARG n 
3 69  GLU n 
3 70  TRP n 
3 71  THR n 
3 72  PHE n 
3 73  GLN n 
3 74  PHE n 
3 75  ARG n 
3 76  TYR n 
3 77  TRP n 
3 78  PRO n 
3 79  ASN n 
3 80  ASN n 
3 81  ASN n 
3 82  SER n 
3 83  ARG n 
3 84  MET n 
3 85  TYR n 
3 86  VAL n 
3 87  LEU n 
3 88  GLU n 
3 89  GLY n 
3 90  VAL n 
3 91  THR n 
3 92  PRO n 
3 93  CYS n 
3 94  ILE n 
3 95  GLN n 
3 96  SER n 
3 97  MET n 
3 98  MET n 
3 99  LEU n 
3 100 GLN n 
3 101 ALA n 
3 102 GLY n 
3 103 ASP n 
3 104 THR n 
3 105 VAL n 
3 106 THR n 
3 107 PHE n 
3 108 SER n 
3 109 ARG n 
3 110 VAL n 
3 111 ASP n 
3 112 PRO n 
3 113 GLY n 
3 114 GLY n 
3 115 LYS n 
3 116 LEU n 
3 117 ILE n 
3 118 MET n 
3 119 GLY n 
3 120 SER n 
3 121 ARG n 
3 122 LYS n 
3 123 ALA n 
3 124 ALA n 
3 125 ASN n 
3 126 ALA n 
3 127 GLY n 
3 128 ASP n 
# 
_entity_src_gen.entity_id                          3 
_entity_src_gen.pdbx_src_id                        1 
_entity_src_gen.pdbx_alt_source_flag               sample 
_entity_src_gen.pdbx_seq_type                      'Biological sequence' 
_entity_src_gen.pdbx_beg_seq_num                   1 
_entity_src_gen.pdbx_end_seq_num                   128 
_entity_src_gen.gene_src_common_name               'Mouse-ear cress' 
_entity_src_gen.gene_src_genus                     ? 
_entity_src_gen.pdbx_gene_src_gene                 'VAL1, HSI2, At2g30470, T6B20.17' 
_entity_src_gen.gene_src_species                   ? 
_entity_src_gen.gene_src_strain                    ? 
_entity_src_gen.gene_src_tissue                    ? 
_entity_src_gen.gene_src_tissue_fraction           ? 
_entity_src_gen.gene_src_details                   ? 
_entity_src_gen.pdbx_gene_src_fragment             ? 
_entity_src_gen.pdbx_gene_src_scientific_name      'Arabidopsis thaliana' 
_entity_src_gen.pdbx_gene_src_ncbi_taxonomy_id     3702 
_entity_src_gen.pdbx_gene_src_variant              ? 
_entity_src_gen.pdbx_gene_src_cell_line            ? 
_entity_src_gen.pdbx_gene_src_atcc                 ? 
_entity_src_gen.pdbx_gene_src_organ                ? 
_entity_src_gen.pdbx_gene_src_organelle            ? 
_entity_src_gen.pdbx_gene_src_cell                 ? 
_entity_src_gen.pdbx_gene_src_cellular_location    ? 
_entity_src_gen.host_org_common_name               ? 
_entity_src_gen.pdbx_host_org_scientific_name      'Escherichia coli' 
_entity_src_gen.pdbx_host_org_ncbi_taxonomy_id     562 
_entity_src_gen.host_org_genus                     ? 
_entity_src_gen.pdbx_host_org_gene                 ? 
_entity_src_gen.pdbx_host_org_organ                ? 
_entity_src_gen.host_org_species                   ? 
_entity_src_gen.pdbx_host_org_tissue               ? 
_entity_src_gen.pdbx_host_org_tissue_fraction      ? 
_entity_src_gen.pdbx_host_org_strain               ? 
_entity_src_gen.pdbx_host_org_variant              ? 
_entity_src_gen.pdbx_host_org_cell_line            ? 
_entity_src_gen.pdbx_host_org_atcc                 ? 
_entity_src_gen.pdbx_host_org_culture_collection   ? 
_entity_src_gen.pdbx_host_org_cell                 ? 
_entity_src_gen.pdbx_host_org_organelle            ? 
_entity_src_gen.pdbx_host_org_cellular_location    ? 
_entity_src_gen.pdbx_host_org_vector_type          ? 
_entity_src_gen.pdbx_host_org_vector               ? 
_entity_src_gen.host_org_details                   ? 
_entity_src_gen.expression_system_id               ? 
_entity_src_gen.plasmid_name                       ? 
_entity_src_gen.plasmid_details                    ? 
_entity_src_gen.pdbx_description                   ? 
# 
loop_
_pdbx_entity_src_syn.entity_id 
_pdbx_entity_src_syn.pdbx_src_id 
_pdbx_entity_src_syn.pdbx_alt_source_flag 
_pdbx_entity_src_syn.pdbx_beg_seq_num 
_pdbx_entity_src_syn.pdbx_end_seq_num 
_pdbx_entity_src_syn.organism_scientific 
_pdbx_entity_src_syn.organism_common_name 
_pdbx_entity_src_syn.ncbi_taxonomy_id 
_pdbx_entity_src_syn.details 
1 1 sample 1 13 'synthetic construct' ? 32630 ? 
2 1 sample 1 13 'synthetic construct' ? 32630 ? 
# 
loop_
_struct_ref.id 
_struct_ref.db_name 
_struct_ref.db_code 
_struct_ref.pdbx_db_accession 
_struct_ref.pdbx_db_isoform 
_struct_ref.entity_id 
_struct_ref.pdbx_seq_one_letter_code 
_struct_ref.pdbx_align_begin 
1 PDB 5YZZ       5YZZ   ? 1 ? 1   
2 PDB 5YZZ       5YZZ   ? 2 ? 1   
3 UNP VAL1_ARATH Q8W4L5 ? 3 
;PKYTDKEVQQISGNLNLNIVPLFEKTLSASDAGRIGRLVLPKACAEAYFPPISQSEGIPLKIQDVRGREWTFQFRYWPNN
NSRMYVLEGVTPCIQSMMLQAGDTVTFSRVDPGGKLIMGSRKAANAGD
;
273 
# 
loop_
_struct_ref_seq.align_id 
_struct_ref_seq.ref_id 
_struct_ref_seq.pdbx_PDB_id_code 
_struct_ref_seq.pdbx_strand_id 
_struct_ref_seq.seq_align_beg 
_struct_ref_seq.pdbx_seq_align_beg_ins_code 
_struct_ref_seq.seq_align_end 
_struct_ref_seq.pdbx_seq_align_end_ins_code 
_struct_ref_seq.pdbx_db_accession 
_struct_ref_seq.db_align_beg 
_struct_ref_seq.pdbx_db_align_beg_ins_code 
_struct_ref_seq.db_align_end 
_struct_ref_seq.pdbx_db_align_end_ins_code 
_struct_ref_seq.pdbx_auth_seq_align_beg 
_struct_ref_seq.pdbx_auth_seq_align_end 
1 1 5YZZ A 1 ? 13  ? 5YZZ   1   ? 13  ? 1   13  
2 2 5YZZ B 1 ? 13  ? 5YZZ   1   ? 13  ? 1   13  
3 3 5YZZ C 1 ? 128 ? Q8W4L5 273 ? 400 ? 273 400 
# 
loop_
_chem_comp.id 
_chem_comp.type 
_chem_comp.mon_nstd_flag 
_chem_comp.name 
_chem_comp.pdbx_synonyms 
_chem_comp.formula 
_chem_comp.formula_weight 
ALA 'L-peptide linking' y ALANINE                              ? 'C3 H7 N O2'      89.093  
ARG 'L-peptide linking' y ARGININE                             ? 'C6 H15 N4 O2 1'  175.209 
ASN 'L-peptide linking' y ASPARAGINE                           ? 'C4 H8 N2 O3'     132.118 
ASP 'L-peptide linking' y 'ASPARTIC ACID'                      ? 'C4 H7 N O4'      133.103 
CYS 'L-peptide linking' y CYSTEINE                             ? 'C3 H7 N O2 S'    121.158 
DA  'DNA linking'       y "2'-DEOXYADENOSINE-5'-MONOPHOSPHATE" ? 'C10 H14 N5 O6 P' 331.222 
DC  'DNA linking'       y "2'-DEOXYCYTIDINE-5'-MONOPHOSPHATE"  ? 'C9 H14 N3 O7 P'  307.197 
DG  'DNA linking'       y "2'-DEOXYGUANOSINE-5'-MONOPHOSPHATE" ? 'C10 H14 N5 O7 P' 347.221 
DT  'DNA linking'       y "THYMIDINE-5'-MONOPHOSPHATE"         ? 'C10 H15 N2 O8 P' 322.208 
GLN 'L-peptide linking' y GLUTAMINE                            ? 'C5 H10 N2 O3'    146.144 
GLU 'L-peptide linking' y 'GLUTAMIC ACID'                      ? 'C5 H9 N O4'      147.129 
GLY 'peptide linking'   y GLYCINE                              ? 'C2 H5 N O2'      75.067  
ILE 'L-peptide linking' y ISOLEUCINE                           ? 'C6 H13 N O2'     131.173 
LEU 'L-peptide linking' y LEUCINE                              ? 'C6 H13 N O2'     131.173 
LYS 'L-peptide linking' y LYSINE                               ? 'C6 H15 N2 O2 1'  147.195 
MET 'L-peptide linking' y METHIONINE                           ? 'C5 H11 N O2 S'   149.211 
PHE 'L-peptide linking' y PHENYLALANINE                        ? 'C9 H11 N O2'     165.189 
PRO 'L-peptide linking' y PROLINE                              ? 'C5 H9 N O2'      115.130 
SER 'L-peptide linking' y SERINE                               ? 'C3 H7 N O3'      105.093 
THR 'L-peptide linking' y THREONINE                            ? 'C4 H9 N O3'      119.119 
TRP 'L-peptide linking' y TRYPTOPHAN                           ? 'C11 H12 N2 O2'   204.225 
TYR 'L-peptide linking' y TYROSINE                             ? 'C9 H11 N O3'     181.189 
VAL 'L-peptide linking' y VALINE                               ? 'C5 H11 N O2'     117.146 
# 
_exptl.absorpt_coefficient_mu     ? 
_exptl.absorpt_correction_T_max   ? 
_exptl.absorpt_correction_T_min   ? 
_exptl.absorpt_correction_type    ? 
_exptl.absorpt_process_details    ? 
_exptl.entry_id                   5YZZ 
_exptl.crystals_number            1 
_exptl.details                    ? 
_exptl.method                     'X-RAY DIFFRACTION' 
_exptl.method_details             ? 
# 
_exptl_crystal.colour                      ? 
_exptl_crystal.density_diffrn              ? 
_exptl_crystal.density_Matthews            3.16 
_exptl_crystal.density_method              ? 
_exptl_crystal.density_percent_sol         61.08 
_exptl_crystal.description                 ? 
_exptl_crystal.F_000                       ? 
_exptl_crystal.id                          1 
_exptl_crystal.preparation                 ? 
_exptl_crystal.size_max                    ? 
_exptl_crystal.size_mid                    ? 
_exptl_crystal.size_min                    ? 
_exptl_crystal.size_rad                    ? 
_exptl_crystal.colour_lustre               ? 
_exptl_crystal.colour_modifier             ? 
_exptl_crystal.colour_primary              ? 
_exptl_crystal.density_meas                ? 
_exptl_crystal.density_meas_esd            ? 
_exptl_crystal.density_meas_gt             ? 
_exptl_crystal.density_meas_lt             ? 
_exptl_crystal.density_meas_temp           ? 
_exptl_crystal.density_meas_temp_esd       ? 
_exptl_crystal.density_meas_temp_gt        ? 
_exptl_crystal.density_meas_temp_lt        ? 
_exptl_crystal.pdbx_crystal_image_url      ? 
_exptl_crystal.pdbx_crystal_image_format   ? 
_exptl_crystal.pdbx_mosaicity              ? 
_exptl_crystal.pdbx_mosaicity_esd          ? 
# 
_exptl_crystal_grow.apparatus       ? 
_exptl_crystal_grow.atmosphere      ? 
_exptl_crystal_grow.crystal_id      1 
_exptl_crystal_grow.details         ? 
_exptl_crystal_grow.method          'VAPOR DIFFUSION, SITTING DROP' 
_exptl_crystal_grow.method_ref      ? 
_exptl_crystal_grow.pH              ? 
_exptl_crystal_grow.pressure        ? 
_exptl_crystal_grow.pressure_esd    ? 
_exptl_crystal_grow.seeding         ? 
_exptl_crystal_grow.seeding_ref     ? 
_exptl_crystal_grow.temp            293 
_exptl_crystal_grow.temp_details    ? 
_exptl_crystal_grow.temp_esd        ? 
_exptl_crystal_grow.time            ? 
_exptl_crystal_grow.pdbx_details    '30% (w/v) PEG 5000 MME, 0.1M Tris base/Hydrochloric acid pH 8.0, 0.2M Lithium sulfate' 
_exptl_crystal_grow.pdbx_pH_range   ? 
# 
_diffrn.ambient_environment    ? 
_diffrn.ambient_temp           100 
_diffrn.ambient_temp_details   ? 
_diffrn.ambient_temp_esd       ? 
_diffrn.crystal_id             1 
_diffrn.crystal_support        ? 
_diffrn.crystal_treatment      ? 
_diffrn.details                ? 
_diffrn.id                     1 
_diffrn.ambient_pressure       ? 
_diffrn.ambient_pressure_esd   ? 
_diffrn.ambient_pressure_gt    ? 
_diffrn.ambient_pressure_lt    ? 
_diffrn.ambient_temp_gt        ? 
_diffrn.ambient_temp_lt        ? 
# 
_diffrn_detector.details                      ? 
_diffrn_detector.detector                     PIXEL 
_diffrn_detector.diffrn_id                    1 
_diffrn_detector.type                         'DECTRIS PILATUS3 S 6M' 
_diffrn_detector.area_resol_mean              ? 
_diffrn_detector.dtime                        ? 
_diffrn_detector.pdbx_frames_total            ? 
_diffrn_detector.pdbx_collection_time_total   ? 
_diffrn_detector.pdbx_collection_date         2017-11-30 
# 
_diffrn_radiation.collimation                      ? 
_diffrn_radiation.diffrn_id                        1 
_diffrn_radiation.filter_edge                      ? 
_diffrn_radiation.inhomogeneity                    ? 
_diffrn_radiation.monochromator                    ? 
_diffrn_radiation.polarisn_norm                    ? 
_diffrn_radiation.polarisn_ratio                   ? 
_diffrn_radiation.probe                            ? 
_diffrn_radiation.type                             ? 
_diffrn_radiation.xray_symbol                      ? 
_diffrn_radiation.wavelength_id                    1 
_diffrn_radiation.pdbx_monochromatic_or_laue_m_l   M 
_diffrn_radiation.pdbx_wavelength_list             ? 
_diffrn_radiation.pdbx_wavelength                  ? 
_diffrn_radiation.pdbx_diffrn_protocol             'SINGLE WAVELENGTH' 
_diffrn_radiation.pdbx_analyzer                    ? 
_diffrn_radiation.pdbx_scattering_type             x-ray 
# 
_diffrn_radiation_wavelength.id           1 
_diffrn_radiation_wavelength.wavelength   0.97853 
_diffrn_radiation_wavelength.wt           1.0 
# 
_diffrn_source.current                     ? 
_diffrn_source.details                     ? 
_diffrn_source.diffrn_id                   1 
_diffrn_source.power                       ? 
_diffrn_source.size                        ? 
_diffrn_source.source                      SYNCHROTRON 
_diffrn_source.target                      ? 
_diffrn_source.type                        'SSRF BEAMLINE BL18U1' 
_diffrn_source.voltage                     ? 
_diffrn_source.take-off_angle              ? 
_diffrn_source.pdbx_wavelength_list        0.97853 
_diffrn_source.pdbx_wavelength             ? 
_diffrn_source.pdbx_synchrotron_beamline   BL18U1 
_diffrn_source.pdbx_synchrotron_site       SSRF 
# 
_reflns.B_iso_Wilson_estimate            ? 
_reflns.entry_id                         5YZZ 
_reflns.data_reduction_details           ? 
_reflns.data_reduction_method            ? 
_reflns.d_resolution_high                2.58 
_reflns.d_resolution_low                 74.97 
_reflns.details                          ? 
_reflns.limit_h_max                      ? 
_reflns.limit_h_min                      ? 
_reflns.limit_k_max                      ? 
_reflns.limit_k_min                      ? 
_reflns.limit_l_max                      ? 
_reflns.limit_l_min                      ? 
_reflns.number_all                       ? 
_reflns.number_obs                       9191 
_reflns.observed_criterion               ? 
_reflns.observed_criterion_F_max         ? 
_reflns.observed_criterion_F_min         ? 
_reflns.observed_criterion_I_max         ? 
_reflns.observed_criterion_I_min         ? 
_reflns.observed_criterion_sigma_F       ? 
_reflns.observed_criterion_sigma_I       ? 
_reflns.percent_possible_obs             99.5 
_reflns.R_free_details                   ? 
_reflns.Rmerge_F_all                     ? 
_reflns.Rmerge_F_obs                     ? 
_reflns.Friedel_coverage                 ? 
_reflns.number_gt                        ? 
_reflns.threshold_expression             ? 
_reflns.pdbx_redundancy                  13.9 
_reflns.pdbx_Rmerge_I_obs                0.077 
_reflns.pdbx_Rmerge_I_all                ? 
_reflns.pdbx_Rsym_value                  ? 
_reflns.pdbx_netI_over_av_sigmaI         ? 
_reflns.pdbx_netI_over_sigmaI            29.4 
_reflns.pdbx_res_netI_over_av_sigmaI_2   ? 
_reflns.pdbx_res_netI_over_sigmaI_2      ? 
_reflns.pdbx_chi_squared                 ? 
_reflns.pdbx_scaling_rejects             ? 
_reflns.pdbx_d_res_high_opt              ? 
_reflns.pdbx_d_res_low_opt               ? 
_reflns.pdbx_d_res_opt_method            ? 
_reflns.phase_calculation_details        ? 
_reflns.pdbx_Rrim_I_all                  ? 
_reflns.pdbx_Rpim_I_all                  ? 
_reflns.pdbx_d_opt                       ? 
_reflns.pdbx_number_measured_all         ? 
_reflns.pdbx_diffrn_id                   1 
_reflns.pdbx_ordinal                     1 
_reflns.pdbx_CC_half                     ? 
_reflns.pdbx_R_split                     ? 
# 
_reflns_shell.d_res_high                  2.58 
_reflns_shell.d_res_low                   2.67 
_reflns_shell.meanI_over_sigI_all         ? 
_reflns_shell.meanI_over_sigI_obs         ? 
_reflns_shell.number_measured_all         ? 
_reflns_shell.number_measured_obs         ? 
_reflns_shell.number_possible             ? 
_reflns_shell.number_unique_all           ? 
_reflns_shell.number_unique_obs           ? 
_reflns_shell.percent_possible_all        ? 
_reflns_shell.percent_possible_obs        ? 
_reflns_shell.Rmerge_F_all                ? 
_reflns_shell.Rmerge_F_obs                ? 
_reflns_shell.Rmerge_I_all                ? 
_reflns_shell.Rmerge_I_obs                ? 
_reflns_shell.meanI_over_sigI_gt          ? 
_reflns_shell.meanI_over_uI_all           ? 
_reflns_shell.meanI_over_uI_gt            ? 
_reflns_shell.number_measured_gt          ? 
_reflns_shell.number_unique_gt            ? 
_reflns_shell.percent_possible_gt         ? 
_reflns_shell.Rmerge_F_gt                 ? 
_reflns_shell.Rmerge_I_gt                 ? 
_reflns_shell.pdbx_redundancy             ? 
_reflns_shell.pdbx_Rsym_value             ? 
_reflns_shell.pdbx_chi_squared            ? 
_reflns_shell.pdbx_netI_over_sigmaI_all   ? 
_reflns_shell.pdbx_netI_over_sigmaI_obs   ? 
_reflns_shell.pdbx_Rrim_I_all             ? 
_reflns_shell.pdbx_Rpim_I_all             ? 
_reflns_shell.pdbx_rejects                ? 
_reflns_shell.pdbx_ordinal                1 
_reflns_shell.pdbx_diffrn_id              1 
_reflns_shell.pdbx_CC_half                ? 
_reflns_shell.pdbx_R_split                ? 
# 
_refine.aniso_B[1][1]                            -0.98 
_refine.aniso_B[1][2]                            0.00 
_refine.aniso_B[1][3]                            0.00 
_refine.aniso_B[2][2]                            -0.98 
_refine.aniso_B[2][3]                            0.00 
_refine.aniso_B[3][3]                            1.97 
_refine.B_iso_max                                ? 
_refine.B_iso_mean                               44.338 
_refine.B_iso_min                                ? 
_refine.correlation_coeff_Fo_to_Fc               0.926 
_refine.correlation_coeff_Fo_to_Fc_free          0.893 
_refine.details                                  'HYDROGENS HAVE BEEN ADDED IN THE RIDING POSITIONS' 
_refine.diff_density_max                         ? 
_refine.diff_density_max_esd                     ? 
_refine.diff_density_min                         ? 
_refine.diff_density_min_esd                     ? 
_refine.diff_density_rms                         ? 
_refine.diff_density_rms_esd                     ? 
_refine.entry_id                                 5YZZ 
_refine.pdbx_refine_id                           'X-RAY DIFFRACTION' 
_refine.ls_abs_structure_details                 ? 
_refine.ls_abs_structure_Flack                   ? 
_refine.ls_abs_structure_Flack_esd               ? 
_refine.ls_abs_structure_Rogers                  ? 
_refine.ls_abs_structure_Rogers_esd              ? 
_refine.ls_d_res_high                            2.58 
_refine.ls_d_res_low                             30.00 
_refine.ls_extinction_coef                       ? 
_refine.ls_extinction_coef_esd                   ? 
_refine.ls_extinction_expression                 ? 
_refine.ls_extinction_method                     ? 
_refine.ls_goodness_of_fit_all                   ? 
_refine.ls_goodness_of_fit_all_esd               ? 
_refine.ls_goodness_of_fit_obs                   ? 
_refine.ls_goodness_of_fit_obs_esd               ? 
_refine.ls_hydrogen_treatment                    ? 
_refine.ls_matrix_type                           ? 
_refine.ls_number_constraints                    ? 
_refine.ls_number_parameters                     ? 
_refine.ls_number_reflns_all                     ? 
_refine.ls_number_reflns_obs                     7414 
_refine.ls_number_reflns_R_free                  415 
_refine.ls_number_reflns_R_work                  ? 
_refine.ls_number_restraints                     ? 
_refine.ls_percent_reflns_obs                    84.56 
_refine.ls_percent_reflns_R_free                 5.3 
_refine.ls_R_factor_all                          ? 
_refine.ls_R_factor_obs                          0.22757 
_refine.ls_R_factor_R_free                       0.25522 
_refine.ls_R_factor_R_free_error                 ? 
_refine.ls_R_factor_R_free_error_details         ? 
_refine.ls_R_factor_R_work                       0.22598 
_refine.ls_R_Fsqd_factor_obs                     ? 
_refine.ls_R_I_factor_obs                        ? 
_refine.ls_redundancy_reflns_all                 ? 
_refine.ls_redundancy_reflns_obs                 ? 
_refine.ls_restrained_S_all                      ? 
_refine.ls_restrained_S_obs                      ? 
_refine.ls_shift_over_esd_max                    ? 
_refine.ls_shift_over_esd_mean                   ? 
_refine.ls_structure_factor_coef                 ? 
_refine.ls_weighting_details                     ? 
_refine.ls_weighting_scheme                      ? 
_refine.ls_wR_factor_all                         ? 
_refine.ls_wR_factor_obs                         ? 
_refine.ls_wR_factor_R_free                      ? 
_refine.ls_wR_factor_R_work                      ? 
_refine.occupancy_max                            ? 
_refine.occupancy_min                            ? 
_refine.solvent_model_details                    ? 
_refine.solvent_model_param_bsol                 ? 
_refine.solvent_model_param_ksol                 ? 
_refine.ls_R_factor_gt                           ? 
_refine.ls_goodness_of_fit_gt                    ? 
_refine.ls_goodness_of_fit_ref                   ? 
_refine.ls_shift_over_su_max                     ? 
_refine.ls_shift_over_su_max_lt                  ? 
_refine.ls_shift_over_su_mean                    ? 
_refine.ls_shift_over_su_mean_lt                 ? 
_refine.pdbx_ls_sigma_I                          ? 
_refine.pdbx_ls_sigma_F                          ? 
_refine.pdbx_ls_sigma_Fsqd                       ? 
_refine.pdbx_data_cutoff_high_absF               ? 
_refine.pdbx_data_cutoff_high_rms_absF           ? 
_refine.pdbx_data_cutoff_low_absF                ? 
_refine.pdbx_isotropic_thermal_model             ? 
_refine.pdbx_ls_cross_valid_method               THROUGHOUT 
_refine.pdbx_method_to_determine_struct          'MOLECULAR REPLACEMENT' 
_refine.pdbx_starting_model                      5YZY 
_refine.pdbx_stereochemistry_target_values       ? 
_refine.pdbx_R_Free_selection_details            RANDOM 
_refine.pdbx_stereochem_target_val_spec_case     ? 
_refine.pdbx_overall_ESU_R                       0.547 
_refine.pdbx_overall_ESU_R_Free                  0.308 
_refine.pdbx_solvent_vdw_probe_radii             1.20 
_refine.pdbx_solvent_ion_probe_radii             0.80 
_refine.pdbx_solvent_shrinkage_radii             0.80 
_refine.pdbx_real_space_R                        ? 
_refine.pdbx_density_correlation                 ? 
_refine.pdbx_pd_number_of_powder_patterns        ? 
_refine.pdbx_pd_number_of_points                 ? 
_refine.pdbx_pd_meas_number_of_points            ? 
_refine.pdbx_pd_proc_ls_prof_R_factor            ? 
_refine.pdbx_pd_proc_ls_prof_wR_factor           ? 
_refine.pdbx_pd_Marquardt_correlation_coeff      ? 
_refine.pdbx_pd_Fsqrd_R_factor                   ? 
_refine.pdbx_pd_ls_matrix_band_width             ? 
_refine.pdbx_overall_phase_error                 ? 
_refine.pdbx_overall_SU_R_free_Cruickshank_DPI   ? 
_refine.pdbx_overall_SU_R_free_Blow_DPI          ? 
_refine.pdbx_overall_SU_R_Blow_DPI               ? 
_refine.pdbx_TLS_residual_ADP_flag               ? 
_refine.pdbx_diffrn_id                           1 
_refine.overall_SU_B                             13.293 
_refine.overall_SU_ML                            0.247 
_refine.overall_SU_R_Cruickshank_DPI             ? 
_refine.overall_SU_R_free                        ? 
_refine.overall_FOM_free_R_set                   ? 
_refine.overall_FOM_work_R_set                   ? 
_refine.pdbx_average_fsc_overall                 ? 
_refine.pdbx_average_fsc_work                    ? 
_refine.pdbx_average_fsc_free                    ? 
# 
_refine_hist.pdbx_refine_id                   'X-RAY DIFFRACTION' 
_refine_hist.cycle_id                         1 
_refine_hist.pdbx_number_atoms_protein        866 
_refine_hist.pdbx_number_atoms_nucleic_acid   527 
_refine_hist.pdbx_number_atoms_ligand         0 
_refine_hist.number_atoms_solvent             0 
_refine_hist.number_atoms_total               1393 
_refine_hist.d_res_high                       2.58 
_refine_hist.d_res_low                        30.00 
# 
loop_
_refine_ls_restr.pdbx_refine_id 
_refine_ls_restr.criterion 
_refine_ls_restr.dev_ideal 
_refine_ls_restr.dev_ideal_target 
_refine_ls_restr.number 
_refine_ls_restr.rejects 
_refine_ls_restr.type 
_refine_ls_restr.weight 
_refine_ls_restr.pdbx_restraint_function 
'X-RAY DIFFRACTION' ? 0.013  0.016  1475 ? r_bond_refined_d             ? ? 
'X-RAY DIFFRACTION' ? 0.002  0.020  1135 ? r_bond_other_d               ? ? 
'X-RAY DIFFRACTION' ? 1.895  1.626  2104 ? r_angle_refined_deg          ? ? 
'X-RAY DIFFRACTION' ? 1.326  3.000  2647 ? r_angle_other_deg            ? ? 
'X-RAY DIFFRACTION' ? 9.497  5.000  110  ? r_dihedral_angle_1_deg       ? ? 
'X-RAY DIFFRACTION' ? 34.024 23.158 38   ? r_dihedral_angle_2_deg       ? ? 
'X-RAY DIFFRACTION' ? 19.037 15.000 152  ? r_dihedral_angle_3_deg       ? ? 
'X-RAY DIFFRACTION' ? 22.200 15.000 8    ? r_dihedral_angle_4_deg       ? ? 
'X-RAY DIFFRACTION' ? 0.099  0.200  209  ? r_chiral_restr               ? ? 
'X-RAY DIFFRACTION' ? 0.009  0.021  1280 ? r_gen_planes_refined         ? ? 
'X-RAY DIFFRACTION' ? 0.002  0.020  305  ? r_gen_planes_other           ? ? 
'X-RAY DIFFRACTION' ? ?      ?      ?    ? r_nbd_refined                ? ? 
'X-RAY DIFFRACTION' ? ?      ?      ?    ? r_nbd_other                  ? ? 
'X-RAY DIFFRACTION' ? ?      ?      ?    ? r_nbtor_refined              ? ? 
'X-RAY DIFFRACTION' ? ?      ?      ?    ? r_nbtor_other                ? ? 
'X-RAY DIFFRACTION' ? ?      ?      ?    ? r_xyhbond_nbd_refined        ? ? 
'X-RAY DIFFRACTION' ? ?      ?      ?    ? r_xyhbond_nbd_other          ? ? 
'X-RAY DIFFRACTION' ? ?      ?      ?    ? r_metal_ion_refined          ? ? 
'X-RAY DIFFRACTION' ? ?      ?      ?    ? r_metal_ion_other            ? ? 
'X-RAY DIFFRACTION' ? ?      ?      ?    ? r_symmetry_vdw_refined       ? ? 
'X-RAY DIFFRACTION' ? ?      ?      ?    ? r_symmetry_vdw_other         ? ? 
'X-RAY DIFFRACTION' ? ?      ?      ?    ? r_symmetry_hbond_refined     ? ? 
'X-RAY DIFFRACTION' ? ?      ?      ?    ? r_symmetry_hbond_other       ? ? 
'X-RAY DIFFRACTION' ? ?      ?      ?    ? r_symmetry_metal_ion_refined ? ? 
'X-RAY DIFFRACTION' ? ?      ?      ?    ? r_symmetry_metal_ion_other   ? ? 
'X-RAY DIFFRACTION' ? 3.811  4.473  443  ? r_mcbond_it                  ? ? 
'X-RAY DIFFRACTION' ? 3.783  4.464  442  ? r_mcbond_other               ? ? 
'X-RAY DIFFRACTION' ? 6.491  6.667  552  ? r_mcangle_it                 ? ? 
'X-RAY DIFFRACTION' ? 6.496  6.681  553  ? r_mcangle_other              ? ? 
'X-RAY DIFFRACTION' ? 3.972  4.469  1032 ? r_scbond_it                  ? ? 
'X-RAY DIFFRACTION' ? 3.953  4.460  1030 ? r_scbond_other               ? ? 
'X-RAY DIFFRACTION' ? ?      ?      ?    ? r_scangle_it                 ? ? 
'X-RAY DIFFRACTION' ? 6.459  6.629  1552 ? r_scangle_other              ? ? 
'X-RAY DIFFRACTION' ? 8.865  43.304 1744 ? r_long_range_B_refined       ? ? 
'X-RAY DIFFRACTION' ? 8.865  43.279 1744 ? r_long_range_B_other         ? ? 
'X-RAY DIFFRACTION' ? ?      ?      ?    ? r_rigid_bond_restr           ? ? 
'X-RAY DIFFRACTION' ? ?      ?      ?    ? r_sphericity_free            ? ? 
'X-RAY DIFFRACTION' ? ?      ?      ?    ? r_sphericity_bonded          ? ? 
# 
_refine_ls_shell.pdbx_refine_id                   'X-RAY DIFFRACTION' 
_refine_ls_shell.d_res_high                       2.585 
_refine_ls_shell.d_res_low                        2.652 
_refine_ls_shell.number_reflns_all                ? 
_refine_ls_shell.number_reflns_obs                ? 
_refine_ls_shell.number_reflns_R_free             11 
_refine_ls_shell.number_reflns_R_work             182 
_refine_ls_shell.percent_reflns_obs               28.55 
_refine_ls_shell.percent_reflns_R_free            ? 
_refine_ls_shell.R_factor_all                     ? 
_refine_ls_shell.R_factor_obs                     ? 
_refine_ls_shell.R_factor_R_free                  0.499 
_refine_ls_shell.R_factor_R_free_error            ? 
_refine_ls_shell.R_factor_R_work                  0.494 
_refine_ls_shell.redundancy_reflns_all            ? 
_refine_ls_shell.redundancy_reflns_obs            ? 
_refine_ls_shell.wR_factor_all                    ? 
_refine_ls_shell.wR_factor_obs                    ? 
_refine_ls_shell.wR_factor_R_free                 ? 
_refine_ls_shell.wR_factor_R_work                 ? 
_refine_ls_shell.pdbx_total_number_of_bins_used   20 
_refine_ls_shell.pdbx_phase_error                 ? 
_refine_ls_shell.pdbx_fsc_work                    ? 
_refine_ls_shell.pdbx_fsc_free                    ? 
# 
_struct.entry_id                     5YZZ 
_struct.title                        'AtVAL1 B3 domain in complex with 13bp-DNA' 
_struct.pdbx_model_details           ? 
_struct.pdbx_formula_weight          ? 
_struct.pdbx_formula_weight_method   ? 
_struct.pdbx_model_type_details      ? 
_struct.pdbx_CASP_flag               N 
# 
_struct_keywords.entry_id        5YZZ 
_struct_keywords.text            
'transcriptional factor, Val1, B3 domain, DNA complex, FLC, plant, TRANSCRIPTION, TRANSCRIPTION-DNA complex' 
_struct_keywords.pdbx_keywords   TRANSCRIPTION/DNA 
# 
loop_
_struct_asym.id 
_struct_asym.pdbx_blank_PDB_chainid_flag 
_struct_asym.pdbx_modified 
_struct_asym.entity_id 
_struct_asym.details 
A N N 1 ? 
B N N 2 ? 
C N N 3 ? 
# 
loop_
_struct_conf.conf_type_id 
_struct_conf.id 
_struct_conf.pdbx_PDB_helix_id 
_struct_conf.beg_label_comp_id 
_struct_conf.beg_label_asym_id 
_struct_conf.beg_label_seq_id 
_struct_conf.pdbx_beg_PDB_ins_code 
_struct_conf.end_label_comp_id 
_struct_conf.end_label_asym_id 
_struct_conf.end_label_seq_id 
_struct_conf.pdbx_end_PDB_ins_code 
_struct_conf.beg_auth_comp_id 
_struct_conf.beg_auth_asym_id 
_struct_conf.beg_auth_seq_id 
_struct_conf.end_auth_comp_id 
_struct_conf.end_auth_asym_id 
_struct_conf.end_auth_seq_id 
_struct_conf.pdbx_PDB_helix_class 
_struct_conf.details 
_struct_conf.pdbx_PDB_helix_length 
HELX_P HELX_P1 AA1 SER C 28 ? GLY C 33 ? SER C 300 GLY C 305 1 ? 6 
HELX_P HELX_P2 AA2 PRO C 41 ? PHE C 49 ? PRO C 313 PHE C 321 1 ? 9 
HELX_P HELX_P3 AA3 VAL C 90 ? MET C 97 ? VAL C 362 MET C 369 1 ? 8 
# 
_struct_conf_type.id          HELX_P 
_struct_conf_type.criteria    ? 
_struct_conf_type.reference   ? 
# 
loop_
_struct_conn.id 
_struct_conn.conn_type_id 
_struct_conn.pdbx_leaving_atom_flag 
_struct_conn.pdbx_PDB_id 
_struct_conn.ptnr1_label_asym_id 
_struct_conn.ptnr1_label_comp_id 
_struct_conn.ptnr1_label_seq_id 
_struct_conn.ptnr1_label_atom_id 
_struct_conn.pdbx_ptnr1_label_alt_id 
_struct_conn.pdbx_ptnr1_PDB_ins_code 
_struct_conn.pdbx_ptnr1_standard_comp_id 
_struct_conn.ptnr1_symmetry 
_struct_conn.ptnr2_label_asym_id 
_struct_conn.ptnr2_label_comp_id 
_struct_conn.ptnr2_label_seq_id 
_struct_conn.ptnr2_label_atom_id 
_struct_conn.pdbx_ptnr2_label_alt_id 
_struct_conn.pdbx_ptnr2_PDB_ins_code 
_struct_conn.ptnr1_auth_asym_id 
_struct_conn.ptnr1_auth_comp_id 
_struct_conn.ptnr1_auth_seq_id 
_struct_conn.ptnr2_auth_asym_id 
_struct_conn.ptnr2_auth_comp_id 
_struct_conn.ptnr2_auth_seq_id 
_struct_conn.ptnr2_symmetry 
_struct_conn.pdbx_ptnr3_label_atom_id 
_struct_conn.pdbx_ptnr3_label_seq_id 
_struct_conn.pdbx_ptnr3_label_comp_id 
_struct_conn.pdbx_ptnr3_label_asym_id 
_struct_conn.pdbx_ptnr3_label_alt_id 
_struct_conn.pdbx_ptnr3_PDB_ins_code 
_struct_conn.details 
_struct_conn.pdbx_dist_value 
_struct_conn.pdbx_value_order 
_struct_conn.pdbx_role 
hydrog1  hydrog ? ? A DT 2  N3 ? ? ? 1_555 B DA 13 N1 ? ? A DT 2  B DA 13 1_555 ? ? ? ? ? ? WATSON-CRICK ? ? ? 
hydrog2  hydrog ? ? A DT 2  O4 ? ? ? 1_555 B DA 13 N6 ? ? A DT 2  B DA 13 1_555 ? ? ? ? ? ? WATSON-CRICK ? ? ? 
hydrog3  hydrog ? ? A DT 3  N3 ? ? ? 1_555 B DA 12 N1 ? ? A DT 3  B DA 12 1_555 ? ? ? ? ? ? WATSON-CRICK ? ? ? 
hydrog4  hydrog ? ? A DT 3  O4 ? ? ? 1_555 B DA 12 N6 ? ? A DT 3  B DA 12 1_555 ? ? ? ? ? ? WATSON-CRICK ? ? ? 
hydrog5  hydrog ? ? A DC 4  N3 ? ? ? 1_555 B DG 11 N1 ? ? A DC 4  B DG 11 1_555 ? ? ? ? ? ? WATSON-CRICK ? ? ? 
hydrog6  hydrog ? ? A DC 4  N4 ? ? ? 1_555 B DG 11 O6 ? ? A DC 4  B DG 11 1_555 ? ? ? ? ? ? WATSON-CRICK ? ? ? 
hydrog7  hydrog ? ? A DC 4  O2 ? ? ? 1_555 B DG 11 N2 ? ? A DC 4  B DG 11 1_555 ? ? ? ? ? ? WATSON-CRICK ? ? ? 
hydrog8  hydrog ? ? A DT 5  N3 ? ? ? 1_555 B DA 10 N1 ? ? A DT 5  B DA 10 1_555 ? ? ? ? ? ? WATSON-CRICK ? ? ? 
hydrog9  hydrog ? ? A DT 5  O4 ? ? ? 1_555 B DA 10 N6 ? ? A DT 5  B DA 10 1_555 ? ? ? ? ? ? WATSON-CRICK ? ? ? 
hydrog10 hydrog ? ? A DG 6  N1 ? ? ? 1_555 B DC 9  N3 ? ? A DG 6  B DC 9  1_555 ? ? ? ? ? ? WATSON-CRICK ? ? ? 
hydrog11 hydrog ? ? A DG 6  N2 ? ? ? 1_555 B DC 9  O2 ? ? A DG 6  B DC 9  1_555 ? ? ? ? ? ? WATSON-CRICK ? ? ? 
hydrog12 hydrog ? ? A DG 6  O6 ? ? ? 1_555 B DC 9  N4 ? ? A DG 6  B DC 9  1_555 ? ? ? ? ? ? WATSON-CRICK ? ? ? 
hydrog13 hydrog ? ? A DC 7  N3 ? ? ? 1_555 B DG 8  N1 ? ? A DC 7  B DG 8  1_555 ? ? ? ? ? ? WATSON-CRICK ? ? ? 
hydrog14 hydrog ? ? A DC 7  N4 ? ? ? 1_555 B DG 8  O6 ? ? A DC 7  B DG 8  1_555 ? ? ? ? ? ? WATSON-CRICK ? ? ? 
hydrog15 hydrog ? ? A DC 7  O2 ? ? ? 1_555 B DG 8  N2 ? ? A DC 7  B DG 8  1_555 ? ? ? ? ? ? WATSON-CRICK ? ? ? 
hydrog16 hydrog ? ? A DA 8  N1 ? ? ? 1_555 B DT 7  N3 ? ? A DA 8  B DT 7  1_555 ? ? ? ? ? ? WATSON-CRICK ? ? ? 
hydrog17 hydrog ? ? A DA 8  N6 ? ? ? 1_555 B DT 7  O4 ? ? A DA 8  B DT 7  1_555 ? ? ? ? ? ? WATSON-CRICK ? ? ? 
hydrog18 hydrog ? ? A DT 9  N3 ? ? ? 1_555 B DA 6  N1 ? ? A DT 9  B DA 6  1_555 ? ? ? ? ? ? WATSON-CRICK ? ? ? 
hydrog19 hydrog ? ? A DT 9  O4 ? ? ? 1_555 B DA 6  N6 ? ? A DT 9  B DA 6  1_555 ? ? ? ? ? ? WATSON-CRICK ? ? ? 
hydrog20 hydrog ? ? A DG 10 N1 ? ? ? 1_555 B DC 5  N3 ? ? A DG 10 B DC 5  1_555 ? ? ? ? ? ? WATSON-CRICK ? ? ? 
hydrog21 hydrog ? ? A DG 10 N2 ? ? ? 1_555 B DC 5  O2 ? ? A DG 10 B DC 5  1_555 ? ? ? ? ? ? WATSON-CRICK ? ? ? 
hydrog22 hydrog ? ? A DG 10 O6 ? ? ? 1_555 B DC 5  N4 ? ? A DG 10 B DC 5  1_555 ? ? ? ? ? ? WATSON-CRICK ? ? ? 
hydrog23 hydrog ? ? A DG 11 N1 ? ? ? 1_555 B DC 4  N3 ? ? A DG 11 B DC 4  1_555 ? ? ? ? ? ? WATSON-CRICK ? ? ? 
hydrog24 hydrog ? ? A DG 11 N2 ? ? ? 1_555 B DC 4  O2 ? ? A DG 11 B DC 4  1_555 ? ? ? ? ? ? WATSON-CRICK ? ? ? 
hydrog25 hydrog ? ? A DG 11 O6 ? ? ? 1_555 B DC 4  N4 ? ? A DG 11 B DC 4  1_555 ? ? ? ? ? ? WATSON-CRICK ? ? ? 
hydrog26 hydrog ? ? A DA 12 N1 ? ? ? 1_555 B DT 3  N3 ? ? A DA 12 B DT 3  1_555 ? ? ? ? ? ? WATSON-CRICK ? ? ? 
hydrog27 hydrog ? ? A DA 12 N6 ? ? ? 1_555 B DT 3  O4 ? ? A DA 12 B DT 3  1_555 ? ? ? ? ? ? WATSON-CRICK ? ? ? 
hydrog28 hydrog ? ? A DT 13 N3 ? ? ? 1_555 B DA 2  N1 ? ? A DT 13 B DA 2  1_555 ? ? ? ? ? ? WATSON-CRICK ? ? ? 
hydrog29 hydrog ? ? A DT 13 O4 ? ? ? 1_555 B DA 2  N6 ? ? A DT 13 B DA 2  1_555 ? ? ? ? ? ? WATSON-CRICK ? ? ? 
# 
_struct_conn_type.id          hydrog 
_struct_conn_type.criteria    ? 
_struct_conn_type.reference   ? 
# 
_struct_mon_prot_cis.pdbx_id                1 
_struct_mon_prot_cis.label_comp_id          ASP 
_struct_mon_prot_cis.label_seq_id           111 
_struct_mon_prot_cis.label_asym_id          C 
_struct_mon_prot_cis.label_alt_id           . 
_struct_mon_prot_cis.pdbx_PDB_ins_code      ? 
_struct_mon_prot_cis.auth_comp_id           ASP 
_struct_mon_prot_cis.auth_seq_id            383 
_struct_mon_prot_cis.auth_asym_id           C 
_struct_mon_prot_cis.pdbx_label_comp_id_2   PRO 
_struct_mon_prot_cis.pdbx_label_seq_id_2    112 
_struct_mon_prot_cis.pdbx_label_asym_id_2   C 
_struct_mon_prot_cis.pdbx_PDB_ins_code_2    ? 
_struct_mon_prot_cis.pdbx_auth_comp_id_2    PRO 
_struct_mon_prot_cis.pdbx_auth_seq_id_2     384 
_struct_mon_prot_cis.pdbx_auth_asym_id_2    C 
_struct_mon_prot_cis.pdbx_PDB_model_num     1 
_struct_mon_prot_cis.pdbx_omega_angle       -12.45 
# 
_struct_sheet.id               AA1 
_struct_sheet.type             ? 
_struct_sheet.number_strands   7 
_struct_sheet.details          ? 
# 
loop_
_struct_sheet_order.sheet_id 
_struct_sheet_order.range_id_1 
_struct_sheet_order.range_id_2 
_struct_sheet_order.offset 
_struct_sheet_order.sense 
AA1 1 2 ? anti-parallel 
AA1 2 3 ? anti-parallel 
AA1 3 4 ? parallel      
AA1 4 5 ? anti-parallel 
AA1 5 6 ? anti-parallel 
AA1 6 7 ? anti-parallel 
# 
loop_
_struct_sheet_range.sheet_id 
_struct_sheet_range.id 
_struct_sheet_range.beg_label_comp_id 
_struct_sheet_range.beg_label_asym_id 
_struct_sheet_range.beg_label_seq_id 
_struct_sheet_range.pdbx_beg_PDB_ins_code 
_struct_sheet_range.end_label_comp_id 
_struct_sheet_range.end_label_asym_id 
_struct_sheet_range.end_label_seq_id 
_struct_sheet_range.pdbx_end_PDB_ins_code 
_struct_sheet_range.beg_auth_comp_id 
_struct_sheet_range.beg_auth_asym_id 
_struct_sheet_range.beg_auth_seq_id 
_struct_sheet_range.end_auth_comp_id 
_struct_sheet_range.end_auth_asym_id 
_struct_sheet_range.end_auth_seq_id 
AA1 1 ASN C 18  ? THR C 26  ? ASN C 290 THR C 298 
AA1 2 THR C 104 ? ASP C 111 ? THR C 376 ASP C 383 
AA1 3 LYS C 115 ? ARG C 121 ? LYS C 387 ARG C 393 
AA1 4 ILE C 58  ? ASP C 64  ? ILE C 330 ASP C 336 
AA1 5 GLU C 69  ? ASN C 79  ? GLU C 341 ASN C 351 
AA1 6 SER C 82  ? GLU C 88  ? SER C 354 GLU C 360 
AA1 7 ARG C 37  ? LEU C 40  ? ARG C 309 LEU C 312 
# 
loop_
_pdbx_struct_sheet_hbond.sheet_id 
_pdbx_struct_sheet_hbond.range_id_1 
_pdbx_struct_sheet_hbond.range_id_2 
_pdbx_struct_sheet_hbond.range_1_label_atom_id 
_pdbx_struct_sheet_hbond.range_1_label_comp_id 
_pdbx_struct_sheet_hbond.range_1_label_asym_id 
_pdbx_struct_sheet_hbond.range_1_label_seq_id 
_pdbx_struct_sheet_hbond.range_1_PDB_ins_code 
_pdbx_struct_sheet_hbond.range_1_auth_atom_id 
_pdbx_struct_sheet_hbond.range_1_auth_comp_id 
_pdbx_struct_sheet_hbond.range_1_auth_asym_id 
_pdbx_struct_sheet_hbond.range_1_auth_seq_id 
_pdbx_struct_sheet_hbond.range_2_label_atom_id 
_pdbx_struct_sheet_hbond.range_2_label_comp_id 
_pdbx_struct_sheet_hbond.range_2_label_asym_id 
_pdbx_struct_sheet_hbond.range_2_label_seq_id 
_pdbx_struct_sheet_hbond.range_2_PDB_ins_code 
_pdbx_struct_sheet_hbond.range_2_auth_atom_id 
_pdbx_struct_sheet_hbond.range_2_auth_comp_id 
_pdbx_struct_sheet_hbond.range_2_auth_asym_id 
_pdbx_struct_sheet_hbond.range_2_auth_seq_id 
AA1 1 2 N VAL C 20  ? N VAL C 292 O ARG C 109 ? O ARG C 381 
AA1 2 3 N THR C 104 ? N THR C 376 O ARG C 121 ? O ARG C 393 
AA1 3 4 O LEU C 116 ? O LEU C 388 N GLN C 63  ? N GLN C 335 
AA1 4 5 N ILE C 62  ? N ILE C 334 O TRP C 70  ? O TRP C 342 
AA1 5 6 N ASN C 79  ? N ASN C 351 O SER C 82  ? O SER C 354 
AA1 6 7 O LEU C 87  ? O LEU C 359 N LEU C 38  ? N LEU C 310 
# 
_atom_sites.entry_id                    5YZZ 
_atom_sites.fract_transf_matrix[1][1]   0.01134147 
_atom_sites.fract_transf_matrix[1][2]   0.00111150 
_atom_sites.fract_transf_matrix[1][3]   0.00160301 
_atom_sites.fract_transf_matrix[2][1]   0.00179466 
_atom_sites.fract_transf_matrix[2][2]   -0.00965142 
_atom_sites.fract_transf_matrix[2][3]   -0.00600528 
_atom_sites.fract_transf_matrix[3][1]   0.00044808 
_atom_sites.fract_transf_matrix[3][2]   0.00361590 
_atom_sites.fract_transf_matrix[3][3]   -0.00567741 
_atom_sites.fract_transf_vector[1]      0.785024 
_atom_sites.fract_transf_vector[2]      0.595581 
_atom_sites.fract_transf_vector[3]      0.044026 
# 
loop_
_atom_type.symbol 
C 
N 
O 
P 
S 
# 
loop_
_atom_site.group_PDB 
_atom_site.id 
_atom_site.type_symbol 
_atom_site.label_atom_id 
_atom_site.label_alt_id 
_atom_site.label_comp_id 
_atom_site.label_asym_id 
_atom_site.label_entity_id 
_atom_site.label_seq_id 
_atom_site.pdbx_PDB_ins_code 
_atom_site.Cartn_x 
_atom_site.Cartn_y 
_atom_site.Cartn_z 
_atom_site.occupancy 
_atom_site.B_iso_or_equiv 
_atom_site.pdbx_formal_charge 
_atom_site.auth_seq_id 
_atom_site.auth_comp_id 
_atom_site.auth_asym_id 
_atom_site.auth_atom_id 
_atom_site.pdbx_PDB_model_num 
ATOM 1    O "O5'" . DA  A 1 1   ? -13.489 29.744  -7.829  1.00 61.28  ? 1   DA  A "O5'" 1 
ATOM 2    C "C5'" . DA  A 1 1   ? -13.140 28.379  -8.067  1.00 58.19  ? 1   DA  A "C5'" 1 
ATOM 3    C "C4'" . DA  A 1 1   ? -14.013 27.756  -9.136  1.00 62.16  ? 1   DA  A "C4'" 1 
ATOM 4    O "O4'" . DA  A 1 1   ? -14.075 28.518  -10.373 1.00 60.43  ? 1   DA  A "O4'" 1 
ATOM 5    C "C3'" . DA  A 1 1   ? -13.497 26.377  -9.538  1.00 66.83  ? 1   DA  A "C3'" 1 
ATOM 6    O "O3'" . DA  A 1 1   ? -14.064 25.457  -8.601  1.00 74.76  ? 1   DA  A "O3'" 1 
ATOM 7    C "C2'" . DA  A 1 1   ? -13.744 26.309  -11.044 1.00 56.36  ? 1   DA  A "C2'" 1 
ATOM 8    C "C1'" . DA  A 1 1   ? -13.474 27.754  -11.423 1.00 52.56  ? 1   DA  A "C1'" 1 
ATOM 9    N N9    . DA  A 1 1   ? -12.067 28.192  -11.542 1.00 44.13  ? 1   DA  A N9    1 
ATOM 10   C C8    . DA  A 1 1   ? -11.479 29.263  -10.899 1.00 41.96  ? 1   DA  A C8    1 
ATOM 11   N N7    . DA  A 1 1   ? -10.227 29.465  -11.234 1.00 35.55  ? 1   DA  A N7    1 
ATOM 12   C C5    . DA  A 1 1   ? -9.971  28.468  -12.162 1.00 34.18  ? 1   DA  A C5    1 
ATOM 13   C C6    . DA  A 1 1   ? -8.830  28.158  -12.908 1.00 30.21  ? 1   DA  A C6    1 
ATOM 14   N N6    . DA  A 1 1   ? -7.688  28.832  -12.807 1.00 29.45  ? 1   DA  A N6    1 
ATOM 15   N N1    . DA  A 1 1   ? -8.904  27.121  -13.770 1.00 29.50  ? 1   DA  A N1    1 
ATOM 16   C C2    . DA  A 1 1   ? -10.057 26.432  -13.850 1.00 31.94  ? 1   DA  A C2    1 
ATOM 17   N N3    . DA  A 1 1   ? -11.203 26.624  -13.192 1.00 31.05  ? 1   DA  A N3    1 
ATOM 18   C C4    . DA  A 1 1   ? -11.097 27.679  -12.367 1.00 36.14  ? 1   DA  A C4    1 
ATOM 19   P P     . DT  A 1 2   ? -13.422 24.032  -8.471  1.00 79.70  ? 2   DT  A P     1 
ATOM 20   O OP1   . DT  A 1 2   ? -14.385 23.204  -7.702  1.00 78.60  ? 2   DT  A OP1   1 
ATOM 21   O OP2   . DT  A 1 2   ? -12.034 24.213  -7.948  1.00 58.65  ? 2   DT  A OP2   1 
ATOM 22   O "O5'" . DT  A 1 2   ? -13.350 23.619  -10.018 1.00 72.14  ? 2   DT  A "O5'" 1 
ATOM 23   C "C5'" . DT  A 1 2   ? -13.671 22.329  -10.559 1.00 59.29  ? 2   DT  A "C5'" 1 
ATOM 24   C "C4'" . DT  A 1 2   ? -12.466 21.776  -11.288 1.00 55.04  ? 2   DT  A "C4'" 1 
ATOM 25   O "O4'" . DT  A 1 2   ? -11.697 22.831  -11.914 1.00 51.55  ? 2   DT  A "O4'" 1 
ATOM 26   C "C3'" . DT  A 1 2   ? -11.442 21.058  -10.416 1.00 52.59  ? 2   DT  A "C3'" 1 
ATOM 27   O "O3'" . DT  A 1 2   ? -11.968 19.803  -9.953  1.00 61.99  ? 2   DT  A "O3'" 1 
ATOM 28   C "C2'" . DT  A 1 2   ? -10.223 21.068  -11.323 1.00 45.72  ? 2   DT  A "C2'" 1 
ATOM 29   C "C1'" . DT  A 1 2   ? -10.323 22.419  -12.014 1.00 41.73  ? 2   DT  A "C1'" 1 
ATOM 30   N N1    . DT  A 1 2   ? -9.445  23.523  -11.494 1.00 31.66  ? 2   DT  A N1    1 
ATOM 31   C C2    . DT  A 1 2   ? -8.198  23.676  -12.065 1.00 28.22  ? 2   DT  A C2    1 
ATOM 32   O O2    . DT  A 1 2   ? -7.769  22.943  -12.940 1.00 27.77  ? 2   DT  A O2    1 
ATOM 33   N N3    . DT  A 1 2   ? -7.472  24.735  -11.581 1.00 26.50  ? 2   DT  A N3    1 
ATOM 34   C C4    . DT  A 1 2   ? -7.858  25.630  -10.600 1.00 27.72  ? 2   DT  A C4    1 
ATOM 35   O O4    . DT  A 1 2   ? -7.104  26.537  -10.266 1.00 27.78  ? 2   DT  A O4    1 
ATOM 36   C C5    . DT  A 1 2   ? -9.167  25.408  -10.044 1.00 28.12  ? 2   DT  A C5    1 
ATOM 37   C C7    . DT  A 1 2   ? -9.666  26.341  -8.985  1.00 29.04  ? 2   DT  A C7    1 
ATOM 38   C C6    . DT  A 1 2   ? -9.886  24.377  -10.506 1.00 28.17  ? 2   DT  A C6    1 
ATOM 39   P P     . DT  A 1 3   ? -11.056 18.485  -9.854  1.00 64.10  ? 3   DT  A P     1 
ATOM 40   O OP1   . DT  A 1 3   ? -11.956 17.376  -9.393  1.00 57.87  ? 3   DT  A OP1   1 
ATOM 41   O OP2   . DT  A 1 3   ? -9.850  18.825  -9.047  1.00 56.89  ? 3   DT  A OP2   1 
ATOM 42   O "O5'" . DT  A 1 3   ? -10.569 18.294  -11.364 1.00 52.71  ? 3   DT  A "O5'" 1 
ATOM 43   C "C5'" . DT  A 1 3   ? -9.715  17.218  -11.781 1.00 46.26  ? 3   DT  A "C5'" 1 
ATOM 44   C "C4'" . DT  A 1 3   ? -8.286  17.659  -12.023 1.00 43.31  ? 3   DT  A "C4'" 1 
ATOM 45   O "O4'" . DT  A 1 3   ? -8.016  19.036  -11.696 1.00 45.66  ? 3   DT  A "O4'" 1 
ATOM 46   C "C3'" . DT  A 1 3   ? -7.260  16.867  -11.228 1.00 42.72  ? 3   DT  A "C3'" 1 
ATOM 47   O "O3'" . DT  A 1 3   ? -6.770  15.874  -12.111 1.00 44.43  ? 3   DT  A "O3'" 1 
ATOM 48   C "C2'" . DT  A 1 3   ? -6.167  17.867  -10.878 1.00 42.68  ? 3   DT  A "C2'" 1 
ATOM 49   C "C1'" . DT  A 1 3   ? -6.608  19.164  -11.516 1.00 38.30  ? 3   DT  A "C1'" 1 
ATOM 50   N N1    . DT  A 1 3   ? -6.347  20.385  -10.703 1.00 30.90  ? 3   DT  A N1    1 
ATOM 51   C C2    . DT  A 1 3   ? -5.208  21.098  -10.974 1.00 27.01  ? 3   DT  A C2    1 
ATOM 52   O O2    . DT  A 1 3   ? -4.399  20.757  -11.817 1.00 26.11  ? 3   DT  A O2    1 
ATOM 53   N N3    . DT  A 1 3   ? -5.050  22.238  -10.220 1.00 26.89  ? 3   DT  A N3    1 
ATOM 54   C C4    . DT  A 1 3   ? -5.896  22.710  -9.229  1.00 27.71  ? 3   DT  A C4    1 
ATOM 55   O O4    . DT  A 1 3   ? -5.627  23.751  -8.631  1.00 25.34  ? 3   DT  A O4    1 
ATOM 56   C C5    . DT  A 1 3   ? -7.065  21.900  -8.984  1.00 30.51  ? 3   DT  A C5    1 
ATOM 57   C C7    . DT  A 1 3   ? -8.043  22.335  -7.936  1.00 30.77  ? 3   DT  A C7    1 
ATOM 58   C C6    . DT  A 1 3   ? -7.218  20.782  -9.710  1.00 31.35  ? 3   DT  A C6    1 
ATOM 59   P P     . DC  A 1 4   ? -5.976  14.646  -11.535 1.00 40.64  ? 4   DC  A P     1 
ATOM 60   O OP1   . DC  A 1 4   ? -5.792  13.672  -12.649 1.00 35.67  ? 4   DC  A OP1   1 
ATOM 61   O OP2   . DC  A 1 4   ? -6.677  14.221  -10.276 1.00 36.16  ? 4   DC  A OP2   1 
ATOM 62   O "O5'" . DC  A 1 4   ? -4.535  15.282  -11.291 1.00 35.11  ? 4   DC  A "O5'" 1 
ATOM 63   C "C5'" . DC  A 1 4   ? -3.533  15.145  -12.303 1.00 34.40  ? 4   DC  A "C5'" 1 
ATOM 64   C "C4'" . DC  A 1 4   ? -2.386  16.080  -12.013 1.00 36.79  ? 4   DC  A "C4'" 1 
ATOM 65   O "O4'" . DC  A 1 4   ? -2.859  17.223  -11.295 1.00 37.13  ? 4   DC  A "O4'" 1 
ATOM 66   C "C3'" . DC  A 1 4   ? -1.295  15.504  -11.125 1.00 39.60  ? 4   DC  A "C3'" 1 
ATOM 67   O "O3'" . DC  A 1 4   ? -0.283  14.976  -11.983 1.00 45.97  ? 4   DC  A "O3'" 1 
ATOM 68   C "C2'" . DC  A 1 4   ? -0.841  16.688  -10.273 1.00 37.80  ? 4   DC  A "C2'" 1 
ATOM 69   C "C1'" . DC  A 1 4   ? -1.740  17.826  -10.690 1.00 34.52  ? 4   DC  A "C1'" 1 
ATOM 70   N N1    . DC  A 1 4   ? -2.253  18.688  -9.629  1.00 31.48  ? 4   DC  A N1    1 
ATOM 71   C C2    . DC  A 1 4   ? -1.638  19.923  -9.397  1.00 31.09  ? 4   DC  A C2    1 
ATOM 72   O O2    . DC  A 1 4   ? -0.599  20.200  -10.016 1.00 34.55  ? 4   DC  A O2    1 
ATOM 73   N N3    . DC  A 1 4   ? -2.171  20.769  -8.484  1.00 28.47  ? 4   DC  A N3    1 
ATOM 74   C C4    . DC  A 1 4   ? -3.287  20.429  -7.836  1.00 31.01  ? 4   DC  A C4    1 
ATOM 75   N N4    . DC  A 1 4   ? -3.773  21.281  -6.930  1.00 30.82  ? 4   DC  A N4    1 
ATOM 76   C C5    . DC  A 1 4   ? -3.950  19.187  -8.077  1.00 32.76  ? 4   DC  A C5    1 
ATOM 77   C C6    . DC  A 1 4   ? -3.414  18.364  -8.986  1.00 29.86  ? 4   DC  A C6    1 
ATOM 78   P P     . DT  A 1 5   ? 1.019   14.371  -11.335 1.00 51.11  ? 5   DT  A P     1 
ATOM 79   O OP1   . DT  A 1 5   ? 1.683   13.465  -12.318 1.00 48.88  ? 5   DT  A OP1   1 
ATOM 80   O OP2   . DT  A 1 5   ? 0.619   13.850  -9.996  1.00 52.03  ? 5   DT  A OP2   1 
ATOM 81   O "O5'" . DT  A 1 5   ? 1.956   15.648  -11.250 1.00 44.90  ? 5   DT  A "O5'" 1 
ATOM 82   C "C5'" . DT  A 1 5   ? 3.060   15.639  -10.371 1.00 48.48  ? 5   DT  A "C5'" 1 
ATOM 83   C "C4'" . DT  A 1 5   ? 3.169   16.965  -9.661  1.00 50.91  ? 5   DT  A "C4'" 1 
ATOM 84   O "O4'" . DT  A 1 5   ? 1.947   17.398  -9.037  1.00 46.06  ? 5   DT  A "O4'" 1 
ATOM 85   C "C3'" . DT  A 1 5   ? 4.178   16.926  -8.524  1.00 53.48  ? 5   DT  A "C3'" 1 
ATOM 86   O "O3'" . DT  A 1 5   ? 5.431   16.999  -9.212  1.00 57.33  ? 5   DT  A "O3'" 1 
ATOM 87   C "C2'" . DT  A 1 5   ? 3.717   18.052  -7.603  1.00 48.45  ? 5   DT  A "C2'" 1 
ATOM 88   C "C1'" . DT  A 1 5   ? 2.328   18.417  -8.124  1.00 40.77  ? 5   DT  A "C1'" 1 
ATOM 89   N N1    . DT  A 1 5   ? 1.225   18.616  -7.164  1.00 34.03  ? 5   DT  A N1    1 
ATOM 90   C C2    . DT  A 1 5   ? 1.167   19.829  -6.511  1.00 34.05  ? 5   DT  A C2    1 
ATOM 91   O O2    . DT  A 1 5   ? 2.050   20.672  -6.596  1.00 33.77  ? 5   DT  A O2    1 
ATOM 92   N N3    . DT  A 1 5   ? 0.045   20.010  -5.735  1.00 30.88  ? 5   DT  A N3    1 
ATOM 93   C C4    . DT  A 1 5   ? -0.998  19.122  -5.561  1.00 29.94  ? 5   DT  A C4    1 
ATOM 94   O O4    . DT  A 1 5   ? -1.943  19.420  -4.831  1.00 29.24  ? 5   DT  A O4    1 
ATOM 95   C C5    . DT  A 1 5   ? -0.878  17.879  -6.291  1.00 28.51  ? 5   DT  A C5    1 
ATOM 96   C C7    . DT  A 1 5   ? -1.973  16.870  -6.190  1.00 29.00  ? 5   DT  A C7    1 
ATOM 97   C C6    . DT  A 1 5   ? 0.202   17.701  -7.060  1.00 30.06  ? 5   DT  A C6    1 
ATOM 98   P P     . DG  A 1 6   ? 6.681   16.211  -8.657  1.00 58.56  ? 6   DG  A P     1 
ATOM 99   O OP1   . DG  A 1 6   ? 7.840   16.553  -9.516  1.00 63.36  ? 6   DG  A OP1   1 
ATOM 100  O OP2   . DG  A 1 6   ? 6.292   14.769  -8.480  1.00 53.37  ? 6   DG  A OP2   1 
ATOM 101  O "O5'" . DG  A 1 6   ? 6.978   17.032  -7.327  1.00 51.63  ? 6   DG  A "O5'" 1 
ATOM 102  C "C5'" . DG  A 1 6   ? 7.216   18.460  -7.408  1.00 44.47  ? 6   DG  A "C5'" 1 
ATOM 103  C "C4'" . DG  A 1 6   ? 7.197   19.067  -6.026  1.00 40.30  ? 6   DG  A "C4'" 1 
ATOM 104  O "O4'" . DG  A 1 6   ? 5.833   19.227  -5.566  1.00 35.39  ? 6   DG  A "O4'" 1 
ATOM 105  C "C3'" . DG  A 1 6   ? 7.889   18.190  -4.983  1.00 39.12  ? 6   DG  A "C3'" 1 
ATOM 106  O "O3'" . DG  A 1 6   ? 8.748   18.942  -4.124  1.00 42.03  ? 6   DG  A "O3'" 1 
ATOM 107  C "C2'" . DG  A 1 6   ? 6.731   17.576  -4.222  1.00 35.75  ? 6   DG  A "C2'" 1 
ATOM 108  C "C1'" . DG  A 1 6   ? 5.765   18.729  -4.249  1.00 31.78  ? 6   DG  A "C1'" 1 
ATOM 109  N N9    . DG  A 1 6   ? 4.378   18.407  -3.959  1.00 28.37  ? 6   DG  A N9    1 
ATOM 110  C C8    . DG  A 1 6   ? 3.710   17.222  -4.163  1.00 28.08  ? 6   DG  A C8    1 
ATOM 111  N N7    . DG  A 1 6   ? 2.466   17.264  -3.770  1.00 26.13  ? 6   DG  A N7    1 
ATOM 112  C C5    . DG  A 1 6   ? 2.307   18.550  -3.273  1.00 25.25  ? 6   DG  A C5    1 
ATOM 113  C C6    . DG  A 1 6   ? 1.167   19.192  -2.729  1.00 25.77  ? 6   DG  A C6    1 
ATOM 114  O O6    . DG  A 1 6   ? 0.035   18.730  -2.553  1.00 26.50  ? 6   DG  A O6    1 
ATOM 115  N N1    . DG  A 1 6   ? 1.446   20.500  -2.347  1.00 25.35  ? 6   DG  A N1    1 
ATOM 116  C C2    . DG  A 1 6   ? 2.663   21.118  -2.493  1.00 25.61  ? 6   DG  A C2    1 
ATOM 117  N N2    . DG  A 1 6   ? 2.735   22.381  -2.073  1.00 26.19  ? 6   DG  A N2    1 
ATOM 118  N N3    . DG  A 1 6   ? 3.728   20.540  -3.022  1.00 25.42  ? 6   DG  A N3    1 
ATOM 119  C C4    . DG  A 1 6   ? 3.483   19.263  -3.376  1.00 25.90  ? 6   DG  A C4    1 
ATOM 120  P P     . DC  A 1 7   ? 10.008  18.222  -3.466  1.00 45.00  ? 7   DC  A P     1 
ATOM 121  O OP1   . DC  A 1 7   ? 11.011  19.282  -3.132  1.00 42.80  ? 7   DC  A OP1   1 
ATOM 122  O OP2   . DC  A 1 7   ? 10.388  17.043  -4.316  1.00 40.39  ? 7   DC  A OP2   1 
ATOM 123  O "O5'" . DC  A 1 7   ? 9.379   17.599  -2.150  1.00 41.15  ? 7   DC  A "O5'" 1 
ATOM 124  C "C5'" . DC  A 1 7   ? 9.451   18.313  -0.921  1.00 40.53  ? 7   DC  A "C5'" 1 
ATOM 125  C "C4'" . DC  A 1 7   ? 8.470   19.455  -0.933  1.00 39.04  ? 7   DC  A "C4'" 1 
ATOM 126  O "O4'" . DC  A 1 7   ? 7.170   18.922  -1.246  1.00 39.63  ? 7   DC  A "O4'" 1 
ATOM 127  C "C3'" . DC  A 1 7   ? 8.331   20.101  0.441   1.00 41.35  ? 7   DC  A "C3'" 1 
ATOM 128  O "O3'" . DC  A 1 7   ? 8.787   21.443  0.490   1.00 49.78  ? 7   DC  A "O3'" 1 
ATOM 129  C "C2'" . DC  A 1 7   ? 6.855   20.022  0.767   1.00 39.08  ? 7   DC  A "C2'" 1 
ATOM 130  C "C1'" . DC  A 1 7   ? 6.205   19.676  -0.542  1.00 38.96  ? 7   DC  A "C1'" 1 
ATOM 131  N N1    . DC  A 1 7   ? 5.006   18.846  -0.356  1.00 35.62  ? 7   DC  A N1    1 
ATOM 132  C C2    . DC  A 1 7   ? 3.866   19.434  0.215   1.00 34.46  ? 7   DC  A C2    1 
ATOM 133  O O2    . DC  A 1 7   ? 3.895   20.638  0.515   1.00 34.41  ? 7   DC  A O2    1 
ATOM 134  N N3    . DC  A 1 7   ? 2.762   18.677  0.419   1.00 31.23  ? 7   DC  A N3    1 
ATOM 135  C C4    . DC  A 1 7   ? 2.770   17.387  0.077   1.00 33.95  ? 7   DC  A C4    1 
ATOM 136  N N4    . DC  A 1 7   ? 1.660   16.671  0.291   1.00 32.66  ? 7   DC  A N4    1 
ATOM 137  C C5    . DC  A 1 7   ? 3.922   16.761  -0.488  1.00 35.87  ? 7   DC  A C5    1 
ATOM 138  C C6    . DC  A 1 7   ? 5.009   17.520  -0.682  1.00 34.00  ? 7   DC  A C6    1 
ATOM 139  P P     . DA  A 1 8   ? 9.502   21.951  1.835   1.00 66.22  ? 8   DA  A P     1 
ATOM 140  O OP1   . DA  A 1 8   ? 10.339  23.133  1.500   1.00 71.24  ? 8   DA  A OP1   1 
ATOM 141  O OP2   . DA  A 1 8   ? 10.115  20.780  2.527   1.00 56.41  ? 8   DA  A OP2   1 
ATOM 142  O "O5'" . DA  A 1 8   ? 8.274   22.423  2.722   1.00 56.44  ? 8   DA  A "O5'" 1 
ATOM 143  C "C5'" . DA  A 1 8   ? 7.393   23.425  2.222   1.00 54.34  ? 8   DA  A "C5'" 1 
ATOM 144  C "C4'" . DA  A 1 8   ? 6.447   23.822  3.327   1.00 53.35  ? 8   DA  A "C4'" 1 
ATOM 145  O "O4'" . DA  A 1 8   ? 5.320   22.917  3.372   1.00 49.28  ? 8   DA  A "O4'" 1 
ATOM 146  C "C3'" . DA  A 1 8   ? 7.060   23.819  4.727   1.00 50.67  ? 8   DA  A "C3'" 1 
ATOM 147  O "O3'" . DA  A 1 8   ? 6.705   25.084  5.306   1.00 54.74  ? 8   DA  A "O3'" 1 
ATOM 148  C "C2'" . DA  A 1 8   ? 6.553   22.513  5.328   1.00 47.34  ? 8   DA  A "C2'" 1 
ATOM 149  C "C1'" . DA  A 1 8   ? 5.237   22.239  4.611   1.00 41.21  ? 8   DA  A "C1'" 1 
ATOM 150  N N9    . DA  A 1 8   ? 4.927   20.838  4.311   1.00 33.45  ? 8   DA  A N9    1 
ATOM 151  C C8    . DA  A 1 8   ? 5.768   19.882  3.801   1.00 31.04  ? 8   DA  A C8    1 
ATOM 152  N N7    . DA  A 1 8   ? 5.188   18.726  3.591   1.00 28.84  ? 8   DA  A N7    1 
ATOM 153  C C5    . DA  A 1 8   ? 3.872   18.941  3.965   1.00 27.41  ? 8   DA  A C5    1 
ATOM 154  C C6    . DA  A 1 8   ? 2.743   18.112  3.953   1.00 27.41  ? 8   DA  A C6    1 
ATOM 155  N N6    . DA  A 1 8   ? 2.768   16.839  3.549   1.00 28.44  ? 8   DA  A N6    1 
ATOM 156  N N1    . DA  A 1 8   ? 1.583   18.622  4.418   1.00 26.27  ? 8   DA  A N1    1 
ATOM 157  C C2    . DA  A 1 8   ? 1.562   19.901  4.815   1.00 27.87  ? 8   DA  A C2    1 
ATOM 158  N N3    . DA  A 1 8   ? 2.553   20.790  4.847   1.00 28.37  ? 8   DA  A N3    1 
ATOM 159  C C4    . DA  A 1 8   ? 3.695   20.240  4.403   1.00 29.32  ? 8   DA  A C4    1 
ATOM 160  P P     . DT  A 1 9   ? 6.800   25.348  6.864   1.00 56.96  ? 9   DT  A P     1 
ATOM 161  O OP1   . DT  A 1 9   ? 6.661   26.808  7.049   1.00 59.12  ? 9   DT  A OP1   1 
ATOM 162  O OP2   . DT  A 1 9   ? 7.991   24.620  7.395   1.00 52.27  ? 9   DT  A OP2   1 
ATOM 163  O "O5'" . DT  A 1 9   ? 5.426   24.760  7.404   1.00 50.68  ? 9   DT  A "O5'" 1 
ATOM 164  C "C5'" . DT  A 1 9   ? 4.239   25.146  6.696   1.00 55.20  ? 9   DT  A "C5'" 1 
ATOM 165  C "C4'" . DT  A 1 9   ? 3.001   24.710  7.440   1.00 58.12  ? 9   DT  A "C4'" 1 
ATOM 166  O "O4'" . DT  A 1 9   ? 2.675   23.326  7.162   1.00 58.13  ? 9   DT  A "O4'" 1 
ATOM 167  C "C3'" . DT  A 1 9   ? 3.072   24.834  8.962   1.00 54.89  ? 9   DT  A "C3'" 1 
ATOM 168  O "O3'" . DT  A 1 9   ? 1.793   25.299  9.378   1.00 53.44  ? 9   DT  A "O3'" 1 
ATOM 169  C "C2'" . DT  A 1 9   ? 3.273   23.407  9.431   1.00 52.04  ? 9   DT  A "C2'" 1 
ATOM 170  C "C1'" . DT  A 1 9   ? 2.480   22.633  8.389   1.00 47.64  ? 9   DT  A "C1'" 1 
ATOM 171  N N1    . DT  A 1 9   ? 2.870   21.239  8.162   1.00 36.21  ? 9   DT  A N1    1 
ATOM 172  C C2    . DT  A 1 9   ? 1.861   20.317  8.046   1.00 34.74  ? 9   DT  A C2    1 
ATOM 173  O O2    . DT  A 1 9   ? 0.685   20.598  8.203   1.00 39.07  ? 9   DT  A O2    1 
ATOM 174  N N3    . DT  A 1 9   ? 2.280   19.045  7.761   1.00 32.32  ? 9   DT  A N3    1 
ATOM 175  C C4    . DT  A 1 9   ? 3.579   18.619  7.570   1.00 32.48  ? 9   DT  A C4    1 
ATOM 176  O O4    . DT  A 1 9   ? 3.808   17.443  7.324   1.00 31.09  ? 9   DT  A O4    1 
ATOM 177  C C5    . DT  A 1 9   ? 4.585   19.643  7.690   1.00 32.82  ? 9   DT  A C5    1 
ATOM 178  C C7    . DT  A 1 9   ? 6.023   19.273  7.499   1.00 33.99  ? 9   DT  A C7    1 
ATOM 179  C C6    . DT  A 1 9   ? 4.184   20.891  7.950   1.00 32.62  ? 9   DT  A C6    1 
ATOM 180  P P     . DG  A 1 10  ? 1.623   25.981  10.769  1.00 53.14  ? 10  DG  A P     1 
ATOM 181  O OP1   . DG  A 1 10  ? 0.635   27.095  10.613  1.00 46.36  ? 10  DG  A OP1   1 
ATOM 182  O OP2   . DG  A 1 10  ? 3.000   26.236  11.323  1.00 49.96  ? 10  DG  A OP2   1 
ATOM 183  O "O5'" . DG  A 1 10  ? 0.891   24.833  11.582  1.00 49.43  ? 10  DG  A "O5'" 1 
ATOM 184  C "C5'" . DG  A 1 10  ? -0.389  24.341  11.161  1.00 48.05  ? 10  DG  A "C5'" 1 
ATOM 185  C "C4'" . DG  A 1 10  ? -0.798  23.226  12.089  1.00 47.43  ? 10  DG  A "C4'" 1 
ATOM 186  O "O4'" . DG  A 1 10  ? -0.050  22.039  11.731  1.00 44.82  ? 10  DG  A "O4'" 1 
ATOM 187  C "C3'" . DG  A 1 10  ? -0.451  23.510  13.550  1.00 48.22  ? 10  DG  A "C3'" 1 
ATOM 188  O "O3'" . DG  A 1 10  ? -1.328  22.860  14.465  1.00 53.16  ? 10  DG  A "O3'" 1 
ATOM 189  C "C2'" . DG  A 1 10  ? 0.902   22.847  13.705  1.00 47.19  ? 10  DG  A "C2'" 1 
ATOM 190  C "C1'" . DG  A 1 10  ? 0.687   21.607  12.858  1.00 42.97  ? 10  DG  A "C1'" 1 
ATOM 191  N N9    . DG  A 1 10  ? 1.890   20.936  12.381  1.00 38.92  ? 10  DG  A N9    1 
ATOM 192  C C8    . DG  A 1 10  ? 3.180   21.411  12.348  1.00 36.09  ? 10  DG  A C8    1 
ATOM 193  N N7    . DG  A 1 10  ? 4.031   20.544  11.871  1.00 33.97  ? 10  DG  A N7    1 
ATOM 194  C C5    . DG  A 1 10  ? 3.255   19.433  11.569  1.00 31.64  ? 10  DG  A C5    1 
ATOM 195  C C6    . DG  A 1 10  ? 3.620   18.188  11.010  1.00 31.11  ? 10  DG  A C6    1 
ATOM 196  O O6    . DG  A 1 10  ? 4.738   17.803  10.656  1.00 31.54  ? 10  DG  A O6    1 
ATOM 197  N N1    . DG  A 1 10  ? 2.522   17.345  10.877  1.00 30.83  ? 10  DG  A N1    1 
ATOM 198  C C2    . DG  A 1 10  ? 1.235   17.665  11.237  1.00 31.54  ? 10  DG  A C2    1 
ATOM 199  N N2    . DG  A 1 10  ? 0.309   16.719  11.041  1.00 32.10  ? 10  DG  A N2    1 
ATOM 200  N N3    . DG  A 1 10  ? 0.879   18.834  11.738  1.00 31.07  ? 10  DG  A N3    1 
ATOM 201  C C4    . DG  A 1 10  ? 1.932   19.660  11.882  1.00 33.34  ? 10  DG  A C4    1 
ATOM 202  P P     . DG  A 1 11  ? -2.688  23.526  14.853  1.00 57.21  ? 11  DG  A P     1 
ATOM 203  O OP1   . DG  A 1 11  ? -3.223  24.187  13.629  1.00 58.71  ? 11  DG  A OP1   1 
ATOM 204  O OP2   . DG  A 1 11  ? -2.447  24.333  16.066  1.00 57.00  ? 11  DG  A OP2   1 
ATOM 205  O "O5'" . DG  A 1 11  ? -3.607  22.258  15.147  1.00 51.07  ? 11  DG  A "O5'" 1 
ATOM 206  C "C5'" . DG  A 1 11  ? -3.996  21.447  14.024  1.00 50.85  ? 11  DG  A "C5'" 1 
ATOM 207  C "C4'" . DG  A 1 11  ? -4.309  20.023  14.417  1.00 51.99  ? 11  DG  A "C4'" 1 
ATOM 208  O "O4'" . DG  A 1 11  ? -3.146  19.165  14.318  1.00 56.99  ? 11  DG  A "O4'" 1 
ATOM 209  C "C3'" . DG  A 1 11  ? -4.834  19.801  15.824  1.00 53.51  ? 11  DG  A "C3'" 1 
ATOM 210  O "O3'" . DG  A 1 11  ? -5.618  18.630  15.594  1.00 56.33  ? 11  DG  A "O3'" 1 
ATOM 211  C "C2'" . DG  A 1 11  ? -3.559  19.559  16.618  1.00 54.81  ? 11  DG  A "C2'" 1 
ATOM 212  C "C1'" . DG  A 1 11  ? -2.668  18.809  15.619  1.00 52.33  ? 11  DG  A "C1'" 1 
ATOM 213  N N9    . DG  A 1 11  ? -1.228  19.078  15.647  1.00 46.48  ? 11  DG  A N9    1 
ATOM 214  C C8    . DG  A 1 11  ? -0.592  20.234  16.037  1.00 47.21  ? 11  DG  A C8    1 
ATOM 215  N N7    . DG  A 1 11  ? 0.702   20.184  15.880  1.00 43.33  ? 11  DG  A N7    1 
ATOM 216  C C5    . DG  A 1 11  ? 0.931   18.933  15.328  1.00 42.01  ? 11  DG  A C5    1 
ATOM 217  C C6    . DG  A 1 11  ? 2.146   18.308  14.938  1.00 41.18  ? 11  DG  A C6    1 
ATOM 218  O O6    . DG  A 1 11  ? 3.296   18.745  15.017  1.00 42.70  ? 11  DG  A O6    1 
ATOM 219  N N1    . DG  A 1 11  ? 1.924   17.036  14.427  1.00 37.97  ? 11  DG  A N1    1 
ATOM 220  C C2    . DG  A 1 11  ? 0.696   16.433  14.323  1.00 40.34  ? 11  DG  A C2    1 
ATOM 221  N N2    . DG  A 1 11  ? 0.688   15.199  13.810  1.00 44.64  ? 11  DG  A N2    1 
ATOM 222  N N3    . DG  A 1 11  ? -0.441  17.003  14.683  1.00 40.29  ? 11  DG  A N3    1 
ATOM 223  C C4    . DG  A 1 11  ? -0.251  18.243  15.169  1.00 41.22  ? 11  DG  A C4    1 
ATOM 224  P P     . DA  A 1 12  ? -6.550  18.004  16.720  1.00 69.62  ? 12  DA  A P     1 
ATOM 225  O OP1   . DA  A 1 12  ? -7.819  17.591  16.060  1.00 67.73  ? 12  DA  A OP1   1 
ATOM 226  O OP2   . DA  A 1 12  ? -6.571  18.928  17.893  1.00 66.12  ? 12  DA  A OP2   1 
ATOM 227  O "O5'" . DA  A 1 12  ? -5.788  16.648  17.078  1.00 69.22  ? 12  DA  A "O5'" 1 
ATOM 228  C "C5'" . DA  A 1 12  ? -5.367  15.757  16.016  1.00 63.07  ? 12  DA  A "C5'" 1 
ATOM 229  C "C4'" . DA  A 1 12  ? -4.541  14.609  16.553  1.00 57.60  ? 12  DA  A "C4'" 1 
ATOM 230  O "O4'" . DA  A 1 12  ? -3.125  14.930  16.513  1.00 50.44  ? 12  DA  A "O4'" 1 
ATOM 231  C "C3'" . DA  A 1 12  ? -4.847  14.195  17.995  1.00 54.98  ? 12  DA  A "C3'" 1 
ATOM 232  O "O3'" . DA  A 1 12  ? -4.838  12.760  18.052  1.00 59.21  ? 12  DA  A "O3'" 1 
ATOM 233  C "C2'" . DA  A 1 12  ? -3.722  14.851  18.776  1.00 53.69  ? 12  DA  A "C2'" 1 
ATOM 234  C "C1'" . DA  A 1 12  ? -2.559  14.723  17.800  1.00 49.24  ? 12  DA  A "C1'" 1 
ATOM 235  N N9    . DA  A 1 12  ? -1.461  15.677  17.972  1.00 43.59  ? 12  DA  A N9    1 
ATOM 236  C C8    . DA  A 1 12  ? -1.511  16.996  18.357  1.00 42.90  ? 12  DA  A C8    1 
ATOM 237  N N7    . DA  A 1 12  ? -0.339  17.584  18.379  1.00 38.09  ? 12  DA  A N7    1 
ATOM 238  C C5    . DA  A 1 12  ? 0.540   16.586  17.988  1.00 38.69  ? 12  DA  A C5    1 
ATOM 239  C C6    . DA  A 1 12  ? 1.934   16.569  17.819  1.00 38.52  ? 12  DA  A C6    1 
ATOM 240  N N6    . DA  A 1 12  ? 2.714   17.629  18.027  1.00 38.82  ? 12  DA  A N6    1 
ATOM 241  N N1    . DA  A 1 12  ? 2.507   15.413  17.416  1.00 33.77  ? 12  DA  A N1    1 
ATOM 242  C C2    . DA  A 1 12  ? 1.717   14.354  17.193  1.00 37.79  ? 12  DA  A C2    1 
ATOM 243  N N3    . DA  A 1 12  ? 0.392   14.247  17.320  1.00 37.12  ? 12  DA  A N3    1 
ATOM 244  C C4    . DA  A 1 12  ? -0.139  15.409  17.730  1.00 38.45  ? 12  DA  A C4    1 
ATOM 245  P P     . DT  A 1 13  ? -5.401  11.956  19.329  1.00 65.69  ? 13  DT  A P     1 
ATOM 246  O OP1   . DT  A 1 13  ? -6.072  10.721  18.847  1.00 65.51  ? 13  DT  A OP1   1 
ATOM 247  O OP2   . DT  A 1 13  ? -6.064  12.913  20.273  1.00 64.80  ? 13  DT  A OP2   1 
ATOM 248  O "O5'" . DT  A 1 13  ? -4.096  11.332  19.976  1.00 62.12  ? 13  DT  A "O5'" 1 
ATOM 249  C "C5'" . DT  A 1 13  ? -3.152  10.616  19.164  1.00 56.68  ? 13  DT  A "C5'" 1 
ATOM 250  C "C4'" . DT  A 1 13  ? -1.804  10.687  19.837  1.00 52.92  ? 13  DT  A "C4'" 1 
ATOM 251  O "O4'" . DT  A 1 13  ? -1.235  12.011  19.740  1.00 48.78  ? 13  DT  A "O4'" 1 
ATOM 252  C "C3'" . DT  A 1 13  ? -1.872  10.405  21.335  1.00 50.12  ? 13  DT  A "C3'" 1 
ATOM 253  O "O3'" . DT  A 1 13  ? -1.706  8.998   21.519  1.00 49.85  ? 13  DT  A "O3'" 1 
ATOM 254  C "C2'" . DT  A 1 13  ? -0.812  11.327  21.927  1.00 46.78  ? 13  DT  A "C2'" 1 
ATOM 255  C "C1'" . DT  A 1 13  ? -0.232  12.056  20.725  1.00 43.47  ? 13  DT  A "C1'" 1 
ATOM 256  N N1    . DT  A 1 13  ? 0.140   13.465  20.939  1.00 38.73  ? 13  DT  A N1    1 
ATOM 257  C C2    . DT  A 1 13  ? 1.459   13.818  20.749  1.00 37.91  ? 13  DT  A C2    1 
ATOM 258  O O2    . DT  A 1 13  ? 2.323   13.022  20.426  1.00 37.71  ? 13  DT  A O2    1 
ATOM 259  N N3    . DT  A 1 13  ? 1.734   15.140  20.967  1.00 36.44  ? 13  DT  A N3    1 
ATOM 260  C C4    . DT  A 1 13  ? 0.844   16.128  21.331  1.00 35.64  ? 13  DT  A C4    1 
ATOM 261  O O4    . DT  A 1 13  ? 1.239   17.277  21.482  1.00 33.67  ? 13  DT  A O4    1 
ATOM 262  C C5    . DT  A 1 13  ? -0.523  15.694  21.497  1.00 36.31  ? 13  DT  A C5    1 
ATOM 263  C C7    . DT  A 1 13  ? -1.562  16.700  21.881  1.00 36.66  ? 13  DT  A C7    1 
ATOM 264  C C6    . DT  A 1 13  ? -0.803  14.399  21.299  1.00 36.46  ? 13  DT  A C6    1 
ATOM 265  O "O5'" . DT  B 2 1   ? 10.963  23.455  23.768  1.00 44.05  ? 1   DT  B "O5'" 1 
ATOM 266  C "C5'" . DT  B 2 1   ? 11.325  22.373  22.908  1.00 42.62  ? 1   DT  B "C5'" 1 
ATOM 267  C "C4'" . DT  B 2 1   ? 11.562  21.113  23.708  1.00 42.07  ? 1   DT  B "C4'" 1 
ATOM 268  O "O4'" . DT  B 2 1   ? 10.550  20.908  24.713  1.00 38.85  ? 1   DT  B "O4'" 1 
ATOM 269  C "C3'" . DT  B 2 1   ? 11.494  19.860  22.855  1.00 43.70  ? 1   DT  B "C3'" 1 
ATOM 270  O "O3'" . DT  B 2 1   ? 12.730  19.797  22.156  1.00 50.32  ? 1   DT  B "O3'" 1 
ATOM 271  C "C2'" . DT  B 2 1   ? 11.148  18.787  23.864  1.00 37.28  ? 1   DT  B "C2'" 1 
ATOM 272  C "C1'" . DT  B 2 1   ? 10.166  19.532  24.742  1.00 35.84  ? 1   DT  B "C1'" 1 
ATOM 273  N N1    . DT  B 2 1   ? 8.729   19.451  24.393  1.00 34.02  ? 1   DT  B N1    1 
ATOM 274  C C2    . DT  B 2 1   ? 8.125   18.218  24.469  1.00 33.46  ? 1   DT  B C2    1 
ATOM 275  O O2    . DT  B 2 1   ? 8.737   17.192  24.698  1.00 37.35  ? 1   DT  B O2    1 
ATOM 276  N N3    . DT  B 2 1   ? 6.773   18.224  24.235  1.00 34.17  ? 1   DT  B N3    1 
ATOM 277  C C4    . DT  B 2 1   ? 5.978   19.321  23.959  1.00 37.37  ? 1   DT  B C4    1 
ATOM 278  O O4    . DT  B 2 1   ? 4.775   19.170  23.752  1.00 36.44  ? 1   DT  B O4    1 
ATOM 279  C C5    . DT  B 2 1   ? 6.671   20.592  23.927  1.00 37.00  ? 1   DT  B C5    1 
ATOM 280  C C7    . DT  B 2 1   ? 5.890   21.838  23.646  1.00 35.12  ? 1   DT  B C7    1 
ATOM 281  C C6    . DT  B 2 1   ? 7.994   20.594  24.153  1.00 35.32  ? 1   DT  B C6    1 
ATOM 282  P P     . DA  B 2 2   ? 12.691  19.734  20.595  1.00 53.40  ? 2   DA  B P     1 
ATOM 283  O OP1   . DA  B 2 2   ? 14.103  19.705  20.120  1.00 52.71  ? 2   DA  B OP1   1 
ATOM 284  O OP2   . DA  B 2 2   ? 11.772  20.815  20.131  1.00 47.19  ? 2   DA  B OP2   1 
ATOM 285  O "O5'" . DA  B 2 2   ? 12.063  18.289  20.375  1.00 40.83  ? 2   DA  B "O5'" 1 
ATOM 286  C "C5'" . DA  B 2 2   ? 12.821  17.152  20.805  1.00 38.59  ? 2   DA  B "C5'" 1 
ATOM 287  C "C4'" . DA  B 2 2   ? 11.936  15.937  20.724  1.00 41.36  ? 2   DA  B "C4'" 1 
ATOM 288  O "O4'" . DA  B 2 2   ? 10.717  16.282  21.389  1.00 39.81  ? 2   DA  B "O4'" 1 
ATOM 289  C "C3'" . DA  B 2 2   ? 11.502  15.569  19.307  1.00 45.34  ? 2   DA  B "C3'" 1 
ATOM 290  O "O3'" . DA  B 2 2   ? 12.266  14.523  18.698  1.00 49.03  ? 2   DA  B "O3'" 1 
ATOM 291  C "C2'" . DA  B 2 2   ? 10.098  15.021  19.485  1.00 41.99  ? 2   DA  B "C2'" 1 
ATOM 292  C "C1'" . DA  B 2 2   ? 9.652   15.535  20.832  1.00 37.11  ? 2   DA  B "C1'" 1 
ATOM 293  N N9    . DA  B 2 2   ? 8.481   16.395  20.790  1.00 32.17  ? 2   DA  B N9    1 
ATOM 294  C C8    . DA  B 2 2   ? 8.379   17.760  20.904  1.00 30.56  ? 2   DA  B C8    1 
ATOM 295  N N7    . DA  B 2 2   ? 7.142   18.200  20.890  1.00 28.07  ? 2   DA  B N7    1 
ATOM 296  C C5    . DA  B 2 2   ? 6.384   17.048  20.751  1.00 27.39  ? 2   DA  B C5    1 
ATOM 297  C C6    . DA  B 2 2   ? 5.005   16.836  20.682  1.00 27.77  ? 2   DA  B C6    1 
ATOM 298  N N6    . DA  B 2 2   ? 4.108   17.820  20.729  1.00 28.17  ? 2   DA  B N6    1 
ATOM 299  N N1    . DA  B 2 2   ? 4.568   15.563  20.551  1.00 28.52  ? 2   DA  B N1    1 
ATOM 300  C C2    . DA  B 2 2   ? 5.475   14.576  20.495  1.00 28.69  ? 2   DA  B C2    1 
ATOM 301  N N3    . DA  B 2 2   ? 6.801   14.650  20.565  1.00 28.05  ? 2   DA  B N3    1 
ATOM 302  C C4    . DA  B 2 2   ? 7.194   15.929  20.695  1.00 29.32  ? 2   DA  B C4    1 
ATOM 303  P P     . DT  B 2 3   ? 12.285  14.407  17.124  1.00 48.75  ? 3   DT  B P     1 
ATOM 304  O OP1   . DT  B 2 3   ? 13.521  13.654  16.746  1.00 46.76  ? 3   DT  B OP1   1 
ATOM 305  O OP2   . DT  B 2 3   ? 12.019  15.771  16.571  1.00 43.90  ? 3   DT  B OP2   1 
ATOM 306  O "O5'" . DT  B 2 3   ? 11.021  13.489  16.828  1.00 42.05  ? 3   DT  B "O5'" 1 
ATOM 307  C "C5'" . DT  B 2 3   ? 10.956  12.168  17.370  1.00 38.53  ? 3   DT  B "C5'" 1 
ATOM 308  C "C4'" . DT  B 2 3   ? 9.642   11.542  16.974  1.00 39.08  ? 3   DT  B "C4'" 1 
ATOM 309  O "O4'" . DT  B 2 3   ? 8.533   12.334  17.460  1.00 35.38  ? 3   DT  B "O4'" 1 
ATOM 310  C "C3'" . DT  B 2 3   ? 9.415   11.387  15.467  1.00 39.49  ? 3   DT  B "C3'" 1 
ATOM 311  O "O3'" . DT  B 2 3   ? 8.804   10.095  15.324  1.00 47.15  ? 3   DT  B "O3'" 1 
ATOM 312  C "C2'" . DT  B 2 3   ? 8.486   12.538  15.131  1.00 35.13  ? 3   DT  B "C2'" 1 
ATOM 313  C "C1'" . DT  B 2 3   ? 7.654   12.651  16.402  1.00 30.61  ? 3   DT  B "C1'" 1 
ATOM 314  N N1    . DT  B 2 3   ? 7.073   13.984  16.689  1.00 24.72  ? 3   DT  B N1    1 
ATOM 315  C C2    . DT  B 2 3   ? 5.724   14.084  16.972  1.00 22.42  ? 3   DT  B C2    1 
ATOM 316  O O2    . DT  B 2 3   ? 4.965   13.128  16.966  1.00 20.68  ? 3   DT  B O2    1 
ATOM 317  N N3    . DT  B 2 3   ? 5.288   15.356  17.241  1.00 21.56  ? 3   DT  B N3    1 
ATOM 318  C C4    . DT  B 2 3   ? 6.046   16.510  17.259  1.00 21.47  ? 3   DT  B C4    1 
ATOM 319  O O4    . DT  B 2 3   ? 5.506   17.589  17.482  1.00 21.28  ? 3   DT  B O4    1 
ATOM 320  C C5    . DT  B 2 3   ? 7.451   16.332  16.952  1.00 21.73  ? 3   DT  B C5    1 
ATOM 321  C C7    . DT  B 2 3   ? 8.348   17.531  16.929  1.00 21.89  ? 3   DT  B C7    1 
ATOM 322  C C6    . DT  B 2 3   ? 7.889   15.093  16.700  1.00 22.14  ? 3   DT  B C6    1 
ATOM 323  P P     . DC  B 2 4   ? 8.754   9.337   13.913  1.00 46.18  ? 4   DC  B P     1 
ATOM 324  O OP1   . DC  B 2 4   ? 8.409   7.901   14.171  1.00 40.54  ? 4   DC  B OP1   1 
ATOM 325  O OP2   . DC  B 2 4   ? 9.972   9.705   13.135  1.00 40.44  ? 4   DC  B OP2   1 
ATOM 326  O "O5'" . DC  B 2 4   ? 7.441   9.961   13.271  1.00 44.93  ? 4   DC  B "O5'" 1 
ATOM 327  C "C5'" . DC  B 2 4   ? 6.132   9.679   13.835  1.00 43.06  ? 4   DC  B "C5'" 1 
ATOM 328  C "C4'" . DC  B 2 4   ? 5.052   10.222  12.929  1.00 40.47  ? 4   DC  B "C4'" 1 
ATOM 329  O "O4'" . DC  B 2 4   ? 4.690   11.567  13.349  1.00 35.42  ? 4   DC  B "O4'" 1 
ATOM 330  C "C3'" . DC  B 2 4   ? 5.530   10.359  11.482  1.00 39.64  ? 4   DC  B "C3'" 1 
ATOM 331  O "O3'" . DC  B 2 4   ? 4.458   10.099  10.564  1.00 38.30  ? 4   DC  B "O3'" 1 
ATOM 332  C "C2'" . DC  B 2 4   ? 6.071   11.775  11.463  1.00 36.67  ? 4   DC  B "C2'" 1 
ATOM 333  C "C1'" . DC  B 2 4   ? 4.986   12.447  12.284  1.00 32.44  ? 4   DC  B "C1'" 1 
ATOM 334  N N1    . DC  B 2 4   ? 5.244   13.781  12.824  1.00 27.49  ? 4   DC  B N1    1 
ATOM 335  C C2    . DC  B 2 4   ? 4.159   14.482  13.352  1.00 26.52  ? 4   DC  B C2    1 
ATOM 336  O O2    . DC  B 2 4   ? 3.071   13.901  13.457  1.00 26.62  ? 4   DC  B O2    1 
ATOM 337  N N3    . DC  B 2 4   ? 4.334   15.757  13.780  1.00 25.33  ? 4   DC  B N3    1 
ATOM 338  C C4    . DC  B 2 4   ? 5.534   16.337  13.668  1.00 26.82  ? 4   DC  B C4    1 
ATOM 339  N N4    . DC  B 2 4   ? 5.667   17.591  14.100  1.00 25.47  ? 4   DC  B N4    1 
ATOM 340  C C5    . DC  B 2 4   ? 6.654   15.652  13.105  1.00 27.94  ? 4   DC  B C5    1 
ATOM 341  C C6    . DC  B 2 4   ? 6.462   14.389  12.691  1.00 27.54  ? 4   DC  B C6    1 
ATOM 342  P P     . DC  B 2 5   ? 4.438   8.732   9.780   1.00 36.37  ? 5   DC  B P     1 
ATOM 343  O OP1   . DC  B 2 5   ? 4.424   7.628   10.776  1.00 38.94  ? 5   DC  B OP1   1 
ATOM 344  O OP2   . DC  B 2 5   ? 5.510   8.789   8.737   1.00 34.27  ? 5   DC  B OP2   1 
ATOM 345  O "O5'" . DC  B 2 5   ? 2.928   8.639   9.292   1.00 36.85  ? 5   DC  B "O5'" 1 
ATOM 346  C "C5'" . DC  B 2 5   ? 1.851   8.371   10.231  1.00 35.40  ? 5   DC  B "C5'" 1 
ATOM 347  C "C4'" . DC  B 2 5   ? 0.823   9.477   10.145  1.00 33.57  ? 5   DC  B "C4'" 1 
ATOM 348  O "O4'" . DC  B 2 5   ? 1.454   10.761  10.398  1.00 33.93  ? 5   DC  B "O4'" 1 
ATOM 349  C "C3'" . DC  B 2 5   ? 0.156   9.620   8.780   1.00 30.12  ? 5   DC  B "C3'" 1 
ATOM 350  O "O3'" . DC  B 2 5   ? -1.175  10.072  8.948   1.00 28.65  ? 5   DC  B "O3'" 1 
ATOM 351  C "C2'" . DC  B 2 5   ? 0.910   10.766  8.139   1.00 28.99  ? 5   DC  B "C2'" 1 
ATOM 352  C "C1'" . DC  B 2 5   ? 1.130   11.655  9.344   1.00 28.88  ? 5   DC  B "C1'" 1 
ATOM 353  N N1    . DC  B 2 5   ? 2.206   12.651  9.258   1.00 25.81  ? 5   DC  B N1    1 
ATOM 354  C C2    . DC  B 2 5   ? 2.011   13.905  9.848   1.00 24.96  ? 5   DC  B C2    1 
ATOM 355  O O2    . DC  B 2 5   ? 0.923   14.149  10.389  1.00 24.44  ? 5   DC  B O2    1 
ATOM 356  N N3    . DC  B 2 5   ? 3.010   14.815  9.814   1.00 23.53  ? 5   DC  B N3    1 
ATOM 357  C C4    . DC  B 2 5   ? 4.162   14.514  9.209   1.00 24.14  ? 5   DC  B C4    1 
ATOM 358  N N4    . DC  B 2 5   ? 5.116   15.441  9.181   1.00 25.19  ? 5   DC  B N4    1 
ATOM 359  C C5    . DC  B 2 5   ? 4.382   13.250  8.595   1.00 24.92  ? 5   DC  B C5    1 
ATOM 360  C C6    . DC  B 2 5   ? 3.398   12.347  8.666   1.00 25.51  ? 5   DC  B C6    1 
ATOM 361  P P     . DA  B 2 6   ? -2.321  9.390   8.147   1.00 28.60  ? 6   DA  B P     1 
ATOM 362  O OP1   . DA  B 2 6   ? -2.849  8.275   8.968   1.00 28.91  ? 6   DA  B OP1   1 
ATOM 363  O OP2   . DA  B 2 6   ? -1.842  9.138   6.780   1.00 31.37  ? 6   DA  B OP2   1 
ATOM 364  O "O5'" . DA  B 2 6   ? -3.391  10.556  8.004   1.00 28.96  ? 6   DA  B "O5'" 1 
ATOM 365  C "C5'" . DA  B 2 6   ? -4.242  10.881  9.104   1.00 27.87  ? 6   DA  B "C5'" 1 
ATOM 366  C "C4'" . DA  B 2 6   ? -4.729  12.299  8.954   1.00 29.09  ? 6   DA  B "C4'" 1 
ATOM 367  O "O4'" . DA  B 2 6   ? -3.592  13.185  8.953   1.00 29.27  ? 6   DA  B "O4'" 1 
ATOM 368  C "C3'" . DA  B 2 6   ? -5.497  12.575  7.658   1.00 30.38  ? 6   DA  B "C3'" 1 
ATOM 369  O "O3'" . DA  B 2 6   ? -6.691  13.320  7.927   1.00 32.41  ? 6   DA  B "O3'" 1 
ATOM 370  C "C2'" . DA  B 2 6   ? -4.493  13.289  6.778   1.00 29.46  ? 6   DA  B "C2'" 1 
ATOM 371  C "C1'" . DA  B 2 6   ? -3.602  13.992  7.788   1.00 30.14  ? 6   DA  B "C1'" 1 
ATOM 372  N N9    . DA  B 2 6   ? -2.221  14.129  7.352   1.00 29.89  ? 6   DA  B N9    1 
ATOM 373  C C8    . DA  B 2 6   ? -1.450  13.183  6.728   1.00 30.53  ? 6   DA  B C8    1 
ATOM 374  N N7    . DA  B 2 6   ? -0.232  13.585  6.467   1.00 29.76  ? 6   DA  B N7    1 
ATOM 375  C C5    . DA  B 2 6   ? -0.190  14.869  6.983   1.00 28.17  ? 6   DA  B C5    1 
ATOM 376  C C6    . DA  B 2 6   ? 0.831   15.811  7.051   1.00 29.75  ? 6   DA  B C6    1 
ATOM 377  N N6    . DA  B 2 6   ? 2.055   15.593  6.570   1.00 31.17  ? 6   DA  B N6    1 
ATOM 378  N N1    . DA  B 2 6   ? 0.549   17.008  7.610   1.00 29.65  ? 6   DA  B N1    1 
ATOM 379  C C2    . DA  B 2 6   ? -0.685  17.211  8.094   1.00 30.48  ? 6   DA  B C2    1 
ATOM 380  N N3    . DA  B 2 6   ? -1.726  16.383  8.115   1.00 29.08  ? 6   DA  B N3    1 
ATOM 381  C C4    . DA  B 2 6   ? -1.406  15.214  7.538   1.00 28.17  ? 6   DA  B C4    1 
ATOM 382  P P     . DT  B 2 7   ? -7.651  13.752  6.738   1.00 33.22  ? 7   DT  B P     1 
ATOM 383  O OP1   . DT  B 2 7   ? -9.026  13.768  7.287   1.00 33.72  ? 7   DT  B OP1   1 
ATOM 384  O OP2   . DT  B 2 7   ? -7.339  12.927  5.541   1.00 30.28  ? 7   DT  B OP2   1 
ATOM 385  O "O5'" . DT  B 2 7   ? -7.133  15.217  6.410   1.00 29.99  ? 7   DT  B "O5'" 1 
ATOM 386  C "C5'" . DT  B 2 7   ? -6.742  16.081  7.482   1.00 31.30  ? 7   DT  B "C5'" 1 
ATOM 387  C "C4'" . DT  B 2 7   ? -6.044  17.308  6.944   1.00 32.91  ? 7   DT  B "C4'" 1 
ATOM 388  O "O4'" . DT  B 2 7   ? -4.632  17.087  6.649   1.00 31.59  ? 7   DT  B "O4'" 1 
ATOM 389  C "C3'" . DT  B 2 7   ? -6.663  17.882  5.666   1.00 33.99  ? 7   DT  B "C3'" 1 
ATOM 390  O "O3'" . DT  B 2 7   ? -6.899  19.263  5.968   1.00 37.31  ? 7   DT  B "O3'" 1 
ATOM 391  C "C2'" . DT  B 2 7   ? -5.608  17.583  4.611   1.00 33.09  ? 7   DT  B "C2'" 1 
ATOM 392  C "C1'" . DT  B 2 7   ? -4.343  17.732  5.422   1.00 30.53  ? 7   DT  B "C1'" 1 
ATOM 393  N N1    . DT  B 2 7   ? -3.125  17.130  4.854   1.00 29.12  ? 7   DT  B N1    1 
ATOM 394  C C2    . DT  B 2 7   ? -1.984  17.895  4.813   1.00 29.10  ? 7   DT  B C2    1 
ATOM 395  O O2    . DT  B 2 7   ? -1.935  19.038  5.225   1.00 32.38  ? 7   DT  B O2    1 
ATOM 396  N N3    . DT  B 2 7   ? -0.894  17.272  4.267   1.00 27.51  ? 7   DT  B N3    1 
ATOM 397  C C4    . DT  B 2 7   ? -0.831  15.988  3.774   1.00 28.21  ? 7   DT  B C4    1 
ATOM 398  O O4    . DT  B 2 7   ? 0.234   15.556  3.330   1.00 28.86  ? 7   DT  B O4    1 
ATOM 399  C C5    . DT  B 2 7   ? -2.074  15.246  3.830   1.00 27.07  ? 7   DT  B C5    1 
ATOM 400  C C7    . DT  B 2 7   ? -2.106  13.842  3.320   1.00 27.40  ? 7   DT  B C7    1 
ATOM 401  C C6    . DT  B 2 7   ? -3.142  15.846  4.361   1.00 27.38  ? 7   DT  B C6    1 
ATOM 402  P P     . DG  B 2 8   ? -7.531  20.281  4.910   1.00 39.58  ? 8   DG  B P     1 
ATOM 403  O OP1   . DG  B 2 8   ? -8.707  20.928  5.572   1.00 42.12  ? 8   DG  B OP1   1 
ATOM 404  O OP2   . DG  B 2 8   ? -7.645  19.606  3.579   1.00 35.82  ? 8   DG  B OP2   1 
ATOM 405  O "O5'" . DG  B 2 8   ? -6.422  21.406  4.795   1.00 38.36  ? 8   DG  B "O5'" 1 
ATOM 406  C "C5'" . DG  B 2 8   ? -5.914  22.055  5.973   1.00 39.32  ? 8   DG  B "C5'" 1 
ATOM 407  C "C4'" . DG  B 2 8   ? -4.697  22.852  5.575   1.00 40.49  ? 8   DG  B "C4'" 1 
ATOM 408  O "O4'" . DG  B 2 8   ? -3.690  21.965  5.043   1.00 36.65  ? 8   DG  B "O4'" 1 
ATOM 409  C "C3'" . DG  B 2 8   ? -4.958  23.889  4.480   1.00 43.29  ? 8   DG  B "C3'" 1 
ATOM 410  O "O3'" . DG  B 2 8   ? -4.263  25.072  4.870   1.00 52.40  ? 8   DG  B "O3'" 1 
ATOM 411  C "C2'" . DG  B 2 8   ? -4.409  23.242  3.219   1.00 37.06  ? 8   DG  B "C2'" 1 
ATOM 412  C "C1'" . DG  B 2 8   ? -3.274  22.396  3.758   1.00 34.02  ? 8   DG  B "C1'" 1 
ATOM 413  N N9    . DG  B 2 8   ? -2.975  21.204  2.978   1.00 30.84  ? 8   DG  B N9    1 
ATOM 414  C C8    . DG  B 2 8   ? -3.829  20.161  2.721   1.00 29.53  ? 8   DG  B C8    1 
ATOM 415  N N7    . DG  B 2 8   ? -3.272  19.201  2.037   1.00 28.57  ? 8   DG  B N7    1 
ATOM 416  C C5    . DG  B 2 8   ? -1.962  19.620  1.863   1.00 28.45  ? 8   DG  B C5    1 
ATOM 417  C C6    . DG  B 2 8   ? -0.881  18.991  1.195   1.00 29.58  ? 8   DG  B C6    1 
ATOM 418  O O6    . DG  B 2 8   ? -0.872  17.909  0.594   1.00 31.17  ? 8   DG  B O6    1 
ATOM 419  N N1    . DG  B 2 8   ? 0.275   19.763  1.255   1.00 27.28  ? 8   DG  B N1    1 
ATOM 420  C C2    . DG  B 2 8   ? 0.378   20.977  1.883   1.00 28.25  ? 8   DG  B C2    1 
ATOM 421  N N2    . DG  B 2 8   ? 1.584   21.556  1.840   1.00 28.94  ? 8   DG  B N2    1 
ATOM 422  N N3    . DG  B 2 8   ? -0.625  21.575  2.512   1.00 26.73  ? 8   DG  B N3    1 
ATOM 423  C C4    . DG  B 2 8   ? -1.761  20.850  2.448   1.00 28.03  ? 8   DG  B C4    1 
ATOM 424  P P     . DC  B 2 9   ? -4.661  26.485  4.280   1.00 61.92  ? 9   DC  B P     1 
ATOM 425  O OP1   . DC  B 2 9   ? -4.159  27.497  5.251   1.00 57.87  ? 9   DC  B OP1   1 
ATOM 426  O OP2   . DC  B 2 9   ? -6.125  26.439  3.889   1.00 49.42  ? 9   DC  B OP2   1 
ATOM 427  O "O5'" . DC  B 2 9   ? -3.642  26.632  3.058   1.00 59.13  ? 9   DC  B "O5'" 1 
ATOM 428  C "C5'" . DC  B 2 9   ? -2.201  26.476  3.243   1.00 56.69  ? 9   DC  B "C5'" 1 
ATOM 429  C "C4'" . DC  B 2 9   ? -1.485  26.580  1.916   1.00 56.13  ? 9   DC  B "C4'" 1 
ATOM 430  O "O4'" . DC  B 2 9   ? -1.114  25.259  1.413   1.00 53.99  ? 9   DC  B "O4'" 1 
ATOM 431  C "C3'" . DC  B 2 9   ? -2.358  27.206  0.824   1.00 58.75  ? 9   DC  B "C3'" 1 
ATOM 432  O "O3'" . DC  B 2 9   ? -1.619  27.938  -0.157  1.00 68.35  ? 9   DC  B "O3'" 1 
ATOM 433  C "C2'" . DC  B 2 9   ? -2.887  25.990  0.099   1.00 53.62  ? 9   DC  B "C2'" 1 
ATOM 434  C "C1'" . DC  B 2 9   ? -1.622  25.155  0.089   1.00 49.20  ? 9   DC  B "C1'" 1 
ATOM 435  N N1    . DC  B 2 9   ? -1.778  23.727  -0.290  1.00 43.01  ? 9   DC  B N1    1 
ATOM 436  C C2    . DC  B 2 9   ? -0.694  23.075  -0.894  1.00 40.44  ? 9   DC  B C2    1 
ATOM 437  O O2    . DC  B 2 9   ? 0.392   23.660  -0.964  1.00 41.71  ? 9   DC  B O2    1 
ATOM 438  N N3    . DC  B 2 9   ? -0.849  21.808  -1.346  1.00 34.88  ? 9   DC  B N3    1 
ATOM 439  C C4    . DC  B 2 9   ? -2.038  21.211  -1.248  1.00 35.44  ? 9   DC  B C4    1 
ATOM 440  N N4    . DC  B 2 9   ? -2.150  19.964  -1.699  1.00 32.90  ? 9   DC  B N4    1 
ATOM 441  C C5    . DC  B 2 9   ? -3.164  21.863  -0.664  1.00 36.54  ? 9   DC  B C5    1 
ATOM 442  C C6    . DC  B 2 9   ? -3.001  23.118  -0.231  1.00 37.56  ? 9   DC  B C6    1 
ATOM 443  P P     . DA  B 2 10  ? -1.436  29.535  -0.075  1.00 65.02  ? 10  DA  B P     1 
ATOM 444  O OP1   . DA  B 2 10  ? -2.218  30.051  1.081   1.00 60.46  ? 10  DA  B OP1   1 
ATOM 445  O OP2   . DA  B 2 10  ? -1.716  30.071  -1.438  1.00 55.54  ? 10  DA  B OP2   1 
ATOM 446  O "O5'" . DA  B 2 10  ? 0.115   29.630  0.273   1.00 57.80  ? 10  DA  B "O5'" 1 
ATOM 447  C "C5'" . DA  B 2 10  ? 1.068   30.118  -0.680  1.00 61.91  ? 10  DA  B "C5'" 1 
ATOM 448  C "C4'" . DA  B 2 10  ? 1.321   29.193  -1.859  1.00 61.28  ? 10  DA  B "C4'" 1 
ATOM 449  O "O4'" . DA  B 2 10  ? 0.547   27.971  -1.925  1.00 59.64  ? 10  DA  B "O4'" 1 
ATOM 450  C "C3'" . DA  B 2 10  ? 1.153   29.853  -3.234  1.00 66.20  ? 10  DA  B "C3'" 1 
ATOM 451  O "O3'" . DA  B 2 10  ? 2.474   29.956  -3.777  1.00 81.47  ? 10  DA  B "O3'" 1 
ATOM 452  C "C2'" . DA  B 2 10  ? 0.277   28.885  -4.017  1.00 59.89  ? 10  DA  B "C2'" 1 
ATOM 453  C "C1'" . DA  B 2 10  ? 0.545   27.594  -3.297  1.00 54.05  ? 10  DA  B "C1'" 1 
ATOM 454  N N9    . DA  B 2 10  ? -0.432  26.518  -3.486  1.00 47.98  ? 10  DA  B N9    1 
ATOM 455  C C8    . DA  B 2 10  ? -1.770  26.516  -3.175  1.00 46.54  ? 10  DA  B C8    1 
ATOM 456  N N7    . DA  B 2 10  ? -2.370  25.377  -3.427  1.00 42.99  ? 10  DA  B N7    1 
ATOM 457  C C5    . DA  B 2 10  ? -1.358  24.572  -3.930  1.00 40.23  ? 10  DA  B C5    1 
ATOM 458  C C6    . DA  B 2 10  ? -1.344  23.237  -4.370  1.00 36.27  ? 10  DA  B C6    1 
ATOM 459  N N6    . DA  B 2 10  ? -2.421  22.456  -4.395  1.00 37.34  ? 10  DA  B N6    1 
ATOM 460  N N1    . DA  B 2 10  ? -0.169  22.732  -4.805  1.00 34.33  ? 10  DA  B N1    1 
ATOM 461  C C2    . DA  B 2 10  ? 0.911   23.527  -4.806  1.00 35.41  ? 10  DA  B C2    1 
ATOM 462  N N3    . DA  B 2 10  ? 1.022   24.800  -4.421  1.00 36.22  ? 10  DA  B N3    1 
ATOM 463  C C4    . DA  B 2 10  ? -0.160  25.264  -3.978  1.00 41.66  ? 10  DA  B C4    1 
ATOM 464  P P     . DG  B 2 11  ? 2.798   30.989  -4.937  1.00 82.64  ? 11  DG  B P     1 
ATOM 465  O OP1   . DG  B 2 11  ? 4.234   30.802  -5.300  1.00 67.91  ? 11  DG  B OP1   1 
ATOM 466  O OP2   . DG  B 2 11  ? 2.314   32.322  -4.507  1.00 82.64  ? 11  DG  B OP2   1 
ATOM 467  O "O5'" . DG  B 2 11  ? 1.746   30.563  -6.054  1.00 82.60  ? 11  DG  B "O5'" 1 
ATOM 468  C "C5'" . DG  B 2 11  ? 2.107   30.506  -7.434  1.00 84.05  ? 11  DG  B "C5'" 1 
ATOM 469  C "C4'" . DG  B 2 11  ? 3.123   29.418  -7.690  1.00 78.82  ? 11  DG  B "C4'" 1 
ATOM 470  O "O4'" . DG  B 2 11  ? 2.708   28.170  -7.089  1.00 71.78  ? 11  DG  B "O4'" 1 
ATOM 471  C "C3'" . DG  B 2 11  ? 3.263   29.121  -9.172  1.00 81.95  ? 11  DG  B "C3'" 1 
ATOM 472  O "O3'" . DG  B 2 11  ? 4.567   28.676  -9.520  1.00 84.60  ? 11  DG  B "O3'" 1 
ATOM 473  C "C2'" . DG  B 2 11  ? 2.245   28.026  -9.395  1.00 76.82  ? 11  DG  B "C2'" 1 
ATOM 474  C "C1'" . DG  B 2 11  ? 2.295   27.255  -8.098  1.00 61.24  ? 11  DG  B "C1'" 1 
ATOM 475  N N9    . DG  B 2 11  ? 0.990   26.726  -7.725  1.00 50.11  ? 11  DG  B N9    1 
ATOM 476  C C8    . DG  B 2 11  ? -0.038  27.376  -7.084  1.00 45.34  ? 11  DG  B C8    1 
ATOM 477  N N7    . DG  B 2 11  ? -1.085  26.620  -6.898  1.00 41.66  ? 11  DG  B N7    1 
ATOM 478  C C5    . DG  B 2 11  ? -0.740  25.408  -7.482  1.00 40.61  ? 11  DG  B C5    1 
ATOM 479  C C6    . DG  B 2 11  ? -1.474  24.201  -7.602  1.00 36.49  ? 11  DG  B C6    1 
ATOM 480  O O6    . DG  B 2 11  ? -2.616  23.950  -7.201  1.00 36.44  ? 11  DG  B O6    1 
ATOM 481  N N1    . DG  B 2 11  ? -0.743  23.223  -8.267  1.00 34.01  ? 11  DG  B N1    1 
ATOM 482  C C2    . DG  B 2 11  ? 0.529   23.386  -8.761  1.00 33.24  ? 11  DG  B C2    1 
ATOM 483  N N2    . DG  B 2 11  ? 1.063   22.332  -9.387  1.00 33.30  ? 11  DG  B N2    1 
ATOM 484  N N3    . DG  B 2 11  ? 1.220   24.506  -8.664  1.00 34.94  ? 11  DG  B N3    1 
ATOM 485  C C4    . DG  B 2 11  ? 0.532   25.467  -8.014  1.00 42.33  ? 11  DG  B C4    1 
ATOM 486  P P     . DA  B 2 12  ? 5.084   28.968  -10.986 1.00 84.85  ? 12  DA  B P     1 
ATOM 487  O OP1   . DA  B 2 12  ? 6.556   28.732  -11.004 1.00 81.84  ? 12  DA  B OP1   1 
ATOM 488  O OP2   . DA  B 2 12  ? 4.503   30.280  -11.408 1.00 73.82  ? 12  DA  B OP2   1 
ATOM 489  O "O5'" . DA  B 2 12  ? 4.379   27.834  -11.853 1.00 70.31  ? 12  DA  B "O5'" 1 
ATOM 490  C "C5'" . DA  B 2 12  ? 4.852   26.484  -11.800 1.00 64.72  ? 12  DA  B "C5'" 1 
ATOM 491  C "C4'" . DA  B 2 12  ? 3.986   25.612  -12.677 1.00 63.32  ? 12  DA  B "C4'" 1 
ATOM 492  O "O4'" . DA  B 2 12  ? 2.732   25.322  -12.009 1.00 60.75  ? 12  DA  B "O4'" 1 
ATOM 493  C "C3'" . DA  B 2 12  ? 3.609   26.231  -14.025 1.00 61.08  ? 12  DA  B "C3'" 1 
ATOM 494  O "O3'" . DA  B 2 12  ? 3.616   25.196  -15.006 1.00 63.62  ? 12  DA  B "O3'" 1 
ATOM 495  C "C2'" . DA  B 2 12  ? 2.185   26.700  -13.800 1.00 60.17  ? 12  DA  B "C2'" 1 
ATOM 496  C "C1'" . DA  B 2 12  ? 1.673   25.587  -12.906 1.00 53.54  ? 12  DA  B "C1'" 1 
ATOM 497  N N9    . DA  B 2 12  ? 0.476   25.883  -12.122 1.00 44.67  ? 12  DA  B N9    1 
ATOM 498  C C8    . DA  B 2 12  ? 0.039   27.071  -11.585 1.00 40.75  ? 12  DA  B C8    1 
ATOM 499  N N7    . DA  B 2 12  ? -1.092  26.970  -10.928 1.00 36.36  ? 12  DA  B N7    1 
ATOM 500  C C5    . DA  B 2 12  ? -1.436  25.633  -11.067 1.00 35.20  ? 12  DA  B C5    1 
ATOM 501  C C6    . DA  B 2 12  ? -2.543  24.895  -10.626 1.00 33.63  ? 12  DA  B C6    1 
ATOM 502  N N6    . DA  B 2 12  ? -3.545  25.417  -9.918  1.00 34.13  ? 12  DA  B N6    1 
ATOM 503  N N1    . DA  B 2 12  ? -2.587  23.582  -10.939 1.00 32.00  ? 12  DA  B N1    1 
ATOM 504  C C2    . DA  B 2 12  ? -1.576  23.057  -11.652 1.00 32.82  ? 12  DA  B C2    1 
ATOM 505  N N3    . DA  B 2 12  ? -0.485  23.652  -12.129 1.00 32.26  ? 12  DA  B N3    1 
ATOM 506  C C4    . DA  B 2 12  ? -0.479  24.953  -11.800 1.00 36.63  ? 12  DA  B C4    1 
ATOM 507  P P     . DA  B 2 13  ? 3.844   25.536  -16.547 1.00 67.51  ? 13  DA  B P     1 
ATOM 508  O OP1   . DA  B 2 13  ? 5.176   25.004  -16.925 1.00 65.44  ? 13  DA  B OP1   1 
ATOM 509  O OP2   . DA  B 2 13  ? 3.501   26.976  -16.760 1.00 58.69  ? 13  DA  B OP2   1 
ATOM 510  O "O5'" . DA  B 2 13  ? 2.810   24.591  -17.306 1.00 51.43  ? 13  DA  B "O5'" 1 
ATOM 511  C "C5'" . DA  B 2 13  ? 2.328   23.385  -16.706 1.00 49.44  ? 13  DA  B "C5'" 1 
ATOM 512  C "C4'" . DA  B 2 13  ? 0.817   23.340  -16.765 1.00 51.18  ? 13  DA  B "C4'" 1 
ATOM 513  O "O4'" . DA  B 2 13  ? 0.160   24.125  -15.734 1.00 48.91  ? 13  DA  B "O4'" 1 
ATOM 514  C "C3'" . DA  B 2 13  ? 0.202   23.817  -18.085 1.00 49.73  ? 13  DA  B "C3'" 1 
ATOM 515  O "O3'" . DA  B 2 13  ? -0.486  22.694  -18.642 1.00 52.80  ? 13  DA  B "O3'" 1 
ATOM 516  C "C2'" . DA  B 2 13  ? -0.749  24.928  -17.659 1.00 45.93  ? 13  DA  B "C2'" 1 
ATOM 517  C "C1'" . DA  B 2 13  ? -1.099  24.438  -16.288 1.00 41.67  ? 13  DA  B "C1'" 1 
ATOM 518  N N9    . DA  B 2 13  ? -1.801  25.346  -15.387 1.00 37.47  ? 13  DA  B N9    1 
ATOM 519  C C8    . DA  B 2 13  ? -1.529  26.647  -15.023 1.00 36.92  ? 13  DA  B C8    1 
ATOM 520  N N7    . DA  B 2 13  ? -2.393  27.151  -14.173 1.00 33.59  ? 13  DA  B N7    1 
ATOM 521  C C5    . DA  B 2 13  ? -3.285  26.107  -13.949 1.00 33.23  ? 13  DA  B C5    1 
ATOM 522  C C6    . DA  B 2 13  ? -4.434  25.998  -13.139 1.00 32.41  ? 13  DA  B C6    1 
ATOM 523  N N6    . DA  B 2 13  ? -4.886  26.982  -12.365 1.00 32.76  ? 13  DA  B N6    1 
ATOM 524  N N1    . DA  B 2 13  ? -5.115  24.829  -13.164 1.00 30.42  ? 13  DA  B N1    1 
ATOM 525  C C2    . DA  B 2 13  ? -4.654  23.836  -13.944 1.00 31.43  ? 13  DA  B C2    1 
ATOM 526  N N3    . DA  B 2 13  ? -3.580  23.814  -14.740 1.00 28.95  ? 13  DA  B N3    1 
ATOM 527  C C4    . DA  B 2 13  ? -2.935  24.993  -14.696 1.00 32.79  ? 13  DA  B C4    1 
ATOM 528  N N     . LEU C 3 15  ? 7.550   -27.409 -2.635  1.00 147.39 ? 287 LEU C N     1 
ATOM 529  C CA    . LEU C 3 15  ? 6.651   -26.250 -2.926  1.00 135.92 ? 287 LEU C CA    1 
ATOM 530  C C     . LEU C 3 15  ? 5.851   -25.931 -1.659  1.00 120.60 ? 287 LEU C C     1 
ATOM 531  O O     . LEU C 3 15  ? 4.713   -26.388 -1.491  1.00 115.15 ? 287 LEU C O     1 
ATOM 532  C CB    . LEU C 3 15  ? 5.721   -26.551 -4.125  1.00 138.26 ? 287 LEU C CB    1 
ATOM 533  C CG    . LEU C 3 15  ? 6.329   -27.186 -5.396  1.00 135.10 ? 287 LEU C CG    1 
ATOM 534  C CD1   . LEU C 3 15  ? 6.194   -28.711 -5.427  1.00 126.16 ? 287 LEU C CD1   1 
ATOM 535  C CD2   . LEU C 3 15  ? 5.697   -26.591 -6.647  1.00 136.03 ? 287 LEU C CD2   1 
ATOM 536  N N     . ASN C 3 16  ? 6.470   -25.172 -0.754  1.00 101.60 ? 288 ASN C N     1 
ATOM 537  C CA    . ASN C 3 16  ? 5.824   -24.803 0.515   1.00 94.31  ? 288 ASN C CA    1 
ATOM 538  C C     . ASN C 3 16  ? 5.739   -23.271 0.742   1.00 91.01  ? 288 ASN C C     1 
ATOM 539  O O     . ASN C 3 16  ? 6.748   -22.600 0.962   1.00 89.15  ? 288 ASN C O     1 
ATOM 540  C CB    . ASN C 3 16  ? 6.514   -25.497 1.687   1.00 84.01  ? 288 ASN C CB    1 
ATOM 541  C CG    . ASN C 3 16  ? 5.587   -25.674 2.862   1.00 77.06  ? 288 ASN C CG    1 
ATOM 542  O OD1   . ASN C 3 16  ? 5.004   -24.704 3.366   1.00 67.89  ? 288 ASN C OD1   1 
ATOM 543  N ND2   . ASN C 3 16  ? 5.415   -26.916 3.285   1.00 69.35  ? 288 ASN C ND2   1 
ATOM 544  N N     . LEU C 3 17  ? 4.514   -22.743 0.711   1.00 81.74  ? 289 LEU C N     1 
ATOM 545  C CA    . LEU C 3 17  ? 4.269   -21.303 0.664   1.00 70.66  ? 289 LEU C CA    1 
ATOM 546  C C     . LEU C 3 17  ? 3.520   -20.819 1.910   1.00 70.28  ? 289 LEU C C     1 
ATOM 547  O O     . LEU C 3 17  ? 2.791   -21.589 2.585   1.00 59.67  ? 289 LEU C O     1 
ATOM 548  C CB    . LEU C 3 17  ? 3.429   -20.946 -0.566  1.00 67.54  ? 289 LEU C CB    1 
ATOM 549  C CG    . LEU C 3 17  ? 3.904   -21.112 -2.019  1.00 67.18  ? 289 LEU C CG    1 
ATOM 550  C CD1   . LEU C 3 17  ? 5.090   -20.207 -2.311  1.00 64.76  ? 289 LEU C CD1   1 
ATOM 551  C CD2   . LEU C 3 17  ? 4.194   -22.566 -2.380  1.00 71.69  ? 289 LEU C CD2   1 
ATOM 552  N N     . ASN C 3 18  ? 3.694   -19.523 2.191   1.00 66.18  ? 290 ASN C N     1 
ATOM 553  C CA    . ASN C 3 18  ? 2.979   -18.864 3.284   1.00 61.59  ? 290 ASN C CA    1 
ATOM 554  C C     . ASN C 3 18  ? 2.720   -17.375 3.039   1.00 59.35  ? 290 ASN C C     1 
ATOM 555  O O     . ASN C 3 18  ? 3.522   -16.658 2.435   1.00 59.08  ? 290 ASN C O     1 
ATOM 556  C CB    . ASN C 3 18  ? 3.727   -19.038 4.609   1.00 56.16  ? 290 ASN C CB    1 
ATOM 557  C CG    . ASN C 3 18  ? 2.797   -19.049 5.802   1.00 58.54  ? 290 ASN C CG    1 
ATOM 558  O OD1   . ASN C 3 18  ? 1.614   -19.409 5.695   1.00 58.09  ? 290 ASN C OD1   1 
ATOM 559  N ND2   . ASN C 3 18  ? 3.329   -18.680 6.958   1.00 57.44  ? 290 ASN C ND2   1 
ATOM 560  N N     . ILE C 3 19  ? 1.576   -16.927 3.523   1.00 54.54  ? 291 ILE C N     1 
ATOM 561  C CA    . ILE C 3 19  ? 1.248   -15.528 3.515   1.00 56.23  ? 291 ILE C CA    1 
ATOM 562  C C     . ILE C 3 19  ? 1.669   -14.905 4.835   1.00 51.22  ? 291 ILE C C     1 
ATOM 563  O O     . ILE C 3 19  ? 1.258   -15.368 5.912   1.00 53.36  ? 291 ILE C O     1 
ATOM 564  C CB    . ILE C 3 19  ? -0.259  -15.318 3.311   1.00 62.69  ? 291 ILE C CB    1 
ATOM 565  C CG1   . ILE C 3 19  ? -0.661  -15.739 1.899   1.00 57.62  ? 291 ILE C CG1   1 
ATOM 566  C CG2   . ILE C 3 19  ? -0.652  -13.857 3.544   1.00 70.19  ? 291 ILE C CG2   1 
ATOM 567  C CD1   . ILE C 3 19  ? -2.158  -15.864 1.741   1.00 56.89  ? 291 ILE C CD1   1 
ATOM 568  N N     . VAL C 3 20  ? 2.428   -13.821 4.740   1.00 44.17  ? 292 VAL C N     1 
ATOM 569  C CA    . VAL C 3 20  ? 2.927   -13.162 5.913   1.00 43.63  ? 292 VAL C CA    1 
ATOM 570  C C     . VAL C 3 20  ? 2.427   -11.737 5.951   1.00 40.34  ? 292 VAL C C     1 
ATOM 571  O O     . VAL C 3 20  ? 2.734   -10.937 5.065   1.00 40.43  ? 292 VAL C O     1 
ATOM 572  C CB    . VAL C 3 20  ? 4.456   -13.161 5.957   1.00 49.18  ? 292 VAL C CB    1 
ATOM 573  C CG1   . VAL C 3 20  ? 4.919   -13.068 7.411   1.00 50.24  ? 292 VAL C CG1   1 
ATOM 574  C CG2   . VAL C 3 20  ? 5.018   -14.416 5.293   1.00 51.54  ? 292 VAL C CG2   1 
ATOM 575  N N     . PRO C 3 21  ? 1.643   -11.411 6.975   1.00 38.27  ? 293 PRO C N     1 
ATOM 576  C CA    . PRO C 3 21  ? 1.192   -10.030 7.160   1.00 38.98  ? 293 PRO C CA    1 
ATOM 577  C C     . PRO C 3 21  ? 2.348   -9.059  7.281   1.00 36.76  ? 293 PRO C C     1 
ATOM 578  O O     . PRO C 3 21  ? 3.278   -9.355  8.001   1.00 37.33  ? 293 PRO C O     1 
ATOM 579  C CB    . PRO C 3 21  ? 0.437   -10.086 8.503   1.00 41.30  ? 293 PRO C CB    1 
ATOM 580  C CG    . PRO C 3 21  ? -0.041  -11.499 8.622   1.00 40.97  ? 293 PRO C CG    1 
ATOM 581  C CD    . PRO C 3 21  ? 0.957   -12.355 7.879   1.00 39.37  ? 293 PRO C CD    1 
ATOM 582  N N     . LEU C 3 22  ? 2.296   -7.928  6.594   1.00 35.89  ? 294 LEU C N     1 
ATOM 583  C CA    . LEU C 3 22  ? 3.310   -6.887  6.771   1.00 37.27  ? 294 LEU C CA    1 
ATOM 584  C C     . LEU C 3 22  ? 2.740   -5.833  7.678   1.00 39.70  ? 294 LEU C C     1 
ATOM 585  O O     . LEU C 3 22  ? 3.237   -5.676  8.805   1.00 42.12  ? 294 LEU C O     1 
ATOM 586  C CB    . LEU C 3 22  ? 3.737   -6.288  5.452   1.00 36.61  ? 294 LEU C CB    1 
ATOM 587  C CG    . LEU C 3 22  ? 4.187   -7.373  4.459   1.00 38.04  ? 294 LEU C CG    1 
ATOM 588  C CD1   . LEU C 3 22  ? 4.247   -6.857  3.017   1.00 36.85  ? 294 LEU C CD1   1 
ATOM 589  C CD2   . LEU C 3 22  ? 5.510   -7.999  4.899   1.00 38.66  ? 294 LEU C CD2   1 
ATOM 590  N N     . PHE C 3 23  ? 1.673   -5.160  7.221   1.00 36.59  ? 295 PHE C N     1 
ATOM 591  C CA    . PHE C 3 23  ? 1.025   -4.126  8.016   1.00 36.37  ? 295 PHE C CA    1 
ATOM 592  C C     . PHE C 3 23  ? -0.253  -3.692  7.357   1.00 34.05  ? 295 PHE C C     1 
ATOM 593  O O     . PHE C 3 23  ? -0.459  -4.028  6.226   1.00 33.21  ? 295 PHE C O     1 
ATOM 594  C CB    . PHE C 3 23  ? 1.926   -2.893  8.145   1.00 39.43  ? 295 PHE C CB    1 
ATOM 595  C CG    . PHE C 3 23  ? 2.044   -2.116  6.882   1.00 37.84  ? 295 PHE C CG    1 
ATOM 596  C CD1   . PHE C 3 23  ? 2.763   -2.630  5.805   1.00 39.55  ? 295 PHE C CD1   1 
ATOM 597  C CD2   . PHE C 3 23  ? 1.411   -0.911  6.743   1.00 36.26  ? 295 PHE C CD2   1 
ATOM 598  C CE1   . PHE C 3 23  ? 2.872   -1.930  4.615   1.00 37.35  ? 295 PHE C CE1   1 
ATOM 599  C CE2   . PHE C 3 23  ? 1.496   -0.219  5.549   1.00 37.12  ? 295 PHE C CE2   1 
ATOM 600  C CZ    . PHE C 3 23  ? 2.236   -0.720  4.488   1.00 35.99  ? 295 PHE C CZ    1 
ATOM 601  N N     . GLU C 3 24  ? -1.057  -2.898  8.071   1.00 34.70  ? 296 GLU C N     1 
ATOM 602  C CA    . GLU C 3 24  ? -2.358  -2.394  7.619   1.00 35.39  ? 296 GLU C CA    1 
ATOM 603  C C     . GLU C 3 24  ? -2.407  -0.898  7.660   1.00 34.28  ? 296 GLU C C     1 
ATOM 604  O O     . GLU C 3 24  ? -1.603  -0.268  8.339   1.00 35.61  ? 296 GLU C O     1 
ATOM 605  C CB    . GLU C 3 24  ? -3.460  -2.874  8.526   1.00 39.56  ? 296 GLU C CB    1 
ATOM 606  C CG    . GLU C 3 24  ? -3.491  -4.384  8.647   1.00 45.77  ? 296 GLU C CG    1 
ATOM 607  C CD    . GLU C 3 24  ? -4.763  -4.906  9.293   1.00 49.92  ? 296 GLU C CD    1 
ATOM 608  O OE1   . GLU C 3 24  ? -5.289  -4.222  10.216  1.00 50.24  ? 296 GLU C OE1   1 
ATOM 609  O OE2   . GLU C 3 24  ? -5.233  -6.007  8.871   1.00 54.80  ? 296 GLU C OE2   1 
ATOM 610  N N     . LYS C 3 25  ? -3.352  -0.325  6.922   1.00 32.65  ? 297 LYS C N     1 
ATOM 611  C CA    . LYS C 3 25  ? -3.570  1.127   6.932   1.00 31.28  ? 297 LYS C CA    1 
ATOM 612  C C     . LYS C 3 25  ? -5.040  1.325   6.927   1.00 31.51  ? 297 LYS C C     1 
ATOM 613  O O     . LYS C 3 25  ? -5.786  0.718   6.146   1.00 30.56  ? 297 LYS C O     1 
ATOM 614  C CB    . LYS C 3 25  ? -2.958  1.835   5.721   1.00 32.55  ? 297 LYS C CB    1 
ATOM 615  C CG    . LYS C 3 25  ? -3.191  3.350   5.566   1.00 32.12  ? 297 LYS C CG    1 
ATOM 616  C CD    . LYS C 3 25  ? -2.545  4.174   6.663   1.00 32.81  ? 297 LYS C CD    1 
ATOM 617  C CE    . LYS C 3 25  ? -3.219  5.520   6.863   1.00 32.82  ? 297 LYS C CE    1 
ATOM 618  N NZ    . LYS C 3 25  ? -2.494  6.593   6.162   1.00 34.71  ? 297 LYS C NZ    1 
ATOM 619  N N     . THR C 3 26  ? -5.464  2.168   7.834   1.00 31.91  ? 298 THR C N     1 
ATOM 620  C CA    . THR C 3 26  ? -6.855  2.423   7.967   1.00 33.05  ? 298 THR C CA    1 
ATOM 621  C C     . THR C 3 26  ? -6.957  3.785   7.310   1.00 29.73  ? 298 THR C C     1 
ATOM 622  O O     . THR C 3 26  ? -6.167  4.663   7.600   1.00 26.73  ? 298 THR C O     1 
ATOM 623  C CB    . THR C 3 26  ? -7.318  2.310   9.436   1.00 36.59  ? 298 THR C CB    1 
ATOM 624  O OG1   . THR C 3 26  ? -8.652  2.803   9.515   1.00 38.74  ? 298 THR C OG1   1 
ATOM 625  C CG2   . THR C 3 26  ? -6.377  3.084   10.456  1.00 39.44  ? 298 THR C CG2   1 
ATOM 626  N N     . LEU C 3 27  ? -7.897  3.921   6.383   1.00 29.46  ? 299 LEU C N     1 
ATOM 627  C CA    . LEU C 3 27  ? -7.863  4.999   5.402   1.00 29.83  ? 299 LEU C CA    1 
ATOM 628  C C     . LEU C 3 27  ? -8.319  6.320   5.954   1.00 30.83  ? 299 LEU C C     1 
ATOM 629  O O     . LEU C 3 27  ? -9.293  6.367   6.685   1.00 33.99  ? 299 LEU C O     1 
ATOM 630  C CB    . LEU C 3 27  ? -8.762  4.649   4.218   1.00 29.11  ? 299 LEU C CB    1 
ATOM 631  C CG    . LEU C 3 27  ? -8.348  3.430   3.375   1.00 29.19  ? 299 LEU C CG    1 
ATOM 632  C CD1   . LEU C 3 27  ? -9.275  3.221   2.161   1.00 27.96  ? 299 LEU C CD1   1 
ATOM 633  C CD2   . LEU C 3 27  ? -6.870  3.518   2.960   1.00 28.04  ? 299 LEU C CD2   1 
ATOM 634  N N     . SER C 3 28  ? -7.629  7.392   5.600   1.00 30.93  ? 300 SER C N     1 
ATOM 635  C CA    . SER C 3 28  ? -8.094  8.721   5.939   1.00 33.14  ? 300 SER C CA    1 
ATOM 636  C C     . SER C 3 28  ? -9.012  9.250   4.840   1.00 35.87  ? 300 SER C C     1 
ATOM 637  O O     . SER C 3 28  ? -9.111  8.660   3.748   1.00 34.96  ? 300 SER C O     1 
ATOM 638  C CB    . SER C 3 28  ? -6.912  9.660   6.132   1.00 33.82  ? 300 SER C CB    1 
ATOM 639  O OG    . SER C 3 28  ? -6.014  9.699   5.029   1.00 34.37  ? 300 SER C OG    1 
ATOM 640  N N     . ALA C 3 29  ? -9.684  10.364  5.125   1.00 37.94  ? 301 ALA C N     1 
ATOM 641  C CA    . ALA C 3 29  ? -10.333 11.152  4.062   1.00 38.02  ? 301 ALA C CA    1 
ATOM 642  C C     . ALA C 3 29  ? -9.362  11.327  2.894   1.00 36.79  ? 301 ALA C C     1 
ATOM 643  O O     . ALA C 3 29  ? -9.709  10.970  1.766   1.00 42.75  ? 301 ALA C O     1 
ATOM 644  C CB    . ALA C 3 29  ? -10.789 12.511  4.573   1.00 38.56  ? 301 ALA C CB    1 
ATOM 645  N N     . SER C 3 30  ? -8.154  11.830  3.174   1.00 31.80  ? 302 SER C N     1 
ATOM 646  C CA    . SER C 3 30  ? -7.140  12.045  2.136   1.00 31.74  ? 302 SER C CA    1 
ATOM 647  C C     . SER C 3 30  ? -6.810  10.830  1.324   1.00 32.65  ? 302 SER C C     1 
ATOM 648  O O     . SER C 3 30  ? -6.696  10.899  0.103   1.00 30.74  ? 302 SER C O     1 
ATOM 649  C CB    . SER C 3 30  ? -5.844  12.517  2.743   1.00 29.92  ? 302 SER C CB    1 
ATOM 650  O OG    . SER C 3 30  ? -6.039  13.798  3.246   1.00 30.42  ? 302 SER C OG    1 
ATOM 651  N N     . ASP C 3 31  ? -6.635  9.720   2.020   1.00 38.09  ? 303 ASP C N     1 
ATOM 652  C CA    . ASP C 3 31  ? -6.237  8.484   1.370   1.00 43.11  ? 303 ASP C CA    1 
ATOM 653  C C     . ASP C 3 31  ? -7.424  7.973   0.539   1.00 41.07  ? 303 ASP C C     1 
ATOM 654  O O     . ASP C 3 31  ? -7.223  7.519   -0.566  1.00 37.48  ? 303 ASP C O     1 
ATOM 655  C CB    . ASP C 3 31  ? -5.739  7.421   2.384   1.00 49.37  ? 303 ASP C CB    1 
ATOM 656  C CG    . ASP C 3 31  ? -4.641  7.946   3.358   1.00 55.39  ? 303 ASP C CG    1 
ATOM 657  O OD1   . ASP C 3 31  ? -3.774  8.787   2.998   1.00 62.29  ? 303 ASP C OD1   1 
ATOM 658  O OD2   . ASP C 3 31  ? -4.658  7.502   4.522   1.00 57.75  ? 303 ASP C OD2   1 
ATOM 659  N N     . ALA C 3 32  ? -8.652  8.098   1.050   1.00 42.55  ? 304 ALA C N     1 
ATOM 660  C CA    . ALA C 3 32  ? -9.870  7.682   0.307   1.00 44.50  ? 304 ALA C CA    1 
ATOM 661  C C     . ALA C 3 32  ? -10.323 8.653   -0.779  1.00 45.86  ? 304 ALA C C     1 
ATOM 662  O O     . ALA C 3 32  ? -11.036 8.256   -1.689  1.00 41.15  ? 304 ALA C O     1 
ATOM 663  C CB    . ALA C 3 32  ? -11.026 7.475   1.272   1.00 45.39  ? 304 ALA C CB    1 
ATOM 664  N N     . GLY C 3 33  ? -9.935  9.921   -0.649  1.00 50.91  ? 305 GLY C N     1 
ATOM 665  C CA    . GLY C 3 33  ? -10.432 10.997  -1.481  1.00 56.17  ? 305 GLY C CA    1 
ATOM 666  C C     . GLY C 3 33  ? -9.992  10.968  -2.926  1.00 61.04  ? 305 GLY C C     1 
ATOM 667  O O     . GLY C 3 33  ? -9.385  9.996   -3.402  1.00 63.63  ? 305 GLY C O     1 
ATOM 668  N N     . ARG C 3 34  ? -10.289 12.058  -3.603  1.00 63.45  ? 306 ARG C N     1 
ATOM 669  C CA    . ARG C 3 34  ? -9.979  12.246  -4.995  1.00 64.41  ? 306 ARG C CA    1 
ATOM 670  C C     . ARG C 3 34  ? -8.512  12.337  -5.351  1.00 49.32  ? 306 ARG C C     1 
ATOM 671  O O     . ARG C 3 34  ? -8.157  12.089  -6.460  1.00 46.75  ? 306 ARG C O     1 
ATOM 672  C CB    . ARG C 3 34  ? -10.744 13.442  -5.542  1.00 76.46  ? 306 ARG C CB    1 
ATOM 673  C CG    . ARG C 3 34  ? -12.150 13.089  -5.992  1.00 88.27  ? 306 ARG C CG    1 
ATOM 674  C CD    . ARG C 3 34  ? -13.043 14.305  -6.191  1.00 92.92  ? 306 ARG C CD    1 
ATOM 675  N NE    . ARG C 3 34  ? -13.098 15.195  -5.038  1.00 95.22  ? 306 ARG C NE    1 
ATOM 676  C CZ    . ARG C 3 34  ? -13.308 14.812  -3.785  1.00 91.59  ? 306 ARG C CZ    1 
ATOM 677  N NH1   . ARG C 3 34  ? -13.482 13.541  -3.473  1.00 84.26  ? 306 ARG C NH1   1 
ATOM 678  N NH2   . ARG C 3 34  ? -13.331 15.723  -2.836  1.00 91.94  ? 306 ARG C NH2   1 
ATOM 679  N N     . ILE C 3 35  ? -7.671  12.667  -4.401  1.00 38.73  ? 307 ILE C N     1 
ATOM 680  C CA    . ILE C 3 35  ? -6.277  12.856  -4.682  1.00 35.02  ? 307 ILE C CA    1 
ATOM 681  C C     . ILE C 3 35  ? -5.475  11.687  -5.182  1.00 34.19  ? 307 ILE C C     1 
ATOM 682  O O     . ILE C 3 35  ? -4.557  11.882  -5.900  1.00 35.61  ? 307 ILE C O     1 
ATOM 683  C CB    . ILE C 3 35  ? -5.557  13.517  -3.537  1.00 36.40  ? 307 ILE C CB    1 
ATOM 684  C CG1   . ILE C 3 35  ? -6.390  14.645  -3.004  1.00 39.33  ? 307 ILE C CG1   1 
ATOM 685  C CG2   . ILE C 3 35  ? -4.242  14.055  -4.017  1.00 35.94  ? 307 ILE C CG2   1 
ATOM 686  C CD1   . ILE C 3 35  ? -6.363  14.783  -1.513  1.00 39.60  ? 307 ILE C CD1   1 
ATOM 687  N N     . GLY C 3 36  ? -5.738  10.488  -4.722  1.00 34.95  ? 308 GLY C N     1 
ATOM 688  C CA    . GLY C 3 36  ? -5.018  9.348   -5.224  1.00 34.04  ? 308 GLY C CA    1 
ATOM 689  C C     . GLY C 3 36  ? -3.743  8.905   -4.594  1.00 33.25  ? 308 GLY C C     1 
ATOM 690  O O     . GLY C 3 36  ? -3.100  8.064   -5.107  1.00 35.67  ? 308 GLY C O     1 
ATOM 691  N N     . ARG C 3 37  ? -3.352  9.492   -3.494  1.00 32.25  ? 309 ARG C N     1 
ATOM 692  C CA    . ARG C 3 37  ? -2.161  9.045   -2.846  1.00 30.10  ? 309 ARG C CA    1 
ATOM 693  C C     . ARG C 3 37  ? -2.498  8.541   -1.471  1.00 32.59  ? 309 ARG C C     1 
ATOM 694  O O     . ARG C 3 37  ? -3.204  9.168   -0.719  1.00 32.09  ? 309 ARG C O     1 
ATOM 695  C CB    . ARG C 3 37  ? -1.108  10.128  -2.791  1.00 27.88  ? 309 ARG C CB    1 
ATOM 696  C CG    . ARG C 3 37  ? -1.562  11.421  -3.355  1.00 27.05  ? 309 ARG C CG    1 
ATOM 697  C CD    . ARG C 3 37  ? -0.414  12.326  -3.689  1.00 25.44  ? 309 ARG C CD    1 
ATOM 698  N NE    . ARG C 3 37  ? -0.633  13.573  -3.014  1.00 23.79  ? 309 ARG C NE    1 
ATOM 699  C CZ    . ARG C 3 37  ? -0.006  14.665  -3.308  1.00 25.18  ? 309 ARG C CZ    1 
ATOM 700  N NH1   . ARG C 3 37  ? 0.857   14.629  -4.258  1.00 27.27  ? 309 ARG C NH1   1 
ATOM 701  N NH2   . ARG C 3 37  ? -0.241  15.754  -2.666  1.00 25.14  ? 309 ARG C NH2   1 
ATOM 702  N N     . LEU C 3 38  ? -1.984  7.367   -1.173  1.00 32.27  ? 310 LEU C N     1 
ATOM 703  C CA    . LEU C 3 38  ? -2.189  6.739   0.096   1.00 31.95  ? 310 LEU C CA    1 
ATOM 704  C C     . LEU C 3 38  ? -0.957  6.885   0.939   1.00 30.55  ? 310 LEU C C     1 
ATOM 705  O O     . LEU C 3 38  ? 0.103   6.622   0.502   1.00 27.99  ? 310 LEU C O     1 
ATOM 706  C CB    . LEU C 3 38  ? -2.496  5.293   -0.116  1.00 31.32  ? 310 LEU C CB    1 
ATOM 707  C CG    . LEU C 3 38  ? -2.881  4.591   1.145   1.00 30.46  ? 310 LEU C CG    1 
ATOM 708  C CD1   . LEU C 3 38  ? -4.132  3.842   0.831   1.00 30.05  ? 310 LEU C CD1   1 
ATOM 709  C CD2   . LEU C 3 38  ? -1.757  3.649   1.442   1.00 31.45  ? 310 LEU C CD2   1 
ATOM 710  N N     . VAL C 3 39  ? -1.125  7.278   2.179   1.00 29.91  ? 311 VAL C N     1 
ATOM 711  C CA    . VAL C 3 39  ? 0.026   7.534   3.039   1.00 29.52  ? 311 VAL C CA    1 
ATOM 712  C C     . VAL C 3 39  ? 0.474   6.302   3.828   1.00 28.75  ? 311 VAL C C     1 
ATOM 713  O O     . VAL C 3 39  ? -0.307  5.658   4.528   1.00 28.01  ? 311 VAL C O     1 
ATOM 714  C CB    . VAL C 3 39  ? -0.269  8.686   4.014   1.00 28.68  ? 311 VAL C CB    1 
ATOM 715  C CG1   . VAL C 3 39  ? 0.816   8.830   5.070   1.00 27.90  ? 311 VAL C CG1   1 
ATOM 716  C CG2   . VAL C 3 39  ? -0.361  9.974   3.248   1.00 29.19  ? 311 VAL C CG2   1 
ATOM 717  N N     . LEU C 3 40  ? 1.763   6.039   3.763   1.00 28.08  ? 312 LEU C N     1 
ATOM 718  C CA    . LEU C 3 40  ? 2.337   4.970   4.498   1.00 29.72  ? 312 LEU C CA    1 
ATOM 719  C C     . LEU C 3 40  ? 3.112   5.542   5.671   1.00 33.66  ? 312 LEU C C     1 
ATOM 720  O O     . LEU C 3 40  ? 3.986   6.405   5.463   1.00 34.84  ? 312 LEU C O     1 
ATOM 721  C CB    . LEU C 3 40  ? 3.243   4.189   3.585   1.00 29.03  ? 312 LEU C CB    1 
ATOM 722  C CG    . LEU C 3 40  ? 2.540   3.717   2.312   1.00 30.03  ? 312 LEU C CG    1 
ATOM 723  C CD1   . LEU C 3 40  ? 3.429   2.846   1.411   1.00 30.02  ? 312 LEU C CD1   1 
ATOM 724  C CD2   . LEU C 3 40  ? 1.256   2.979   2.648   1.00 29.70  ? 312 LEU C CD2   1 
ATOM 725  N N     . PRO C 3 41  ? 2.791   5.087   6.911   1.00 36.33  ? 313 PRO C N     1 
ATOM 726  C CA    . PRO C 3 41  ? 3.723   5.371   7.975   1.00 35.80  ? 313 PRO C CA    1 
ATOM 727  C C     . PRO C 3 41  ? 5.144   5.014   7.522   1.00 35.33  ? 313 PRO C C     1 
ATOM 728  O O     . PRO C 3 41  ? 5.370   3.898   7.021   1.00 29.26  ? 313 PRO C O     1 
ATOM 729  C CB    . PRO C 3 41  ? 3.246   4.443   9.110   1.00 39.85  ? 313 PRO C CB    1 
ATOM 730  C CG    . PRO C 3 41  ? 2.151   3.551   8.543   1.00 39.63  ? 313 PRO C CG    1 
ATOM 731  C CD    . PRO C 3 41  ? 1.599   4.363   7.421   1.00 38.49  ? 313 PRO C CD    1 
ATOM 732  N N     . LYS C 3 42  ? 6.055   5.981   7.654   1.00 35.83  ? 314 LYS C N     1 
ATOM 733  C CA    . LYS C 3 42  ? 7.460   5.808   7.278   1.00 39.07  ? 314 LYS C CA    1 
ATOM 734  C C     . LYS C 3 42  ? 8.036   4.517   7.831   1.00 37.67  ? 314 LYS C C     1 
ATOM 735  O O     . LYS C 3 42  ? 8.591   3.641   7.109   1.00 28.80  ? 314 LYS C O     1 
ATOM 736  C CB    . LYS C 3 42  ? 8.276   6.974   7.839   1.00 43.88  ? 314 LYS C CB    1 
ATOM 737  C CG    . LYS C 3 42  ? 9.787   6.743   7.828   1.00 47.34  ? 314 LYS C CG    1 
ATOM 738  C CD    . LYS C 3 42  ? 10.526  7.939   8.406   1.00 55.32  ? 314 LYS C CD    1 
ATOM 739  C CE    . LYS C 3 42  ? 12.001  7.952   8.005   1.00 58.00  ? 314 LYS C CE    1 
ATOM 740  N NZ    . LYS C 3 42  ? 12.865  8.516   9.077   1.00 60.56  ? 314 LYS C NZ    1 
ATOM 741  N N     . ALA C 3 43  ? 7.899   4.445   9.154   1.00 40.33  ? 315 ALA C N     1 
ATOM 742  C CA    . ALA C 3 43  ? 8.266   3.268   9.921   1.00 40.83  ? 315 ALA C CA    1 
ATOM 743  C C     . ALA C 3 43  ? 7.946   1.968   9.111   1.00 37.36  ? 315 ALA C C     1 
ATOM 744  O O     . ALA C 3 43  ? 8.883   1.266   8.677   1.00 35.36  ? 315 ALA C O     1 
ATOM 745  C CB    . ALA C 3 43  ? 7.545   3.320   11.273  1.00 41.63  ? 315 ALA C CB    1 
ATOM 746  N N     . CYS C 3 44  ? 6.648   1.741   8.852   1.00 31.63  ? 316 CYS C N     1 
ATOM 747  C CA    . CYS C 3 44  ? 6.183   0.595   8.101   1.00 29.09  ? 316 CYS C CA    1 
ATOM 748  C C     . CYS C 3 44  ? 6.735   0.481   6.663   1.00 28.73  ? 316 CYS C C     1 
ATOM 749  O O     . CYS C 3 44  ? 6.927   -0.615  6.172   1.00 29.16  ? 316 CYS C O     1 
ATOM 750  C CB    . CYS C 3 44  ? 4.666   0.598   8.027   1.00 27.46  ? 316 CYS C CB    1 
ATOM 751  S SG    . CYS C 3 44  ? 3.852   0.288   9.562   1.00 25.43  ? 316 CYS C SG    1 
ATOM 752  N N     . ALA C 3 45  ? 6.974   1.580   5.968   1.00 29.97  ? 317 ALA C N     1 
ATOM 753  C CA    . ALA C 3 45  ? 7.311   1.491   4.529   1.00 32.34  ? 317 ALA C CA    1 
ATOM 754  C C     . ALA C 3 45  ? 8.690   0.970   4.302   1.00 37.17  ? 317 ALA C C     1 
ATOM 755  O O     . ALA C 3 45  ? 8.961   0.193   3.398   1.00 38.57  ? 317 ALA C O     1 
ATOM 756  C CB    . ALA C 3 45  ? 7.220   2.848   3.882   1.00 32.16  ? 317 ALA C CB    1 
ATOM 757  N N     . GLU C 3 46  ? 9.566   1.498   5.127   1.00 44.21  ? 318 GLU C N     1 
ATOM 758  C CA    . GLU C 3 46  ? 10.934  1.145   5.131   1.00 46.54  ? 318 GLU C CA    1 
ATOM 759  C C     . GLU C 3 46  ? 11.038  -0.293  5.598   1.00 46.29  ? 318 GLU C C     1 
ATOM 760  O O     . GLU C 3 46  ? 11.851  -1.046  5.080   1.00 51.14  ? 318 GLU C O     1 
ATOM 761  C CB    . GLU C 3 46  ? 11.662  2.116   6.057   1.00 52.68  ? 318 GLU C CB    1 
ATOM 762  C CG    . GLU C 3 46  ? 11.643  3.562   5.523   1.00 55.53  ? 318 GLU C CG    1 
ATOM 763  C CD    . GLU C 3 46  ? 12.284  4.592   6.458   1.00 57.92  ? 318 GLU C CD    1 
ATOM 764  O OE1   . GLU C 3 46  ? 12.140  4.454   7.704   1.00 61.27  ? 318 GLU C OE1   1 
ATOM 765  O OE2   . GLU C 3 46  ? 12.911  5.560   5.937   1.00 53.62  ? 318 GLU C OE2   1 
ATOM 766  N N     . ALA C 3 47  ? 10.185  -0.682  6.542   1.00 47.18  ? 319 ALA C N     1 
ATOM 767  C CA    . ALA C 3 47  ? 10.189  -2.045  7.118   1.00 49.64  ? 319 ALA C CA    1 
ATOM 768  C C     . ALA C 3 47  ? 9.746   -3.219  6.204   1.00 50.59  ? 319 ALA C C     1 
ATOM 769  O O     . ALA C 3 47  ? 10.251  -4.346  6.341   1.00 50.14  ? 319 ALA C O     1 
ATOM 770  C CB    . ALA C 3 47  ? 9.370   -2.066  8.407   1.00 46.21  ? 319 ALA C CB    1 
ATOM 771  N N     . TYR C 3 48  ? 8.791   -2.990  5.312   1.00 47.43  ? 320 TYR C N     1 
ATOM 772  C CA    . TYR C 3 48  ? 8.248   -4.099  4.553   1.00 45.12  ? 320 TYR C CA    1 
ATOM 773  C C     . TYR C 3 48  ? 8.201   -3.918  3.029   1.00 42.57  ? 320 TYR C C     1 
ATOM 774  O O     . TYR C 3 48  ? 7.913   -4.867  2.320   1.00 39.22  ? 320 TYR C O     1 
ATOM 775  C CB    . TYR C 3 48  ? 6.872   -4.413  5.101   1.00 48.44  ? 320 TYR C CB    1 
ATOM 776  C CG    . TYR C 3 48  ? 6.796   -4.518  6.620   1.00 53.59  ? 320 TYR C CG    1 
ATOM 777  C CD1   . TYR C 3 48  ? 7.228   -5.661  7.299   1.00 54.32  ? 320 TYR C CD1   1 
ATOM 778  C CD2   . TYR C 3 48  ? 6.268   -3.479  7.378   1.00 56.98  ? 320 TYR C CD2   1 
ATOM 779  C CE1   . TYR C 3 48  ? 7.142   -5.753  8.692   1.00 56.03  ? 320 TYR C CE1   1 
ATOM 780  C CE2   . TYR C 3 48  ? 6.176   -3.562  8.767   1.00 58.74  ? 320 TYR C CE2   1 
ATOM 781  C CZ    . TYR C 3 48  ? 6.616   -4.693  9.421   1.00 56.91  ? 320 TYR C CZ    1 
ATOM 782  O OH    . TYR C 3 48  ? 6.517   -4.735  10.795  1.00 57.24  ? 320 TYR C OH    1 
ATOM 783  N N     . PHE C 3 49  ? 8.481   -2.728  2.518   1.00 39.47  ? 321 PHE C N     1 
ATOM 784  C CA    . PHE C 3 49  ? 8.550   -2.529  1.090   1.00 41.98  ? 321 PHE C CA    1 
ATOM 785  C C     . PHE C 3 49  ? 9.979   -2.402  0.666   1.00 44.78  ? 321 PHE C C     1 
ATOM 786  O O     . PHE C 3 49  ? 10.829  -2.102  1.491   1.00 45.92  ? 321 PHE C O     1 
ATOM 787  C CB    . PHE C 3 49  ? 7.809   -1.248  0.681   1.00 44.21  ? 321 PHE C CB    1 
ATOM 788  C CG    . PHE C 3 49  ? 6.304   -1.376  0.638   1.00 44.61  ? 321 PHE C CG    1 
ATOM 789  C CD1   . PHE C 3 49  ? 5.646   -2.606  0.804   1.00 46.49  ? 321 PHE C CD1   1 
ATOM 790  C CD2   . PHE C 3 49  ? 5.541   -0.262  0.384   1.00 44.42  ? 321 PHE C CD2   1 
ATOM 791  C CE1   . PHE C 3 49  ? 4.267   -2.696  0.754   1.00 46.37  ? 321 PHE C CE1   1 
ATOM 792  C CE2   . PHE C 3 49  ? 4.167   -0.351  0.336   1.00 47.62  ? 321 PHE C CE2   1 
ATOM 793  C CZ    . PHE C 3 49  ? 3.524   -1.569  0.522   1.00 46.39  ? 321 PHE C CZ    1 
ATOM 794  N N     . PRO C 3 50  ? 10.256  -2.570  -0.641  1.00 49.33  ? 322 PRO C N     1 
ATOM 795  C CA    . PRO C 3 50  ? 11.613  -2.348  -1.041  1.00 51.71  ? 322 PRO C CA    1 
ATOM 796  C C     . PRO C 3 50  ? 12.145  -1.020  -0.508  1.00 53.77  ? 322 PRO C C     1 
ATOM 797  O O     . PRO C 3 50  ? 11.364  -0.113  -0.178  1.00 50.56  ? 322 PRO C O     1 
ATOM 798  C CB    . PRO C 3 50  ? 11.533  -2.339  -2.573  1.00 50.53  ? 322 PRO C CB    1 
ATOM 799  C CG    . PRO C 3 50  ? 10.432  -3.261  -2.876  1.00 49.64  ? 322 PRO C CG    1 
ATOM 800  C CD    . PRO C 3 50  ? 9.429   -2.968  -1.796  1.00 51.87  ? 322 PRO C CD    1 
ATOM 801  N N     . PRO C 3 51  ? 13.469  -0.931  -0.374  1.00 57.41  ? 323 PRO C N     1 
ATOM 802  C CA    . PRO C 3 51  ? 14.076  0.322   0.005   1.00 57.78  ? 323 PRO C CA    1 
ATOM 803  C C     . PRO C 3 51  ? 14.204  1.181   -1.243  1.00 49.31  ? 323 PRO C C     1 
ATOM 804  O O     . PRO C 3 51  ? 14.265  0.657   -2.348  1.00 42.72  ? 323 PRO C O     1 
ATOM 805  C CB    . PRO C 3 51  ? 15.442  -0.122  0.532   1.00 60.98  ? 323 PRO C CB    1 
ATOM 806  C CG    . PRO C 3 51  ? 15.792  -1.285  -0.347  1.00 62.19  ? 323 PRO C CG    1 
ATOM 807  C CD    . PRO C 3 51  ? 14.484  -1.970  -0.643  1.00 58.68  ? 323 PRO C CD    1 
ATOM 808  N N     . ILE C 3 52  ? 14.133  2.482   -1.102  1.00 45.72  ? 324 ILE C N     1 
ATOM 809  C CA    . ILE C 3 52  ? 14.266  3.350   -2.242  1.00 50.02  ? 324 ILE C CA    1 
ATOM 810  C C     . ILE C 3 52  ? 14.968  4.582   -1.764  1.00 55.30  ? 324 ILE C C     1 
ATOM 811  O O     . ILE C 3 52  ? 14.699  5.056   -0.689  1.00 57.72  ? 324 ILE C O     1 
ATOM 812  C CB    . ILE C 3 52  ? 12.915  3.730   -2.845  1.00 52.19  ? 324 ILE C CB    1 
ATOM 813  C CG1   . ILE C 3 52  ? 11.922  4.046   -1.752  1.00 53.60  ? 324 ILE C CG1   1 
ATOM 814  C CG2   . ILE C 3 52  ? 12.389  2.601   -3.693  1.00 50.36  ? 324 ILE C CG2   1 
ATOM 815  C CD1   . ILE C 3 52  ? 10.925  5.101   -2.127  1.00 53.98  ? 324 ILE C CD1   1 
ATOM 816  N N     . SER C 3 53  ? 15.841  5.122   -2.586  1.00 55.68  ? 325 SER C N     1 
ATOM 817  C CA    . SER C 3 53  ? 16.648  6.251   -2.189  1.00 53.01  ? 325 SER C CA    1 
ATOM 818  C C     . SER C 3 53  ? 16.407  7.499   -2.959  1.00 53.90  ? 325 SER C C     1 
ATOM 819  O O     . SER C 3 53  ? 17.047  8.479   -2.733  1.00 53.11  ? 325 SER C O     1 
ATOM 820  C CB    . SER C 3 53  ? 18.123  5.903   -2.304  1.00 55.28  ? 325 SER C CB    1 
ATOM 821  O OG    . SER C 3 53  ? 18.371  4.516   -2.322  1.00 57.44  ? 325 SER C OG    1 
ATOM 822  N N     . GLN C 3 54  ? 15.485  7.470   -3.886  1.00 60.14  ? 326 GLN C N     1 
ATOM 823  C CA    . GLN C 3 54  ? 15.210  8.653   -4.649  1.00 65.28  ? 326 GLN C CA    1 
ATOM 824  C C     . GLN C 3 54  ? 13.841  9.107   -4.267  1.00 60.79  ? 326 GLN C C     1 
ATOM 825  O O     . GLN C 3 54  ? 12.988  8.315   -4.026  1.00 60.42  ? 326 GLN C O     1 
ATOM 826  C CB    . GLN C 3 54  ? 15.285  8.385   -6.140  1.00 74.46  ? 326 GLN C CB    1 
ATOM 827  C CG    . GLN C 3 54  ? 16.286  7.330   -6.523  1.00 76.20  ? 326 GLN C CG    1 
ATOM 828  C CD    . GLN C 3 54  ? 17.699  7.811   -6.389  1.00 78.68  ? 326 GLN C CD    1 
ATOM 829  O OE1   . GLN C 3 54  ? 17.974  8.994   -6.506  1.00 74.80  ? 326 GLN C OE1   1 
ATOM 830  N NE2   . GLN C 3 54  ? 18.609  6.888   -6.146  1.00 82.53  ? 326 GLN C NE2   1 
ATOM 831  N N     . SER C 3 55  ? 13.633  10.400  -4.267  1.00 55.59  ? 327 SER C N     1 
ATOM 832  C CA    . SER C 3 55  ? 12.387  10.976  -3.870  1.00 54.02  ? 327 SER C CA    1 
ATOM 833  C C     . SER C 3 55  ? 11.264  10.464  -4.721  1.00 55.52  ? 327 SER C C     1 
ATOM 834  O O     . SER C 3 55  ? 10.158  10.393  -4.261  1.00 52.80  ? 327 SER C O     1 
ATOM 835  C CB    . SER C 3 55  ? 12.501  12.485  -3.923  1.00 56.14  ? 327 SER C CB    1 
ATOM 836  O OG    . SER C 3 55  ? 11.424  13.093  -4.573  1.00 58.37  ? 327 SER C OG    1 
ATOM 837  N N     . GLU C 3 56  ? 11.515  10.198  -5.989  1.00 60.35  ? 328 GLU C N     1 
ATOM 838  C CA    . GLU C 3 56  ? 10.509  9.631   -6.826  1.00 63.29  ? 328 GLU C CA    1 
ATOM 839  C C     . GLU C 3 56  ? 10.914  8.213   -6.852  1.00 51.58  ? 328 GLU C C     1 
ATOM 840  O O     . GLU C 3 56  ? 11.875  7.904   -7.447  1.00 59.94  ? 328 GLU C O     1 
ATOM 841  C CB    . GLU C 3 56  ? 10.646  10.189  -8.218  1.00 75.45  ? 328 GLU C CB    1 
ATOM 842  C CG    . GLU C 3 56  ? 11.365  11.520  -8.259  1.00 83.38  ? 328 GLU C CG    1 
ATOM 843  C CD    . GLU C 3 56  ? 12.829  11.359  -8.539  1.00 92.80  ? 328 GLU C CD    1 
ATOM 844  O OE1   . GLU C 3 56  ? 13.657  11.550  -7.618  1.00 90.22  ? 328 GLU C OE1   1 
ATOM 845  O OE2   . GLU C 3 56  ? 13.131  11.030  -9.697  1.00 97.31  ? 328 GLU C OE2   1 
ATOM 846  N N     . GLY C 3 57  ? 10.123  7.340   -6.292  1.00 45.76  ? 329 GLY C N     1 
ATOM 847  C CA    . GLY C 3 57  ? 10.481  5.942   -6.173  1.00 46.42  ? 329 GLY C CA    1 
ATOM 848  C C     . GLY C 3 57  ? 10.323  5.009   -7.345  1.00 43.31  ? 329 GLY C C     1 
ATOM 849  O O     . GLY C 3 57  ? 10.512  5.402   -8.458  1.00 38.60  ? 329 GLY C O     1 
ATOM 850  N N     . ILE C 3 58  ? 10.013  3.752   -7.070  1.00 43.07  ? 330 ILE C N     1 
ATOM 851  C CA    . ILE C 3 58  ? 9.932   2.802   -8.101  1.00 45.07  ? 330 ILE C CA    1 
ATOM 852  C C     . ILE C 3 58  ? 8.539   2.273   -8.160  1.00 44.20  ? 330 ILE C C     1 
ATOM 853  O O     . ILE C 3 58  ? 7.813   2.321   -7.224  1.00 47.61  ? 330 ILE C O     1 
ATOM 854  C CB    . ILE C 3 58  ? 10.855  1.656   -7.768  1.00 47.56  ? 330 ILE C CB    1 
ATOM 855  C CG1   . ILE C 3 58  ? 10.644  1.273   -6.330  1.00 49.41  ? 330 ILE C CG1   1 
ATOM 856  C CG2   . ILE C 3 58  ? 12.280  2.095   -7.919  1.00 46.59  ? 330 ILE C CG2   1 
ATOM 857  C CD1   . ILE C 3 58  ? 10.588  -0.201  -6.097  1.00 50.59  ? 330 ILE C CD1   1 
ATOM 858  N N     . PRO C 3 59  ? 8.146   1.835   -9.315  1.00 41.72  ? 331 PRO C N     1 
ATOM 859  C CA    . PRO C 3 59  ? 6.872   1.187   -9.564  1.00 42.19  ? 331 PRO C CA    1 
ATOM 860  C C     . PRO C 3 59  ? 6.806   -0.067  -8.726  1.00 41.43  ? 331 PRO C C     1 
ATOM 861  O O     . PRO C 3 59  ? 7.792   -0.714  -8.481  1.00 39.19  ? 331 PRO C O     1 
ATOM 862  C CB    . PRO C 3 59  ? 6.905   0.900   -11.041 1.00 43.86  ? 331 PRO C CB    1 
ATOM 863  C CG    . PRO C 3 59  ? 8.320   0.929   -11.395 1.00 45.72  ? 331 PRO C CG    1 
ATOM 864  C CD    . PRO C 3 59  ? 8.959   1.921   -10.513 1.00 43.36  ? 331 PRO C CD    1 
ATOM 865  N N     . LEU C 3 60  ? 5.607   -0.430  -8.339  1.00 38.37  ? 332 LEU C N     1 
ATOM 866  C CA    . LEU C 3 60  ? 5.422   -1.477  -7.376  1.00 37.78  ? 332 LEU C CA    1 
ATOM 867  C C     . LEU C 3 60  ? 4.102   -2.159  -7.699  1.00 40.37  ? 332 LEU C C     1 
ATOM 868  O O     . LEU C 3 60  ? 3.057   -1.514  -7.805  1.00 38.65  ? 332 LEU C O     1 
ATOM 869  C CB    . LEU C 3 60  ? 5.378   -0.832  -6.002  1.00 35.81  ? 332 LEU C CB    1 
ATOM 870  C CG    . LEU C 3 60  ? 5.389   -1.685  -4.750  1.00 34.85  ? 332 LEU C CG    1 
ATOM 871  C CD1   . LEU C 3 60  ? 6.754   -2.293  -4.530  1.00 34.96  ? 332 LEU C CD1   1 
ATOM 872  C CD2   . LEU C 3 60  ? 5.052   -0.793  -3.573  1.00 36.36  ? 332 LEU C CD2   1 
ATOM 873  N N     . LYS C 3 61  ? 4.169   -3.466  -7.885  1.00 43.28  ? 333 LYS C N     1 
ATOM 874  C CA    . LYS C 3 61  ? 3.048   -4.239  -8.368  1.00 46.04  ? 333 LYS C CA    1 
ATOM 875  C C     . LYS C 3 61  ? 2.563   -5.073  -7.212  1.00 43.66  ? 333 LYS C C     1 
ATOM 876  O O     . LYS C 3 61  ? 3.322   -5.810  -6.595  1.00 46.29  ? 333 LYS C O     1 
ATOM 877  C CB    . LYS C 3 61  ? 3.447   -5.130  -9.563  1.00 52.73  ? 333 LYS C CB    1 
ATOM 878  C CG    . LYS C 3 61  ? 2.868   -4.677  -10.898 1.00 62.08  ? 333 LYS C CG    1 
ATOM 879  C CD    . LYS C 3 61  ? 3.123   -5.644  -12.069 1.00 68.60  ? 333 LYS C CD    1 
ATOM 880  C CE    . LYS C 3 61  ? 2.582   -5.082  -13.401 1.00 71.26  ? 333 LYS C CE    1 
ATOM 881  N NZ    . LYS C 3 61  ? 3.595   -4.287  -14.177 1.00 70.28  ? 333 LYS C NZ    1 
ATOM 882  N N     . ILE C 3 62  ? 1.289   -4.954  -6.908  1.00 40.74  ? 334 ILE C N     1 
ATOM 883  C CA    . ILE C 3 62  ? 0.750   -5.614  -5.758  1.00 37.98  ? 334 ILE C CA    1 
ATOM 884  C C     . ILE C 3 62  ? -0.476  -6.329  -6.230  1.00 38.46  ? 334 ILE C C     1 
ATOM 885  O O     . ILE C 3 62  ? -1.326  -5.767  -6.942  1.00 36.34  ? 334 ILE C O     1 
ATOM 886  C CB    . ILE C 3 62  ? 0.404   -4.596  -4.695  1.00 36.29  ? 334 ILE C CB    1 
ATOM 887  C CG1   . ILE C 3 62  ? 1.687   -3.957  -4.205  1.00 36.54  ? 334 ILE C CG1   1 
ATOM 888  C CG2   . ILE C 3 62  ? -0.321  -5.262  -3.552  1.00 37.43  ? 334 ILE C CG2   1 
ATOM 889  C CD1   . ILE C 3 62  ? 1.457   -2.778  -3.304  1.00 37.32  ? 334 ILE C CD1   1 
ATOM 890  N N     . GLN C 3 63  ? -0.555  -7.589  -5.893  1.00 38.63  ? 335 GLN C N     1 
ATOM 891  C CA    . GLN C 3 63  ? -1.642  -8.375  -6.354  1.00 41.30  ? 335 GLN C CA    1 
ATOM 892  C C     . GLN C 3 63  ? -2.708  -8.587  -5.337  1.00 40.52  ? 335 GLN C C     1 
ATOM 893  O O     . GLN C 3 63  ? -2.429  -8.815  -4.201  1.00 36.81  ? 335 GLN C O     1 
ATOM 894  C CB    . GLN C 3 63  ? -1.130  -9.704  -6.840  1.00 45.78  ? 335 GLN C CB    1 
ATOM 895  C CG    . GLN C 3 63  ? -1.487  -9.982  -8.269  1.00 49.18  ? 335 GLN C CG    1 
ATOM 896  C CD    . GLN C 3 63  ? -1.480  -11.449 -8.579  1.00 53.88  ? 335 GLN C CD    1 
ATOM 897  O OE1   . GLN C 3 63  ? -0.609  -12.182 -8.153  1.00 51.46  ? 335 GLN C OE1   1 
ATOM 898  N NE2   . GLN C 3 63  ? -2.453  -11.879 -9.333  1.00 53.22  ? 335 GLN C NE2   1 
ATOM 899  N N     . ASP C 3 64  ? -3.946  -8.504  -5.788  1.00 38.66  ? 336 ASP C N     1 
ATOM 900  C CA    . ASP C 3 64  ? -5.066  -8.725  -4.934  1.00 35.94  ? 336 ASP C CA    1 
ATOM 901  C C     . ASP C 3 64  ? -5.482  -10.160 -5.013  1.00 36.29  ? 336 ASP C C     1 
ATOM 902  O O     . ASP C 3 64  ? -5.111  -10.877 -5.894  1.00 33.86  ? 336 ASP C O     1 
ATOM 903  C CB    . ASP C 3 64  ? -6.207  -7.736  -5.186  1.00 35.94  ? 336 ASP C CB    1 
ATOM 904  C CG    . ASP C 3 64  ? -7.105  -8.093  -6.348  1.00 37.47  ? 336 ASP C CG    1 
ATOM 905  O OD1   . ASP C 3 64  ? -7.437  -9.242  -6.604  1.00 38.54  ? 336 ASP C OD1   1 
ATOM 906  O OD2   . ASP C 3 64  ? -7.566  -7.175  -6.999  1.00 37.53  ? 336 ASP C OD2   1 
ATOM 907  N N     . VAL C 3 65  ? -6.346  -10.547 -4.111  1.00 38.50  ? 337 VAL C N     1 
ATOM 908  C CA    . VAL C 3 65  ? -6.788  -11.898 -4.023  1.00 38.27  ? 337 VAL C CA    1 
ATOM 909  C C     . VAL C 3 65  ? -7.404  -12.465 -5.234  1.00 39.06  ? 337 VAL C C     1 
ATOM 910  O O     . VAL C 3 65  ? -7.252  -13.605 -5.454  1.00 42.59  ? 337 VAL C O     1 
ATOM 911  C CB    . VAL C 3 65  ? -7.767  -12.109 -2.895  1.00 38.90  ? 337 VAL C CB    1 
ATOM 912  C CG1   . VAL C 3 65  ? -8.305  -13.503 -2.967  1.00 37.97  ? 337 VAL C CG1   1 
ATOM 913  C CG2   . VAL C 3 65  ? -7.086  -11.887 -1.581  1.00 40.61  ? 337 VAL C CG2   1 
ATOM 914  N N     . ARG C 3 66  ? -8.138  -11.694 -5.998  1.00 42.11  ? 338 ARG C N     1 
ATOM 915  C CA    . ARG C 3 66  ? -8.697  -12.244 -7.176  1.00 48.51  ? 338 ARG C CA    1 
ATOM 916  C C     . ARG C 3 66  ? -7.987  -11.919 -8.474  1.00 51.72  ? 338 ARG C C     1 
ATOM 917  O O     . ARG C 3 66  ? -8.619  -11.655 -9.454  1.00 55.07  ? 338 ARG C O     1 
ATOM 918  C CB    . ARG C 3 66  ? -10.181 -11.995 -7.248  1.00 51.55  ? 338 ARG C CB    1 
ATOM 919  C CG    . ARG C 3 66  ? -10.666 -10.654 -6.780  1.00 50.26  ? 338 ARG C CG    1 
ATOM 920  C CD    . ARG C 3 66  ? -12.114 -10.621 -7.152  1.00 50.84  ? 338 ARG C CD    1 
ATOM 921  N NE    . ARG C 3 66  ? -12.709 -9.337  -6.960  1.00 54.08  ? 338 ARG C NE    1 
ATOM 922  C CZ    . ARG C 3 66  ? -13.678 -8.874  -7.715  1.00 60.63  ? 338 ARG C CZ    1 
ATOM 923  N NH1   . ARG C 3 66  ? -14.134 -9.593  -8.706  1.00 57.53  ? 338 ARG C NH1   1 
ATOM 924  N NH2   . ARG C 3 66  ? -14.176 -7.688  -7.482  1.00 67.35  ? 338 ARG C NH2   1 
ATOM 925  N N     . GLY C 3 67  ? -6.665  -11.917 -8.457  1.00 54.41  ? 339 GLY C N     1 
ATOM 926  C CA    . GLY C 3 67  ? -5.886  -11.776 -9.687  1.00 54.11  ? 339 GLY C CA    1 
ATOM 927  C C     . GLY C 3 67  ? -5.331  -10.379 -9.875  1.00 54.29  ? 339 GLY C C     1 
ATOM 928  O O     . GLY C 3 67  ? -4.132  -10.223 -10.089 1.00 49.80  ? 339 GLY C O     1 
ATOM 929  N N     . ARG C 3 68  ? -6.188  -9.365  -9.750  1.00 54.51  ? 340 ARG C N     1 
ATOM 930  C CA    . ARG C 3 68  ? -5.868  -8.042  -10.245 1.00 55.34  ? 340 ARG C CA    1 
ATOM 931  C C     . ARG C 3 68  ? -4.515  -7.494  -9.704  1.00 53.88  ? 340 ARG C C     1 
ATOM 932  O O     . ARG C 3 68  ? -4.311  -7.352  -8.494  1.00 49.27  ? 340 ARG C O     1 
ATOM 933  C CB    . ARG C 3 68  ? -7.051  -7.073  -10.054 1.00 59.36  ? 340 ARG C CB    1 
ATOM 934  C CG    . ARG C 3 68  ? -6.819  -5.750  -10.766 1.00 71.95  ? 340 ARG C CG    1 
ATOM 935  C CD    . ARG C 3 68  ? -8.008  -5.204  -11.558 1.00 80.98  ? 340 ARG C CD    1 
ATOM 936  N NE    . ARG C 3 68  ? -7.583  -4.079  -12.416 1.00 84.03  ? 340 ARG C NE    1 
ATOM 937  C CZ    . ARG C 3 68  ? -8.393  -3.284  -13.121 1.00 86.31  ? 340 ARG C CZ    1 
ATOM 938  N NH1   . ARG C 3 68  ? -9.719  -3.456  -13.106 1.00 87.56  ? 340 ARG C NH1   1 
ATOM 939  N NH2   . ARG C 3 68  ? -7.868  -2.291  -13.841 1.00 85.43  ? 340 ARG C NH2   1 
ATOM 940  N N     . GLU C 3 69  ? -3.575  -7.279  -10.636 1.00 52.96  ? 341 GLU C N     1 
ATOM 941  C CA    . GLU C 3 69  ? -2.314  -6.598  -10.360 1.00 51.36  ? 341 GLU C CA    1 
ATOM 942  C C     . GLU C 3 69  ? -2.642  -5.134  -10.399 1.00 47.14  ? 341 GLU C C     1 
ATOM 943  O O     . GLU C 3 69  ? -3.243  -4.671  -11.352 1.00 45.56  ? 341 GLU C O     1 
ATOM 944  C CB    . GLU C 3 69  ? -1.251  -6.887  -11.425 1.00 55.67  ? 341 GLU C CB    1 
ATOM 945  C CG    . GLU C 3 69  ? -0.704  -8.322  -11.448 1.00 61.53  ? 341 GLU C CG    1 
ATOM 946  C CD    . GLU C 3 69  ? 0.573   -8.541  -10.628 1.00 66.70  ? 341 GLU C CD    1 
ATOM 947  O OE1   . GLU C 3 69  ? 1.210   -7.561  -10.203 1.00 71.88  ? 341 GLU C OE1   1 
ATOM 948  O OE2   . GLU C 3 69  ? 0.963   -9.711  -10.411 1.00 68.76  ? 341 GLU C OE2   1 
ATOM 949  N N     . TRP C 3 70  ? -2.312  -4.429  -9.330  1.00 44.04  ? 342 TRP C N     1 
ATOM 950  C CA    . TRP C 3 70  ? -2.366  -2.978  -9.303  1.00 42.96  ? 342 TRP C CA    1 
ATOM 951  C C     . TRP C 3 70  ? -0.949  -2.555  -9.392  1.00 42.17  ? 342 TRP C C     1 
ATOM 952  O O     . TRP C 3 70  ? -0.091  -3.261  -8.874  1.00 42.86  ? 342 TRP C O     1 
ATOM 953  C CB    . TRP C 3 70  ? -2.963  -2.492  -7.980  1.00 42.30  ? 342 TRP C CB    1 
ATOM 954  C CG    . TRP C 3 70  ? -4.314  -2.991  -7.866  1.00 40.84  ? 342 TRP C CG    1 
ATOM 955  C CD1   . TRP C 3 70  ? -4.740  -4.122  -7.223  1.00 37.49  ? 342 TRP C CD1   1 
ATOM 956  C CD2   . TRP C 3 70  ? -5.438  -2.441  -8.512  1.00 39.94  ? 342 TRP C CD2   1 
ATOM 957  N NE1   . TRP C 3 70  ? -6.081  -4.285  -7.408  1.00 35.94  ? 342 TRP C NE1   1 
ATOM 958  C CE2   . TRP C 3 70  ? -6.540  -3.263  -8.194  1.00 38.35  ? 342 TRP C CE2   1 
ATOM 959  C CE3   . TRP C 3 70  ? -5.625  -1.321  -9.326  1.00 39.36  ? 342 TRP C CE3   1 
ATOM 960  C CZ2   . TRP C 3 70  ? -7.816  -3.006  -8.672  1.00 40.72  ? 342 TRP C CZ2   1 
ATOM 961  C CZ3   . TRP C 3 70  ? -6.882  -1.055  -9.794  1.00 42.95  ? 342 TRP C CZ3   1 
ATOM 962  C CH2   . TRP C 3 70  ? -7.981  -1.898  -9.465  1.00 42.67  ? 342 TRP C CH2   1 
ATOM 963  N N     . THR C 3 71  ? -0.694  -1.417  -10.030 1.00 42.33  ? 343 THR C N     1 
ATOM 964  C CA    . THR C 3 71  ? 0.652   -0.851  -10.043 1.00 42.92  ? 343 THR C CA    1 
ATOM 965  C C     . THR C 3 71  ? 0.645   0.594   -9.564  1.00 40.30  ? 343 THR C C     1 
ATOM 966  O O     . THR C 3 71  ? 0.037   1.465   -10.200 1.00 37.83  ? 343 THR C O     1 
ATOM 967  C CB    . THR C 3 71  ? 1.296   -0.910  -11.433 1.00 44.85  ? 343 THR C CB    1 
ATOM 968  O OG1   . THR C 3 71  ? 1.252   -2.245  -11.935 1.00 47.17  ? 343 THR C OG1   1 
ATOM 969  C CG2   . THR C 3 71  ? 2.743   -0.489  -11.351 1.00 47.14  ? 343 THR C CG2   1 
ATOM 970  N N     . PHE C 3 72  ? 1.316   0.829   -8.440  1.00 36.60  ? 344 PHE C N     1 
ATOM 971  C CA    . PHE C 3 72  ? 1.440   2.159   -7.879  1.00 36.34  ? 344 PHE C CA    1 
ATOM 972  C C     . PHE C 3 72  ? 2.875   2.584   -8.009  1.00 36.66  ? 344 PHE C C     1 
ATOM 973  O O     . PHE C 3 72  ? 3.765   1.714   -8.002  1.00 38.34  ? 344 PHE C O     1 
ATOM 974  C CB    . PHE C 3 72  ? 1.110   2.133   -6.404  1.00 37.16  ? 344 PHE C CB    1 
ATOM 975  C CG    . PHE C 3 72  ? -0.126  1.364   -6.068  1.00 36.43  ? 344 PHE C CG    1 
ATOM 976  C CD1   . PHE C 3 72  ? -1.382  1.931   -6.222  1.00 35.95  ? 344 PHE C CD1   1 
ATOM 977  C CD2   . PHE C 3 72  ? -0.035  0.071   -5.586  1.00 35.11  ? 344 PHE C CD2   1 
ATOM 978  C CE1   . PHE C 3 72  ? -2.516  1.210   -5.894  1.00 34.24  ? 344 PHE C CE1   1 
ATOM 979  C CE2   . PHE C 3 72  ? -1.165  -0.641  -5.257  1.00 33.79  ? 344 PHE C CE2   1 
ATOM 980  C CZ    . PHE C 3 72  ? -2.401  -0.075  -5.418  1.00 33.19  ? 344 PHE C CZ    1 
ATOM 981  N N     . GLN C 3 73  ? 3.103   3.898   -8.121  1.00 35.25  ? 345 GLN C N     1 
ATOM 982  C CA    . GLN C 3 73  ? 4.446   4.454   -7.911  1.00 36.56  ? 345 GLN C CA    1 
ATOM 983  C C     . GLN C 3 73  ? 4.534   4.558   -6.420  1.00 33.22  ? 345 GLN C C     1 
ATOM 984  O O     . GLN C 3 73  ? 3.640   5.087   -5.812  1.00 29.79  ? 345 GLN C O     1 
ATOM 985  C CB    . GLN C 3 73  ? 4.690   5.843   -8.558  1.00 38.97  ? 345 GLN C CB    1 
ATOM 986  C CG    . GLN C 3 73  ? 5.371   5.796   -9.927  1.00 42.87  ? 345 GLN C CG    1 
ATOM 987  C CD    . GLN C 3 73  ? 6.711   5.042   -9.928  1.00 44.52  ? 345 GLN C CD    1 
ATOM 988  O OE1   . GLN C 3 73  ? 7.551   5.245   -9.046  1.00 45.31  ? 345 GLN C OE1   1 
ATOM 989  N NE2   . GLN C 3 73  ? 6.912   4.180   -10.927 1.00 40.07  ? 345 GLN C NE2   1 
ATOM 990  N N     . PHE C 3 74  ? 5.601   4.009   -5.865  1.00 32.79  ? 346 PHE C N     1 
ATOM 991  C CA    . PHE C 3 74  ? 5.901   4.048   -4.455  1.00 34.87  ? 346 PHE C CA    1 
ATOM 992  C C     . PHE C 3 74  ? 7.023   5.052   -4.306  1.00 36.10  ? 346 PHE C C     1 
ATOM 993  O O     . PHE C 3 74  ? 8.066   4.916   -4.916  1.00 37.60  ? 346 PHE C O     1 
ATOM 994  C CB    . PHE C 3 74  ? 6.355   2.672   -3.998  1.00 36.61  ? 346 PHE C CB    1 
ATOM 995  C CG    . PHE C 3 74  ? 6.984   2.656   -2.634  1.00 39.77  ? 346 PHE C CG    1 
ATOM 996  C CD1   . PHE C 3 74  ? 6.366   3.253   -1.565  1.00 41.98  ? 346 PHE C CD1   1 
ATOM 997  C CD2   . PHE C 3 74  ? 8.184   2.015   -2.412  1.00 42.01  ? 346 PHE C CD2   1 
ATOM 998  C CE1   . PHE C 3 74  ? 6.933   3.205   -0.307  1.00 42.20  ? 346 PHE C CE1   1 
ATOM 999  C CE2   . PHE C 3 74  ? 8.765   1.982   -1.155  1.00 40.92  ? 346 PHE C CE2   1 
ATOM 1000 C CZ    . PHE C 3 74  ? 8.139   2.579   -0.102  1.00 40.93  ? 346 PHE C CZ    1 
ATOM 1001 N N     . ARG C 3 75  ? 6.817   6.038   -3.465  1.00 37.66  ? 347 ARG C N     1 
ATOM 1002 C CA    . ARG C 3 75  ? 7.505   7.302   -3.601  1.00 37.43  ? 347 ARG C CA    1 
ATOM 1003 C C     . ARG C 3 75  ? 7.615   7.974   -2.248  1.00 35.46  ? 347 ARG C C     1 
ATOM 1004 O O     . ARG C 3 75  ? 6.799   7.713   -1.375  1.00 31.87  ? 347 ARG C O     1 
ATOM 1005 C CB    . ARG C 3 75  ? 6.651   8.160   -4.513  1.00 39.79  ? 347 ARG C CB    1 
ATOM 1006 C CG    . ARG C 3 75  ? 7.220   9.515   -4.746  1.00 43.63  ? 347 ARG C CG    1 
ATOM 1007 C CD    . ARG C 3 75  ? 6.177   10.537  -5.028  1.00 49.47  ? 347 ARG C CD    1 
ATOM 1008 N NE    . ARG C 3 75  ? 6.895   11.782  -5.149  1.00 62.03  ? 347 ARG C NE    1 
ATOM 1009 C CZ    . ARG C 3 75  ? 7.559   12.187  -6.231  1.00 74.35  ? 347 ARG C CZ    1 
ATOM 1010 N NH1   . ARG C 3 75  ? 7.614   11.460  -7.358  1.00 80.78  ? 347 ARG C NH1   1 
ATOM 1011 N NH2   . ARG C 3 75  ? 8.187   13.355  -6.181  1.00 85.11  ? 347 ARG C NH2   1 
ATOM 1012 N N     . TYR C 3 76  ? 8.601   8.840   -2.061  1.00 35.16  ? 348 TYR C N     1 
ATOM 1013 C CA    . TYR C 3 76  ? 8.597   9.679   -0.869  1.00 35.64  ? 348 TYR C CA    1 
ATOM 1014 C C     . TYR C 3 76  ? 8.872   11.120  -1.130  1.00 33.33  ? 348 TYR C C     1 
ATOM 1015 O O     . TYR C 3 76  ? 9.147   11.508  -2.246  1.00 34.69  ? 348 TYR C O     1 
ATOM 1016 C CB    . TYR C 3 76  ? 9.572   9.148   0.149   1.00 37.84  ? 348 TYR C CB    1 
ATOM 1017 C CG    . TYR C 3 76  ? 11.013  9.275   -0.212  1.00 41.84  ? 348 TYR C CG    1 
ATOM 1018 C CD1   . TYR C 3 76  ? 11.700  10.489  -0.060  1.00 42.81  ? 348 TYR C CD1   1 
ATOM 1019 C CD2   . TYR C 3 76  ? 11.725  8.157   -0.642  1.00 45.58  ? 348 TYR C CD2   1 
ATOM 1020 C CE1   . TYR C 3 76  ? 13.045  10.580  -0.362  1.00 46.05  ? 348 TYR C CE1   1 
ATOM 1021 C CE2   . TYR C 3 76  ? 13.073  8.236   -0.940  1.00 47.07  ? 348 TYR C CE2   1 
ATOM 1022 C CZ    . TYR C 3 76  ? 13.727  9.444   -0.802  1.00 47.57  ? 348 TYR C CZ    1 
ATOM 1023 O OH    . TYR C 3 76  ? 15.058  9.484   -1.110  1.00 49.04  ? 348 TYR C OH    1 
ATOM 1024 N N     . TRP C 3 77  ? 8.762   11.925  -0.095  1.00 33.30  ? 349 TRP C N     1 
ATOM 1025 C CA    . TRP C 3 77  ? 9.223   13.297  -0.168  1.00 36.88  ? 349 TRP C CA    1 
ATOM 1026 C C     . TRP C 3 77  ? 10.049  13.558  1.045   1.00 37.71  ? 349 TRP C C     1 
ATOM 1027 O O     . TRP C 3 77  ? 9.864   12.907  2.054   1.00 38.54  ? 349 TRP C O     1 
ATOM 1028 C CB    . TRP C 3 77  ? 8.057   14.285  -0.135  1.00 38.88  ? 349 TRP C CB    1 
ATOM 1029 C CG    . TRP C 3 77  ? 7.083   14.115  -1.214  1.00 42.00  ? 349 TRP C CG    1 
ATOM 1030 C CD1   . TRP C 3 77  ? 7.304   14.289  -2.553  1.00 45.50  ? 349 TRP C CD1   1 
ATOM 1031 C CD2   . TRP C 3 77  ? 5.723   13.743  -1.075  1.00 43.36  ? 349 TRP C CD2   1 
ATOM 1032 N NE1   . TRP C 3 77  ? 6.155   14.030  -3.258  1.00 46.53  ? 349 TRP C NE1   1 
ATOM 1033 C CE2   . TRP C 3 77  ? 5.170   13.680  -2.374  1.00 48.53  ? 349 TRP C CE2   1 
ATOM 1034 C CE3   . TRP C 3 77  ? 4.912   13.453  0.018   1.00 46.17  ? 349 TRP C CE3   1 
ATOM 1035 C CZ2   . TRP C 3 77  ? 3.822   13.343  -2.611  1.00 52.36  ? 349 TRP C CZ2   1 
ATOM 1036 C CZ3   . TRP C 3 77  ? 3.574   13.116  -0.207  1.00 51.41  ? 349 TRP C CZ3   1 
ATOM 1037 C CH2   . TRP C 3 77  ? 3.043   13.060  -1.520  1.00 51.92  ? 349 TRP C CH2   1 
ATOM 1038 N N     . PRO C 3 78  ? 10.802  14.608  1.006   1.00 41.40  ? 350 PRO C N     1 
ATOM 1039 C CA    . PRO C 3 78  ? 11.477  15.089  2.178   1.00 41.99  ? 350 PRO C CA    1 
ATOM 1040 C C     . PRO C 3 78  ? 10.428  15.595  3.148   1.00 40.13  ? 350 PRO C C     1 
ATOM 1041 O O     . PRO C 3 78  ? 9.498   16.230  2.743   1.00 40.52  ? 350 PRO C O     1 
ATOM 1042 C CB    . PRO C 3 78  ? 12.212  16.290  1.647   1.00 44.81  ? 350 PRO C CB    1 
ATOM 1043 C CG    . PRO C 3 78  ? 12.467  16.001  0.232   1.00 45.96  ? 350 PRO C CG    1 
ATOM 1044 C CD    . PRO C 3 78  ? 11.465  15.007  -0.230  1.00 46.22  ? 350 PRO C CD    1 
ATOM 1045 N N     . ASN C 3 79  ? 10.529  15.262  4.412   1.00 41.57  ? 351 ASN C N     1 
ATOM 1046 C CA    . ASN C 3 79  ? 9.612   15.802  5.374   1.00 46.17  ? 351 ASN C CA    1 
ATOM 1047 C C     . ASN C 3 79  ? 10.355  16.130  6.619   1.00 51.82  ? 351 ASN C C     1 
ATOM 1048 O O     . ASN C 3 79  ? 10.888  15.229  7.223   1.00 53.35  ? 351 ASN C O     1 
ATOM 1049 C CB    . ASN C 3 79  ? 8.501   14.843  5.695   1.00 44.58  ? 351 ASN C CB    1 
ATOM 1050 C CG    . ASN C 3 79  ? 7.323   15.544  6.275   1.00 42.96  ? 351 ASN C CG    1 
ATOM 1051 O OD1   . ASN C 3 79  ? 7.393   16.070  7.353   1.00 42.19  ? 351 ASN C OD1   1 
ATOM 1052 N ND2   . ASN C 3 79  ? 6.263   15.590  5.547   1.00 43.33  ? 351 ASN C ND2   1 
ATOM 1053 N N     . ASN C 3 80  ? 10.335  17.400  7.020   1.00 58.58  ? 352 ASN C N     1 
ATOM 1054 C CA    . ASN C 3 80  ? 11.071  17.882  8.188   1.00 62.34  ? 352 ASN C CA    1 
ATOM 1055 C C     . ASN C 3 80  ? 12.486  17.444  7.899   1.00 60.12  ? 352 ASN C C     1 
ATOM 1056 O O     . ASN C 3 80  ? 13.086  17.891  6.945   1.00 57.60  ? 352 ASN C O     1 
ATOM 1057 C CB    . ASN C 3 80  ? 10.510  17.409  9.525   1.00 65.58  ? 352 ASN C CB    1 
ATOM 1058 C CG    . ASN C 3 80  ? 9.400   18.286  10.022  1.00 68.39  ? 352 ASN C CG    1 
ATOM 1059 O OD1   . ASN C 3 80  ? 9.551   19.488  10.093  1.00 73.80  ? 352 ASN C OD1   1 
ATOM 1060 N ND2   . ASN C 3 80  ? 8.280   17.694  10.357  1.00 61.02  ? 352 ASN C ND2   1 
ATOM 1061 N N     . ASN C 3 81  ? 13.043  16.611  8.748   1.00 57.23  ? 353 ASN C N     1 
ATOM 1062 C CA    . ASN C 3 81  ? 14.324  16.084  8.413   1.00 55.21  ? 353 ASN C CA    1 
ATOM 1063 C C     . ASN C 3 81  ? 14.291  14.676  7.860   1.00 54.25  ? 353 ASN C C     1 
ATOM 1064 O O     . ASN C 3 81  ? 15.310  14.137  7.522   1.00 58.38  ? 353 ASN C O     1 
ATOM 1065 C CB    . ASN C 3 81  ? 15.304  16.174  9.533   1.00 53.90  ? 353 ASN C CB    1 
ATOM 1066 C CG    . ASN C 3 81  ? 16.698  16.135  9.021   1.00 55.57  ? 353 ASN C CG    1 
ATOM 1067 O OD1   . ASN C 3 81  ? 16.902  16.135  7.837   1.00 49.02  ? 353 ASN C OD1   1 
ATOM 1068 N ND2   . ASN C 3 81  ? 17.651  16.087  9.897   1.00 58.93  ? 353 ASN C ND2   1 
ATOM 1069 N N     . SER C 3 82  ? 13.120  14.088  7.760   1.00 50.06  ? 354 SER C N     1 
ATOM 1070 C CA    . SER C 3 82  ? 12.988  12.736  7.238   1.00 46.15  ? 354 SER C CA    1 
ATOM 1071 C C     . SER C 3 82  ? 12.309  12.609  5.877   1.00 43.03  ? 354 SER C C     1 
ATOM 1072 O O     . SER C 3 82  ? 12.649  13.280  4.943   1.00 39.27  ? 354 SER C O     1 
ATOM 1073 C CB    . SER C 3 82  ? 12.371  11.800  8.259   1.00 45.56  ? 354 SER C CB    1 
ATOM 1074 O OG    . SER C 3 82  ? 10.990  11.941  8.317   1.00 45.99  ? 354 SER C OG    1 
ATOM 1075 N N     . ARG C 3 83  ? 11.416  11.648  5.777   1.00 37.86  ? 355 ARG C N     1 
ATOM 1076 C CA    . ARG C 3 83  ? 10.705  11.369  4.580   1.00 35.20  ? 355 ARG C CA    1 
ATOM 1077 C C     . ARG C 3 83  ? 9.272   11.034  4.855   1.00 35.44  ? 355 ARG C C     1 
ATOM 1078 O O     . ARG C 3 83  ? 8.965   10.469  5.858   1.00 35.04  ? 355 ARG C O     1 
ATOM 1079 C CB    . ARG C 3 83  ? 11.290  10.104  3.972   1.00 35.27  ? 355 ARG C CB    1 
ATOM 1080 C CG    . ARG C 3 83  ? 12.715  10.164  3.540   1.00 34.50  ? 355 ARG C CG    1 
ATOM 1081 C CD    . ARG C 3 83  ? 13.201  8.808   3.170   1.00 37.35  ? 355 ARG C CD    1 
ATOM 1082 N NE    . ARG C 3 83  ? 14.455  8.864   2.467   1.00 43.26  ? 355 ARG C NE    1 
ATOM 1083 C CZ    . ARG C 3 83  ? 15.116  7.807   2.028   1.00 47.66  ? 355 ARG C CZ    1 
ATOM 1084 N NH1   . ARG C 3 83  ? 14.645  6.606   2.208   1.00 47.83  ? 355 ARG C NH1   1 
ATOM 1085 N NH2   . ARG C 3 83  ? 16.247  7.956   1.395   1.00 49.19  ? 355 ARG C NH2   1 
ATOM 1086 N N     . MET C 3 84  ? 8.392   11.394  3.943   1.00 34.13  ? 356 MET C N     1 
ATOM 1087 C CA    . MET C 3 84  ? 7.003   10.979  3.992   1.00 33.74  ? 356 MET C CA    1 
ATOM 1088 C C     . MET C 3 84  ? 6.788   10.028  2.858   1.00 29.42  ? 356 MET C C     1 
ATOM 1089 O O     . MET C 3 84  ? 7.233   10.284  1.762   1.00 27.56  ? 356 MET C O     1 
ATOM 1090 C CB    . MET C 3 84  ? 6.092   12.186  3.839   1.00 37.37  ? 356 MET C CB    1 
ATOM 1091 C CG    . MET C 3 84  ? 4.608   11.853  3.874   1.00 40.43  ? 356 MET C CG    1 
ATOM 1092 S SD    . MET C 3 84  ? 3.599   13.302  4.250   1.00 47.79  ? 356 MET C SD    1 
ATOM 1093 C CE    . MET C 3 84  ? 1.949   12.629  4.095   1.00 49.26  ? 356 MET C CE    1 
ATOM 1094 N N     . TYR C 3 85  ? 6.088   8.944   3.109   1.00 27.39  ? 357 TYR C N     1 
ATOM 1095 C CA    . TYR C 3 85  ? 5.893   7.951   2.080   1.00 26.98  ? 357 TYR C CA    1 
ATOM 1096 C C     . TYR C 3 85  ? 4.471   7.908   1.569   1.00 26.40  ? 357 TYR C C     1 
ATOM 1097 O O     . TYR C 3 85  ? 3.506   8.113   2.326   1.00 25.91  ? 357 TYR C O     1 
ATOM 1098 C CB    . TYR C 3 85  ? 6.268   6.579   2.600   1.00 27.96  ? 357 TYR C CB    1 
ATOM 1099 C CG    . TYR C 3 85  ? 7.755   6.341   2.658   1.00 29.86  ? 357 TYR C CG    1 
ATOM 1100 C CD1   . TYR C 3 85  ? 8.525   6.943   3.654   1.00 31.93  ? 357 TYR C CD1   1 
ATOM 1101 C CD2   . TYR C 3 85  ? 8.400   5.489   1.742   1.00 29.46  ? 357 TYR C CD2   1 
ATOM 1102 C CE1   . TYR C 3 85  ? 9.894   6.726   3.738   1.00 33.42  ? 357 TYR C CE1   1 
ATOM 1103 C CE2   . TYR C 3 85  ? 9.775   5.261   1.810   1.00 31.49  ? 357 TYR C CE2   1 
ATOM 1104 C CZ    . TYR C 3 85  ? 10.523  5.885   2.818   1.00 33.84  ? 357 TYR C CZ    1 
ATOM 1105 O OH    . TYR C 3 85  ? 11.889  5.713   2.952   1.00 34.51  ? 357 TYR C OH    1 
ATOM 1106 N N     . VAL C 3 86  ? 4.361   7.611   0.268   1.00 26.88  ? 358 VAL C N     1 
ATOM 1107 C CA    . VAL C 3 86  ? 3.081   7.352   -0.417  1.00 25.69  ? 358 VAL C CA    1 
ATOM 1108 C C     . VAL C 3 86  ? 3.147   6.332   -1.542  1.00 24.40  ? 358 VAL C C     1 
ATOM 1109 O O     . VAL C 3 86  ? 4.138   6.239   -2.275  1.00 22.02  ? 358 VAL C O     1 
ATOM 1110 C CB    . VAL C 3 86  ? 2.487   8.599   -1.090  1.00 25.94  ? 358 VAL C CB    1 
ATOM 1111 C CG1   . VAL C 3 86  ? 2.372   9.735   -0.108  1.00 27.98  ? 358 VAL C CG1   1 
ATOM 1112 C CG2   . VAL C 3 86  ? 3.327   9.043   -2.268  1.00 26.52  ? 358 VAL C CG2   1 
ATOM 1113 N N     . LEU C 3 87  ? 2.052   5.594   -1.654  1.00 23.34  ? 359 LEU C N     1 
ATOM 1114 C CA    . LEU C 3 87  ? 1.623   5.084   -2.900  1.00 23.79  ? 359 LEU C CA    1 
ATOM 1115 C C     . LEU C 3 87  ? 0.797   6.117   -3.641  1.00 27.06  ? 359 LEU C C     1 
ATOM 1116 O O     . LEU C 3 87  ? -0.221  6.622   -3.104  1.00 28.45  ? 359 LEU C O     1 
ATOM 1117 C CB    . LEU C 3 87  ? 0.757   3.890   -2.692  1.00 22.74  ? 359 LEU C CB    1 
ATOM 1118 C CG    . LEU C 3 87  ? 1.439   2.764   -2.005  1.00 22.18  ? 359 LEU C CG    1 
ATOM 1119 C CD1   . LEU C 3 87  ? 0.514   1.570   -2.131  1.00 22.27  ? 359 LEU C CD1   1 
ATOM 1120 C CD2   . LEU C 3 87  ? 2.776   2.464   -2.656  1.00 22.61  ? 359 LEU C CD2   1 
ATOM 1121 N N     . GLU C 3 88  ? 1.212   6.368   -4.896  1.00 31.30  ? 360 GLU C N     1 
ATOM 1122 C CA    . GLU C 3 88  ? 0.498   7.222   -5.840  1.00 33.39  ? 360 GLU C CA    1 
ATOM 1123 C C     . GLU C 3 88  ? -0.332  6.388   -6.792  1.00 32.44  ? 360 GLU C C     1 
ATOM 1124 O O     . GLU C 3 88  ? 0.044   5.242   -7.139  1.00 27.48  ? 360 GLU C O     1 
ATOM 1125 C CB    . GLU C 3 88  ? 1.467   8.061   -6.631  1.00 35.69  ? 360 GLU C CB    1 
ATOM 1126 C CG    . GLU C 3 88  ? 2.426   8.799   -5.740  1.00 39.95  ? 360 GLU C CG    1 
ATOM 1127 C CD    . GLU C 3 88  ? 3.175   9.878   -6.470  1.00 46.11  ? 360 GLU C CD    1 
ATOM 1128 O OE1   . GLU C 3 88  ? 3.981   9.504   -7.371  1.00 51.29  ? 360 GLU C OE1   1 
ATOM 1129 O OE2   . GLU C 3 88  ? 2.956   11.082  -6.133  1.00 49.72  ? 360 GLU C OE2   1 
ATOM 1130 N N     . GLY C 3 89  ? -1.460  6.996   -7.185  1.00 33.51  ? 361 GLY C N     1 
ATOM 1131 C CA    . GLY C 3 89  ? -2.379  6.459   -8.197  1.00 34.26  ? 361 GLY C CA    1 
ATOM 1132 C C     . GLY C 3 89  ? -3.174  5.269   -7.744  1.00 31.36  ? 361 GLY C C     1 
ATOM 1133 O O     . GLY C 3 89  ? -3.176  4.216   -8.383  1.00 31.35  ? 361 GLY C O     1 
ATOM 1134 N N     . VAL C 3 90  ? -3.841  5.456   -6.628  1.00 30.69  ? 362 VAL C N     1 
ATOM 1135 C CA    . VAL C 3 90  ? -4.533  4.369   -5.986  1.00 32.00  ? 362 VAL C CA    1 
ATOM 1136 C C     . VAL C 3 90  ? -5.999  4.370   -6.328  1.00 33.30  ? 362 VAL C C     1 
ATOM 1137 O O     . VAL C 3 90  ? -6.667  3.371   -6.068  1.00 34.37  ? 362 VAL C O     1 
ATOM 1138 C CB    . VAL C 3 90  ? -4.380  4.370   -4.433  1.00 31.03  ? 362 VAL C CB    1 
ATOM 1139 C CG1   . VAL C 3 90  ? -2.914  4.419   -3.999  1.00 30.28  ? 362 VAL C CG1   1 
ATOM 1140 C CG2   . VAL C 3 90  ? -5.150  5.514   -3.794  1.00 31.50  ? 362 VAL C CG2   1 
ATOM 1141 N N     . THR C 3 91  ? -6.517  5.465   -6.885  1.00 34.41  ? 363 THR C N     1 
ATOM 1142 C CA    . THR C 3 91  ? -7.971  5.605   -6.940  1.00 34.75  ? 363 THR C CA    1 
ATOM 1143 C C     . THR C 3 91  ? -8.667  4.470   -7.665  1.00 33.63  ? 363 THR C C     1 
ATOM 1144 O O     . THR C 3 91  ? -9.639  3.926   -7.136  1.00 29.03  ? 363 THR C O     1 
ATOM 1145 C CB    . THR C 3 91  ? -8.421  6.923   -7.547  1.00 34.82  ? 363 THR C CB    1 
ATOM 1146 O OG1   . THR C 3 91  ? -7.712  7.993   -6.912  1.00 36.70  ? 363 THR C OG1   1 
ATOM 1147 C CG2   . THR C 3 91  ? -9.924  7.081   -7.314  1.00 36.34  ? 363 THR C CG2   1 
ATOM 1148 N N     . PRO C 3 92  ? -8.153  4.092   -8.853  1.00 36.38  ? 364 PRO C N     1 
ATOM 1149 C CA    . PRO C 3 92  ? -8.653  2.884   -9.522  1.00 38.79  ? 364 PRO C CA    1 
ATOM 1150 C C     . PRO C 3 92  ? -8.725  1.697   -8.578  1.00 39.14  ? 364 PRO C C     1 
ATOM 1151 O O     . PRO C 3 92  ? -9.809  1.118   -8.430  1.00 41.53  ? 364 PRO C O     1 
ATOM 1152 C CB    . PRO C 3 92  ? -7.629  2.632   -10.635 1.00 38.15  ? 364 PRO C CB    1 
ATOM 1153 C CG    . PRO C 3 92  ? -7.116  3.989   -10.941 1.00 39.62  ? 364 PRO C CG    1 
ATOM 1154 C CD    . PRO C 3 92  ? -7.054  4.709   -9.621  1.00 38.76  ? 364 PRO C CD    1 
ATOM 1155 N N     . CYS C 3 93  ? -7.610  1.370   -7.914  1.00 37.06  ? 365 CYS C N     1 
ATOM 1156 C CA    . CYS C 3 93  ? -7.627  0.280   -6.915  1.00 36.63  ? 365 CYS C CA    1 
ATOM 1157 C C     . CYS C 3 93  ? -8.674  0.454   -5.816  1.00 32.87  ? 365 CYS C C     1 
ATOM 1158 O O     . CYS C 3 93  ? -9.436  -0.438  -5.510  1.00 28.64  ? 365 CYS C O     1 
ATOM 1159 C CB    . CYS C 3 93  ? -6.261  0.109   -6.263  1.00 37.50  ? 365 CYS C CB    1 
ATOM 1160 S SG    . CYS C 3 93  ? -6.182  -1.320  -5.159  1.00 36.88  ? 365 CYS C SG    1 
ATOM 1161 N N     . ILE C 3 94  ? -8.689  1.626   -5.226  1.00 33.19  ? 366 ILE C N     1 
ATOM 1162 C CA    . ILE C 3 94  ? -9.584  1.879   -4.140  1.00 34.60  ? 366 ILE C CA    1 
ATOM 1163 C C     . ILE C 3 94  ? -10.969 1.664   -4.587  1.00 34.95  ? 366 ILE C C     1 
ATOM 1164 O O     . ILE C 3 94  ? -11.725 1.011   -3.893  1.00 35.39  ? 366 ILE C O     1 
ATOM 1165 C CB    . ILE C 3 94  ? -9.409  3.296   -3.576  1.00 36.43  ? 366 ILE C CB    1 
ATOM 1166 C CG1   . ILE C 3 94  ? -8.451  3.213   -2.380  1.00 38.28  ? 366 ILE C CG1   1 
ATOM 1167 C CG2   . ILE C 3 94  ? -10.723 3.919   -3.132  1.00 37.12  ? 366 ILE C CG2   1 
ATOM 1168 C CD1   . ILE C 3 94  ? -7.767  4.510   -2.002  1.00 39.64  ? 366 ILE C CD1   1 
ATOM 1169 N N     . GLN C 3 95  ? -11.309 2.225   -5.732  1.00 40.13  ? 367 GLN C N     1 
ATOM 1170 C CA    . GLN C 3 95  ? -12.712 2.282   -6.092  1.00 46.10  ? 367 GLN C CA    1 
ATOM 1171 C C     . GLN C 3 95  ? -13.175 0.973   -6.646  1.00 42.89  ? 367 GLN C C     1 
ATOM 1172 O O     . GLN C 3 95  ? -14.321 0.606   -6.404  1.00 40.07  ? 367 GLN C O     1 
ATOM 1173 C CB    . GLN C 3 95  ? -13.060 3.476   -6.976  1.00 52.44  ? 367 GLN C CB    1 
ATOM 1174 C CG    . GLN C 3 95  ? -13.478 4.674   -6.131  1.00 58.29  ? 367 GLN C CG    1 
ATOM 1175 C CD    . GLN C 3 95  ? -14.276 5.656   -6.928  1.00 71.88  ? 367 GLN C CD    1 
ATOM 1176 O OE1   . GLN C 3 95  ? -13.964 5.906   -8.096  1.00 82.93  ? 367 GLN C OE1   1 
ATOM 1177 N NE2   . GLN C 3 95  ? -15.329 6.207   -6.323  1.00 77.82  ? 367 GLN C NE2   1 
ATOM 1178 N N     . SER C 3 96  ? -12.288 0.225   -7.295  1.00 41.31  ? 368 SER C N     1 
ATOM 1179 C CA    . SER C 3 96  ? -12.602 -1.164  -7.583  1.00 41.56  ? 368 SER C CA    1 
ATOM 1180 C C     . SER C 3 96  ? -13.051 -1.852  -6.307  1.00 38.82  ? 368 SER C C     1 
ATOM 1181 O O     . SER C 3 96  ? -14.139 -2.401  -6.241  1.00 42.79  ? 368 SER C O     1 
ATOM 1182 C CB    . SER C 3 96  ? -11.424 -1.923  -8.180  1.00 43.39  ? 368 SER C CB    1 
ATOM 1183 O OG    . SER C 3 96  ? -11.693 -3.333  -8.159  1.00 47.76  ? 368 SER C OG    1 
ATOM 1184 N N     . MET C 3 97  ? -12.235 -1.765  -5.274  1.00 37.58  ? 369 MET C N     1 
ATOM 1185 C CA    . MET C 3 97  ? -12.523 -2.462  -4.024  1.00 36.86  ? 369 MET C CA    1 
ATOM 1186 C C     . MET C 3 97  ? -13.619 -1.796  -3.185  1.00 37.88  ? 369 MET C C     1 
ATOM 1187 O O     . MET C 3 97  ? -13.855 -2.239  -2.090  1.00 39.15  ? 369 MET C O     1 
ATOM 1188 C CB    . MET C 3 97  ? -11.261 -2.537  -3.148  1.00 34.25  ? 369 MET C CB    1 
ATOM 1189 C CG    . MET C 3 97  ? -10.008 -3.086  -3.795  1.00 32.03  ? 369 MET C CG    1 
ATOM 1190 S SD    . MET C 3 97  ? -9.000  -3.850  -2.519  1.00 31.08  ? 369 MET C SD    1 
ATOM 1191 C CE    . MET C 3 97  ? -7.507  -4.111  -3.448  1.00 31.55  ? 369 MET C CE    1 
ATOM 1192 N N     . MET C 3 98  ? -14.233 -0.709  -3.644  1.00 41.33  ? 370 MET C N     1 
ATOM 1193 C CA    . MET C 3 98  ? -15.295 0.004   -2.897  1.00 45.88  ? 370 MET C CA    1 
ATOM 1194 C C     . MET C 3 98  ? -14.915 0.554   -1.504  1.00 41.13  ? 370 MET C C     1 
ATOM 1195 O O     . MET C 3 98  ? -15.737 0.513   -0.585  1.00 37.86  ? 370 MET C O     1 
ATOM 1196 C CB    . MET C 3 98  ? -16.564 -0.869  -2.760  1.00 52.80  ? 370 MET C CB    1 
ATOM 1197 C CG    . MET C 3 98  ? -17.038 -1.543  -4.044  1.00 59.81  ? 370 MET C CG    1 
ATOM 1198 S SD    . MET C 3 98  ? -18.803 -1.911  -3.970  1.00 70.25  ? 370 MET C SD    1 
ATOM 1199 C CE    . MET C 3 98  ? -18.857 -3.315  -2.835  1.00 69.52  ? 370 MET C CE    1 
ATOM 1200 N N     . LEU C 3 99  ? -13.716 1.095   -1.339  1.00 36.85  ? 371 LEU C N     1 
ATOM 1201 C CA    . LEU C 3 99  ? -13.313 1.557   -0.004  1.00 37.73  ? 371 LEU C CA    1 
ATOM 1202 C C     . LEU C 3 99  ? -13.619 3.043   0.250   1.00 39.58  ? 371 LEU C C     1 
ATOM 1203 O O     . LEU C 3 99  ? -13.564 3.855   -0.676  1.00 39.55  ? 371 LEU C O     1 
ATOM 1204 C CB    . LEU C 3 99  ? -11.833 1.245   0.234   1.00 35.65  ? 371 LEU C CB    1 
ATOM 1205 C CG    . LEU C 3 99  ? -11.457 -0.241  0.056   1.00 33.06  ? 371 LEU C CG    1 
ATOM 1206 C CD1   . LEU C 3 99  ? -9.954  -0.489  0.116   1.00 29.98  ? 371 LEU C CD1   1 
ATOM 1207 C CD2   . LEU C 3 99  ? -12.169 -1.105  1.078   1.00 32.01  ? 371 LEU C CD2   1 
ATOM 1208 N N     . GLN C 3 100 ? -13.952 3.365   1.508   1.00 41.95  ? 372 GLN C N     1 
ATOM 1209 C CA    . GLN C 3 100 ? -14.169 4.744   2.023   1.00 42.69  ? 372 GLN C CA    1 
ATOM 1210 C C     . GLN C 3 100 ? -13.275 4.999   3.214   1.00 37.17  ? 372 GLN C C     1 
ATOM 1211 O O     . GLN C 3 100 ? -12.790 4.065   3.822   1.00 33.69  ? 372 GLN C O     1 
ATOM 1212 C CB    . GLN C 3 100 ? -15.610 4.900   2.509   1.00 48.12  ? 372 GLN C CB    1 
ATOM 1213 C CG    . GLN C 3 100 ? -16.582 5.354   1.427   1.00 55.35  ? 372 GLN C CG    1 
ATOM 1214 C CD    . GLN C 3 100 ? -18.030 4.938   1.687   1.00 58.92  ? 372 GLN C CD    1 
ATOM 1215 O OE1   . GLN C 3 100 ? -18.329 4.212   2.637   1.00 59.66  ? 372 GLN C OE1   1 
ATOM 1216 N NE2   . GLN C 3 100 ? -18.935 5.401   0.831   1.00 58.57  ? 372 GLN C NE2   1 
ATOM 1217 N N     . ALA C 3 101 ? -13.102 6.256   3.594   1.00 36.54  ? 373 ALA C N     1 
ATOM 1218 C CA    . ALA C 3 101 ? -12.309 6.575   4.802   1.00 36.76  ? 373 ALA C CA    1 
ATOM 1219 C C     . ALA C 3 101 ? -12.858 5.821   5.986   1.00 38.75  ? 373 ALA C C     1 
ATOM 1220 O O     . ALA C 3 101 ? -14.067 5.910   6.241   1.00 41.90  ? 373 ALA C O     1 
ATOM 1221 C CB    . ALA C 3 101 ? -12.304 8.065   5.110   1.00 35.68  ? 373 ALA C CB    1 
ATOM 1222 N N     . GLY C 3 102 ? -11.974 5.073   6.672   1.00 37.97  ? 374 GLY C N     1 
ATOM 1223 C CA    . GLY C 3 102 ? -12.316 4.242   7.840   1.00 37.14  ? 374 GLY C CA    1 
ATOM 1224 C C     . GLY C 3 102 ? -12.347 2.738   7.578   1.00 37.92  ? 374 GLY C C     1 
ATOM 1225 O O     . GLY C 3 102 ? -12.378 1.918   8.512   1.00 37.95  ? 374 GLY C O     1 
ATOM 1226 N N     . ASP C 3 103 ? -12.371 2.364   6.309   1.00 37.01  ? 375 ASP C N     1 
ATOM 1227 C CA    . ASP C 3 103 ? -12.078 0.996   5.931   1.00 36.61  ? 375 ASP C CA    1 
ATOM 1228 C C     . ASP C 3 103 ? -10.563 0.760   6.008   1.00 35.17  ? 375 ASP C C     1 
ATOM 1229 O O     . ASP C 3 103 ? -9.767  1.698   6.121   1.00 34.20  ? 375 ASP C O     1 
ATOM 1230 C CB    . ASP C 3 103 ? -12.650 0.719   4.556   1.00 39.36  ? 375 ASP C CB    1 
ATOM 1231 C CG    . ASP C 3 103 ? -14.142 1.126   4.451   1.00 46.41  ? 375 ASP C CG    1 
ATOM 1232 O OD1   . ASP C 3 103 ? -14.803 1.350   5.512   1.00 48.16  ? 375 ASP C OD1   1 
ATOM 1233 O OD2   . ASP C 3 103 ? -14.641 1.263   3.298   1.00 49.49  ? 375 ASP C OD2   1 
ATOM 1234 N N     . THR C 3 104 ? -10.163 -0.504  6.001   1.00 36.64  ? 376 THR C N     1 
ATOM 1235 C CA    . THR C 3 104 ? -8.752  -0.866  6.227   1.00 35.16  ? 376 THR C CA    1 
ATOM 1236 C C     . THR C 3 104 ? -8.241  -1.714  5.096   1.00 31.76  ? 376 THR C C     1 
ATOM 1237 O O     . THR C 3 104 ? -8.925  -2.649  4.665   1.00 28.02  ? 376 THR C O     1 
ATOM 1238 C CB    . THR C 3 104 ? -8.543  -1.645  7.543   1.00 35.20  ? 376 THR C CB    1 
ATOM 1239 O OG1   . THR C 3 104 ? -9.230  -0.984  8.617   1.00 33.52  ? 376 THR C OG1   1 
ATOM 1240 C CG2   . THR C 3 104 ? -7.049  -1.740  7.878   1.00 35.85  ? 376 THR C CG2   1 
ATOM 1241 N N     . VAL C 3 105 ? -7.042  -1.343  4.642   1.00 30.69  ? 377 VAL C N     1 
ATOM 1242 C CA    . VAL C 3 105 ? -6.271  -2.036  3.614   1.00 30.09  ? 377 VAL C CA    1 
ATOM 1243 C C     . VAL C 3 105 ? -5.112  -2.726  4.291   1.00 31.57  ? 377 VAL C C     1 
ATOM 1244 O O     . VAL C 3 105 ? -4.320  -2.056  5.004   1.00 29.69  ? 377 VAL C O     1 
ATOM 1245 C CB    . VAL C 3 105 ? -5.636  -1.048  2.636   1.00 29.79  ? 377 VAL C CB    1 
ATOM 1246 C CG1   . VAL C 3 105 ? -4.682  -1.745  1.681   1.00 31.57  ? 377 VAL C CG1   1 
ATOM 1247 C CG2   . VAL C 3 105 ? -6.699  -0.346  1.849   1.00 29.83  ? 377 VAL C CG2   1 
ATOM 1248 N N     . THR C 3 106 ? -4.993  -4.034  4.044   1.00 32.49  ? 378 THR C N     1 
ATOM 1249 C CA    . THR C 3 106 ? -3.926  -4.859  4.623   1.00 34.48  ? 378 THR C CA    1 
ATOM 1250 C C     . THR C 3 106 ? -2.928  -5.227  3.512   1.00 31.99  ? 378 THR C C     1 
ATOM 1251 O O     . THR C 3 106 ? -3.321  -5.657  2.441   1.00 33.87  ? 378 THR C O     1 
ATOM 1252 C CB    . THR C 3 106 ? -4.485  -6.149  5.283   1.00 37.89  ? 378 THR C CB    1 
ATOM 1253 O OG1   . THR C 3 106 ? -4.450  -7.218  4.331   1.00 44.67  ? 378 THR C OG1   1 
ATOM 1254 C CG2   . THR C 3 106 ? -5.968  -5.988  5.858   1.00 36.68  ? 378 THR C CG2   1 
ATOM 1255 N N     . PHE C 3 107 ? -1.650  -5.018  3.750   1.00 30.17  ? 379 PHE C N     1 
ATOM 1256 C CA    . PHE C 3 107 ? -0.603  -5.456  2.823   1.00 31.50  ? 379 PHE C CA    1 
ATOM 1257 C C     . PHE C 3 107 ? 0.109   -6.678  3.381   1.00 33.11  ? 379 PHE C C     1 
ATOM 1258 O O     . PHE C 3 107 ? 0.453   -6.705  4.580   1.00 35.82  ? 379 PHE C O     1 
ATOM 1259 C CB    . PHE C 3 107 ? 0.430   -4.358  2.653   1.00 31.63  ? 379 PHE C CB    1 
ATOM 1260 C CG    . PHE C 3 107 ? -0.112  -3.139  2.005   1.00 31.31  ? 379 PHE C CG    1 
ATOM 1261 C CD1   . PHE C 3 107 ? -0.378  -3.136  0.638   1.00 31.24  ? 379 PHE C CD1   1 
ATOM 1262 C CD2   . PHE C 3 107 ? -0.378  -1.994  2.748   1.00 31.11  ? 379 PHE C CD2   1 
ATOM 1263 C CE1   . PHE C 3 107 ? -0.922  -2.019  0.028   1.00 29.88  ? 379 PHE C CE1   1 
ATOM 1264 C CE2   . PHE C 3 107 ? -0.901  -0.860  2.141   1.00 29.79  ? 379 PHE C CE2   1 
ATOM 1265 C CZ    . PHE C 3 107 ? -1.177  -0.874  0.785   1.00 29.29  ? 379 PHE C CZ    1 
ATOM 1266 N N     . SER C 3 108 ? 0.354   -7.671  2.528   1.00 33.41  ? 380 SER C N     1 
ATOM 1267 C CA    . SER C 3 108 ? 1.001   -8.930  2.957   1.00 34.68  ? 380 SER C CA    1 
ATOM 1268 C C     . SER C 3 108 ? 2.027   -9.429  1.933   1.00 39.10  ? 380 SER C C     1 
ATOM 1269 O O     . SER C 3 108 ? 2.091   -8.946  0.801   1.00 41.72  ? 380 SER C O     1 
ATOM 1270 C CB    . SER C 3 108 ? -0.064  -9.987  3.266   1.00 31.59  ? 380 SER C CB    1 
ATOM 1271 O OG    . SER C 3 108 ? -0.949  -9.529  4.301   1.00 28.34  ? 380 SER C OG    1 
ATOM 1272 N N     . ARG C 3 109 ? 2.869   -10.359 2.349   1.00 46.91  ? 381 ARG C N     1 
ATOM 1273 C CA    . ARG C 3 109 ? 3.941   -10.863 1.489   1.00 53.71  ? 381 ARG C CA    1 
ATOM 1274 C C     . ARG C 3 109 ? 3.842   -12.353 1.446   1.00 52.90  ? 381 ARG C C     1 
ATOM 1275 O O     . ARG C 3 109 ? 3.634   -12.995 2.487   1.00 51.06  ? 381 ARG C O     1 
ATOM 1276 C CB    . ARG C 3 109 ? 5.329   -10.493 2.047   1.00 65.40  ? 381 ARG C CB    1 
ATOM 1277 C CG    . ARG C 3 109 ? 6.542   -10.723 1.111   1.00 70.20  ? 381 ARG C CG    1 
ATOM 1278 C CD    . ARG C 3 109 ? 7.875   -10.329 1.781   1.00 71.91  ? 381 ARG C CD    1 
ATOM 1279 N NE    . ARG C 3 109 ? 8.049   -10.974 3.100   1.00 68.86  ? 381 ARG C NE    1 
ATOM 1280 C CZ    . ARG C 3 109 ? 8.827   -10.537 4.095   1.00 69.08  ? 381 ARG C CZ    1 
ATOM 1281 N NH1   . ARG C 3 109 ? 9.566   -9.428  3.985   1.00 71.92  ? 381 ARG C NH1   1 
ATOM 1282 N NH2   . ARG C 3 109 ? 8.870   -11.220 5.232   1.00 67.29  ? 381 ARG C NH2   1 
ATOM 1283 N N     . VAL C 3 110 ? 4.025   -12.902 0.255   1.00 54.24  ? 382 VAL C N     1 
ATOM 1284 C CA    . VAL C 3 110 ? 4.103   -14.339 0.101   1.00 57.83  ? 382 VAL C CA    1 
ATOM 1285 C C     . VAL C 3 110 ? 5.540   -14.804 0.061   1.00 65.66  ? 382 VAL C C     1 
ATOM 1286 O O     . VAL C 3 110 ? 6.283   -14.455 -0.874  1.00 74.06  ? 382 VAL C O     1 
ATOM 1287 C CB    . VAL C 3 110 ? 3.443   -14.780 -1.184  1.00 56.33  ? 382 VAL C CB    1 
ATOM 1288 C CG1   . VAL C 3 110 ? 3.749   -16.246 -1.449  1.00 56.26  ? 382 VAL C CG1   1 
ATOM 1289 C CG2   . VAL C 3 110 ? 1.954   -14.541 -1.072  1.00 55.92  ? 382 VAL C CG2   1 
ATOM 1290 N N     . ASP C 3 111 ? 5.898   -15.608 1.062   1.00 70.61  ? 383 ASP C N     1 
ATOM 1291 C CA    . ASP C 3 111 ? 7.191   -16.284 1.139   1.00 78.16  ? 383 ASP C CA    1 
ATOM 1292 C C     . ASP C 3 111 ? 7.014   -17.814 0.893   1.00 89.18  ? 383 ASP C C     1 
ATOM 1293 O O     . ASP C 3 111 ? 5.893   -18.325 1.015   1.00 99.96  ? 383 ASP C O     1 
ATOM 1294 C CB    . ASP C 3 111 ? 7.835   -16.017 2.513   1.00 75.18  ? 383 ASP C CB    1 
ATOM 1295 C CG    . ASP C 3 111 ? 8.353   -14.586 2.659   1.00 75.05  ? 383 ASP C CG    1 
ATOM 1296 O OD1   . ASP C 3 111 ? 9.022   -14.078 1.733   1.00 72.49  ? 383 ASP C OD1   1 
ATOM 1297 O OD2   . ASP C 3 111 ? 8.105   -13.969 3.717   1.00 75.64  ? 383 ASP C OD2   1 
ATOM 1298 N N     . PRO C 3 112 ? 8.073   -18.545 0.509   1.00 91.45  ? 384 PRO C N     1 
ATOM 1299 C CA    . PRO C 3 112 ? 9.336   -17.965 0.048   1.00 87.82  ? 384 PRO C CA    1 
ATOM 1300 C C     . PRO C 3 112 ? 9.218   -17.430 -1.399  1.00 83.58  ? 384 PRO C C     1 
ATOM 1301 O O     . PRO C 3 112 ? 8.564   -18.041 -2.246  1.00 73.24  ? 384 PRO C O     1 
ATOM 1302 C CB    . PRO C 3 112 ? 10.321  -19.129 0.202   1.00 87.09  ? 384 PRO C CB    1 
ATOM 1303 C CG    . PRO C 3 112 ? 9.781   -19.907 1.369   1.00 84.53  ? 384 PRO C CG    1 
ATOM 1304 C CD    . PRO C 3 112 ? 8.292   -19.864 1.146   1.00 88.97  ? 384 PRO C CD    1 
ATOM 1305 N N     . GLY C 3 113 ? 9.866   -16.287 -1.635  1.00 84.40  ? 385 GLY C N     1 
ATOM 1306 C CA    . GLY C 3 113 ? 9.566   -15.364 -2.735  1.00 82.98  ? 385 GLY C CA    1 
ATOM 1307 C C     . GLY C 3 113 ? 9.327   -13.997 -2.104  1.00 80.57  ? 385 GLY C C     1 
ATOM 1308 O O     . GLY C 3 113 ? 9.243   -13.879 -0.887  1.00 76.83  ? 385 GLY C O     1 
ATOM 1309 N N     . GLY C 3 114 ? 9.227   -12.956 -2.913  1.00 80.67  ? 386 GLY C N     1 
ATOM 1310 C CA    . GLY C 3 114 ? 8.954   -11.623 -2.387  1.00 85.75  ? 386 GLY C CA    1 
ATOM 1311 C C     . GLY C 3 114 ? 7.671   -10.995 -2.909  1.00 89.20  ? 386 GLY C C     1 
ATOM 1312 O O     . GLY C 3 114 ? 7.623   -9.761  -3.061  1.00 99.92  ? 386 GLY C O     1 
ATOM 1313 N N     . LYS C 3 115 ? 6.630   -11.799 -3.184  1.00 77.99  ? 387 LYS C N     1 
ATOM 1314 C CA    . LYS C 3 115 ? 5.422   -11.235 -3.828  1.00 66.93  ? 387 LYS C CA    1 
ATOM 1315 C C     . LYS C 3 115 ? 4.625   -10.432 -2.836  1.00 58.48  ? 387 LYS C C     1 
ATOM 1316 O O     . LYS C 3 115 ? 4.336   -10.904 -1.732  1.00 60.15  ? 387 LYS C O     1 
ATOM 1317 C CB    . LYS C 3 115 ? 4.497   -12.268 -4.494  1.00 64.87  ? 387 LYS C CB    1 
ATOM 1318 C CG    . LYS C 3 115 ? 3.212   -11.618 -5.028  1.00 63.15  ? 387 LYS C CG    1 
ATOM 1319 C CD    . LYS C 3 115 ? 2.697   -12.193 -6.333  1.00 62.64  ? 387 LYS C CD    1 
ATOM 1320 C CE    . LYS C 3 115 ? 3.199   -11.438 -7.551  1.00 66.45  ? 387 LYS C CE    1 
ATOM 1321 N NZ    . LYS C 3 115 ? 2.186   -11.424 -8.641  1.00 68.73  ? 387 LYS C NZ    1 
ATOM 1322 N N     . LEU C 3 116 ? 4.278   -9.223  -3.260  1.00 49.37  ? 388 LEU C N     1 
ATOM 1323 C CA    . LEU C 3 116 ? 3.422   -8.346  -2.500  1.00 45.66  ? 388 LEU C CA    1 
ATOM 1324 C C     . LEU C 3 116 ? 1.969   -8.495  -2.943  1.00 45.28  ? 388 LEU C C     1 
ATOM 1325 O O     . LEU C 3 116 ? 1.633   -8.394  -4.154  1.00 47.47  ? 388 LEU C O     1 
ATOM 1326 C CB    . LEU C 3 116 ? 3.840   -6.906  -2.684  1.00 44.33  ? 388 LEU C CB    1 
ATOM 1327 C CG    . LEU C 3 116 ? 5.112   -6.517  -1.975  1.00 45.65  ? 388 LEU C CG    1 
ATOM 1328 C CD1   . LEU C 3 116 ? 5.494   -5.121  -2.437  1.00 47.27  ? 388 LEU C CD1   1 
ATOM 1329 C CD2   . LEU C 3 116 ? 4.920   -6.567  -0.466  1.00 47.75  ? 388 LEU C CD2   1 
ATOM 1330 N N     . ILE C 3 117 ? 1.121   -8.707  -1.936  1.00 38.90  ? 389 ILE C N     1 
ATOM 1331 C CA    . ILE C 3 117 ? -0.302  -8.837  -2.124  1.00 34.79  ? 389 ILE C CA    1 
ATOM 1332 C C     . ILE C 3 117 ? -1.029  -7.956  -1.151  1.00 33.85  ? 389 ILE C C     1 
ATOM 1333 O O     . ILE C 3 117 ? -0.461  -7.467  -0.148  1.00 33.34  ? 389 ILE C O     1 
ATOM 1334 C CB    . ILE C 3 117 ? -0.805  -10.268 -1.905  1.00 32.58  ? 389 ILE C CB    1 
ATOM 1335 C CG1   . ILE C 3 117 ? -0.709  -10.653 -0.450  1.00 33.85  ? 389 ILE C CG1   1 
ATOM 1336 C CG2   . ILE C 3 117 ? -0.008  -11.253 -2.715  1.00 32.55  ? 389 ILE C CG2   1 
ATOM 1337 C CD1   . ILE C 3 117 ? -1.157  -12.066 -0.171  1.00 36.32  ? 389 ILE C CD1   1 
ATOM 1338 N N     . MET C 3 118 ? -2.303  -7.770  -1.445  1.00 31.86  ? 390 MET C N     1 
ATOM 1339 C CA    . MET C 3 118 ? -3.077  -6.886  -0.654  1.00 31.43  ? 390 MET C CA    1 
ATOM 1340 C C     . MET C 3 118 ? -4.467  -7.373  -0.617  1.00 29.13  ? 390 MET C C     1 
ATOM 1341 O O     . MET C 3 118 ? -4.891  -8.169  -1.470  1.00 26.36  ? 390 MET C O     1 
ATOM 1342 C CB    . MET C 3 118 ? -3.032  -5.460  -1.209  1.00 33.52  ? 390 MET C CB    1 
ATOM 1343 C CG    . MET C 3 118 ? -3.877  -5.194  -2.448  1.00 35.38  ? 390 MET C CG    1 
ATOM 1344 S SD    . MET C 3 118 ? -3.618  -3.523  -3.134  1.00 42.56  ? 390 MET C SD    1 
ATOM 1345 C CE    . MET C 3 118 ? -4.464  -2.424  -1.991  1.00 41.60  ? 390 MET C CE    1 
ATOM 1346 N N     . GLY C 3 119 ? -5.149  -6.847  0.396   1.00 28.07  ? 391 GLY C N     1 
ATOM 1347 C CA    . GLY C 3 119 ? -6.562  -7.066  0.654   1.00 29.06  ? 391 GLY C CA    1 
ATOM 1348 C C     . GLY C 3 119 ? -7.092  -5.873  1.432   1.00 29.14  ? 391 GLY C C     1 
ATOM 1349 O O     . GLY C 3 119 ? -6.361  -4.913  1.689   1.00 30.93  ? 391 GLY C O     1 
ATOM 1350 N N     . SER C 3 120 ? -8.351  -5.945  1.825   1.00 29.43  ? 392 SER C N     1 
ATOM 1351 C CA    . SER C 3 120 ? -9.008  -4.838  2.478   1.00 32.37  ? 392 SER C CA    1 
ATOM 1352 C C     . SER C 3 120 ? -10.263 -5.285  3.134   1.00 35.48  ? 392 SER C C     1 
ATOM 1353 O O     . SER C 3 120 ? -10.868 -6.240  2.684   1.00 37.99  ? 392 SER C O     1 
ATOM 1354 C CB    . SER C 3 120 ? -9.423  -3.864  1.423   1.00 35.18  ? 392 SER C CB    1 
ATOM 1355 O OG    . SER C 3 120 ? -10.183 -4.543  0.424   1.00 36.05  ? 392 SER C OG    1 
ATOM 1356 N N     . ARG C 3 121 ? -10.694 -4.589  4.167   1.00 41.45  ? 393 ARG C N     1 
ATOM 1357 C CA    . ARG C 3 121 ? -11.971 -4.938  4.810   1.00 45.81  ? 393 ARG C CA    1 
ATOM 1358 C C     . ARG C 3 121 ? -12.673 -3.717  5.282   1.00 47.86  ? 393 ARG C C     1 
ATOM 1359 O O     . ARG C 3 121 ? -12.053 -2.679  5.515   1.00 49.36  ? 393 ARG C O     1 
ATOM 1360 C CB    . ARG C 3 121 ? -11.804 -5.908  5.977   1.00 49.28  ? 393 ARG C CB    1 
ATOM 1361 C CG    . ARG C 3 121 ? -10.996 -5.390  7.152   1.00 52.95  ? 393 ARG C CG    1 
ATOM 1362 C CD    . ARG C 3 121 ? -10.567 -6.539  8.048   1.00 56.81  ? 393 ARG C CD    1 
ATOM 1363 N NE    . ARG C 3 121 ? -9.243  -6.307  8.614   1.00 56.18  ? 393 ARG C NE    1 
ATOM 1364 C CZ    . ARG C 3 121 ? -8.982  -5.432  9.581   1.00 52.95  ? 393 ARG C CZ    1 
ATOM 1365 N NH1   . ARG C 3 121 ? -9.942  -4.664  10.106  1.00 49.98  ? 393 ARG C NH1   1 
ATOM 1366 N NH2   . ARG C 3 121 ? -7.739  -5.328  10.028  1.00 52.60  ? 393 ARG C NH2   1 
ATOM 1367 N N     . LYS C 3 122 ? -13.972 -3.879  5.449   1.00 49.79  ? 394 LYS C N     1 
ATOM 1368 C CA    . LYS C 3 122 ? -14.864 -2.763  5.510   1.00 52.95  ? 394 LYS C CA    1 
ATOM 1369 C C     . LYS C 3 122 ? -15.027 -2.271  6.908   1.00 51.22  ? 394 LYS C C     1 
ATOM 1370 O O     . LYS C 3 122 ? -14.767 -2.992  7.859   1.00 46.10  ? 394 LYS C O     1 
ATOM 1371 C CB    . LYS C 3 122 ? -16.215 -3.130  4.900   1.00 58.08  ? 394 LYS C CB    1 
ATOM 1372 C CG    . LYS C 3 122 ? -16.281 -2.857  3.406   1.00 64.24  ? 394 LYS C CG    1 
ATOM 1373 C CD    . LYS C 3 122 ? -16.019 -1.374  3.132   1.00 69.20  ? 394 LYS C CD    1 
ATOM 1374 C CE    . LYS C 3 122 ? -16.778 -0.795  1.941   1.00 73.55  ? 394 LYS C CE    1 
ATOM 1375 N NZ    . LYS C 3 122 ? -18.221 -0.498  2.179   1.00 76.50  ? 394 LYS C NZ    1 
ATOM 1376 N N     . ALA C 3 123 ? -15.456 -1.016  6.984   1.00 55.11  ? 395 ALA C N     1 
ATOM 1377 C CA    . ALA C 3 123 ? -15.703 -0.309  8.213   1.00 61.72  ? 395 ALA C CA    1 
ATOM 1378 C C     . ALA C 3 123 ? -16.404 -1.229  9.148   1.00 67.06  ? 395 ALA C C     1 
ATOM 1379 O O     . ALA C 3 123 ? -17.389 -1.864  8.743   1.00 66.08  ? 395 ALA C O     1 
ATOM 1380 C CB    . ALA C 3 123 ? -16.600 0.903   7.952   1.00 69.37  ? 395 ALA C CB    1 
ATOM 1381 N N     . ALA C 3 124 ? -15.891 -1.285  10.386  1.00 79.13  ? 396 ALA C N     1 
ATOM 1382 C CA    . ALA C 3 124 ? -16.516 -1.989  11.531  1.00 87.04  ? 396 ALA C CA    1 
ATOM 1383 C C     . ALA C 3 124 ? -18.065 -2.104  11.461  1.00 95.32  ? 396 ALA C C     1 
ATOM 1384 O O     . ALA C 3 124 ? -18.606 -3.198  11.626  1.00 95.14  ? 396 ALA C O     1 
ATOM 1385 C CB    . ALA C 3 124 ? -16.076 -1.336  12.855  1.00 80.37  ? 396 ALA C CB    1 
ATOM 1386 N N     . ASN C 3 125 ? -18.752 -0.995  11.159  1.00 102.44 ? 397 ASN C N     1 
ATOM 1387 C CA    . ASN C 3 125 ? -20.224 -0.920  11.241  1.00 99.95  ? 397 ASN C CA    1 
ATOM 1388 C C     . ASN C 3 125 ? -20.969 -1.882  10.302  1.00 89.59  ? 397 ASN C C     1 
ATOM 1389 O O     . ASN C 3 125 ? -20.909 -1.744  9.087   1.00 87.93  ? 397 ASN C O     1 
ATOM 1390 C CB    . ASN C 3 125 ? -20.702 0.535   11.018  1.00 99.16  ? 397 ASN C CB    1 
ATOM 1391 C CG    . ASN C 3 125 ? -21.946 0.875   11.824  1.00 96.65  ? 397 ASN C CG    1 
ATOM 1392 O OD1   . ASN C 3 125 ? -22.682 -0.012  12.302  1.00 90.23  ? 397 ASN C OD1   1 
ATOM 1393 N ND2   . ASN C 3 125 ? -22.183 2.173   11.990  1.00 84.60  ? 397 ASN C ND2   1 
# 
loop_
_pdbx_poly_seq_scheme.asym_id 
_pdbx_poly_seq_scheme.entity_id 
_pdbx_poly_seq_scheme.seq_id 
_pdbx_poly_seq_scheme.mon_id 
_pdbx_poly_seq_scheme.ndb_seq_num 
_pdbx_poly_seq_scheme.pdb_seq_num 
_pdbx_poly_seq_scheme.auth_seq_num 
_pdbx_poly_seq_scheme.pdb_mon_id 
_pdbx_poly_seq_scheme.auth_mon_id 
_pdbx_poly_seq_scheme.pdb_strand_id 
_pdbx_poly_seq_scheme.pdb_ins_code 
_pdbx_poly_seq_scheme.hetero 
A 1 1   DA  1   1   1   DA  DA  A . n 
A 1 2   DT  2   2   2   DT  DT  A . n 
A 1 3   DT  3   3   3   DT  DT  A . n 
A 1 4   DC  4   4   4   DC  DC  A . n 
A 1 5   DT  5   5   5   DT  DT  A . n 
A 1 6   DG  6   6   6   DG  DG  A . n 
A 1 7   DC  7   7   7   DC  DC  A . n 
A 1 8   DA  8   8   8   DA  DA  A . n 
A 1 9   DT  9   9   9   DT  DT  A . n 
A 1 10  DG  10  10  10  DG  DG  A . n 
A 1 11  DG  11  11  11  DG  DG  A . n 
A 1 12  DA  12  12  12  DA  DA  A . n 
A 1 13  DT  13  13  13  DT  DT  A . n 
B 2 1   DT  1   1   1   DT  DT  B . n 
B 2 2   DA  2   2   2   DA  DA  B . n 
B 2 3   DT  3   3   3   DT  DT  B . n 
B 2 4   DC  4   4   4   DC  DC  B . n 
B 2 5   DC  5   5   5   DC  DC  B . n 
B 2 6   DA  6   6   6   DA  DA  B . n 
B 2 7   DT  7   7   7   DT  DT  B . n 
B 2 8   DG  8   8   8   DG  DG  B . n 
B 2 9   DC  9   9   9   DC  DC  B . n 
B 2 10  DA  10  10  10  DA  DA  B . n 
B 2 11  DG  11  11  11  DG  DG  B . n 
B 2 12  DA  12  12  12  DA  DA  B . n 
B 2 13  DA  13  13  13  DA  DA  B . n 
C 3 1   PRO 1   273 ?   ?   ?   C . n 
C 3 2   LYS 2   274 ?   ?   ?   C . n 
C 3 3   TYR 3   275 ?   ?   ?   C . n 
C 3 4   THR 4   276 ?   ?   ?   C . n 
C 3 5   ASP 5   277 ?   ?   ?   C . n 
C 3 6   LYS 6   278 ?   ?   ?   C . n 
C 3 7   GLU 7   279 ?   ?   ?   C . n 
C 3 8   VAL 8   280 ?   ?   ?   C . n 
C 3 9   GLN 9   281 ?   ?   ?   C . n 
C 3 10  GLN 10  282 ?   ?   ?   C . n 
C 3 11  ILE 11  283 ?   ?   ?   C . n 
C 3 12  SER 12  284 ?   ?   ?   C . n 
C 3 13  GLY 13  285 ?   ?   ?   C . n 
C 3 14  ASN 14  286 ?   ?   ?   C . n 
C 3 15  LEU 15  287 287 LEU LEU C . n 
C 3 16  ASN 16  288 288 ASN ASN C . n 
C 3 17  LEU 17  289 289 LEU LEU C . n 
C 3 18  ASN 18  290 290 ASN ASN C . n 
C 3 19  ILE 19  291 291 ILE ILE C . n 
C 3 20  VAL 20  292 292 VAL VAL C . n 
C 3 21  PRO 21  293 293 PRO PRO C . n 
C 3 22  LEU 22  294 294 LEU LEU C . n 
C 3 23  PHE 23  295 295 PHE PHE C . n 
C 3 24  GLU 24  296 296 GLU GLU C . n 
C 3 25  LYS 25  297 297 LYS LYS C . n 
C 3 26  THR 26  298 298 THR THR C . n 
C 3 27  LEU 27  299 299 LEU LEU C . n 
C 3 28  SER 28  300 300 SER SER C . n 
C 3 29  ALA 29  301 301 ALA ALA C . n 
C 3 30  SER 30  302 302 SER SER C . n 
C 3 31  ASP 31  303 303 ASP ASP C . n 
C 3 32  ALA 32  304 304 ALA ALA C . n 
C 3 33  GLY 33  305 305 GLY GLY C . n 
C 3 34  ARG 34  306 306 ARG ARG C . n 
C 3 35  ILE 35  307 307 ILE ILE C . n 
C 3 36  GLY 36  308 308 GLY GLY C . n 
C 3 37  ARG 37  309 309 ARG ARG C . n 
C 3 38  LEU 38  310 310 LEU LEU C . n 
C 3 39  VAL 39  311 311 VAL VAL C . n 
C 3 40  LEU 40  312 312 LEU LEU C . n 
C 3 41  PRO 41  313 313 PRO PRO C . n 
C 3 42  LYS 42  314 314 LYS LYS C . n 
C 3 43  ALA 43  315 315 ALA ALA C . n 
C 3 44  CYS 44  316 316 CYS CYS C . n 
C 3 45  ALA 45  317 317 ALA ALA C . n 
C 3 46  GLU 46  318 318 GLU GLU C . n 
C 3 47  ALA 47  319 319 ALA ALA C . n 
C 3 48  TYR 48  320 320 TYR TYR C . n 
C 3 49  PHE 49  321 321 PHE PHE C . n 
C 3 50  PRO 50  322 322 PRO PRO C . n 
C 3 51  PRO 51  323 323 PRO PRO C . n 
C 3 52  ILE 52  324 324 ILE ILE C . n 
C 3 53  SER 53  325 325 SER SER C . n 
C 3 54  GLN 54  326 326 GLN GLN C . n 
C 3 55  SER 55  327 327 SER SER C . n 
C 3 56  GLU 56  328 328 GLU GLU C . n 
C 3 57  GLY 57  329 329 GLY GLY C . n 
C 3 58  ILE 58  330 330 ILE ILE C . n 
C 3 59  PRO 59  331 331 PRO PRO C . n 
C 3 60  LEU 60  332 332 LEU LEU C . n 
C 3 61  LYS 61  333 333 LYS LYS C . n 
C 3 62  ILE 62  334 334 ILE ILE C . n 
C 3 63  GLN 63  335 335 GLN GLN C . n 
C 3 64  ASP 64  336 336 ASP ASP C . n 
C 3 65  VAL 65  337 337 VAL VAL C . n 
C 3 66  ARG 66  338 338 ARG ARG C . n 
C 3 67  GLY 67  339 339 GLY GLY C . n 
C 3 68  ARG 68  340 340 ARG ARG C . n 
C 3 69  GLU 69  341 341 GLU GLU C . n 
C 3 70  TRP 70  342 342 TRP TRP C . n 
C 3 71  THR 71  343 343 THR THR C . n 
C 3 72  PHE 72  344 344 PHE PHE C . n 
C 3 73  GLN 73  345 345 GLN GLN C . n 
C 3 74  PHE 74  346 346 PHE PHE C . n 
C 3 75  ARG 75  347 347 ARG ARG C . n 
C 3 76  TYR 76  348 348 TYR TYR C . n 
C 3 77  TRP 77  349 349 TRP TRP C . n 
C 3 78  PRO 78  350 350 PRO PRO C . n 
C 3 79  ASN 79  351 351 ASN ASN C . n 
C 3 80  ASN 80  352 352 ASN ASN C . n 
C 3 81  ASN 81  353 353 ASN ASN C . n 
C 3 82  SER 82  354 354 SER SER C . n 
C 3 83  ARG 83  355 355 ARG ARG C . n 
C 3 84  MET 84  356 356 MET MET C . n 
C 3 85  TYR 85  357 357 TYR TYR C . n 
C 3 86  VAL 86  358 358 VAL VAL C . n 
C 3 87  LEU 87  359 359 LEU LEU C . n 
C 3 88  GLU 88  360 360 GLU GLU C . n 
C 3 89  GLY 89  361 361 GLY GLY C . n 
C 3 90  VAL 90  362 362 VAL VAL C . n 
C 3 91  THR 91  363 363 THR THR C . n 
C 3 92  PRO 92  364 364 PRO PRO C . n 
C 3 93  CYS 93  365 365 CYS CYS C . n 
C 3 94  ILE 94  366 366 ILE ILE C . n 
C 3 95  GLN 95  367 367 GLN GLN C . n 
C 3 96  SER 96  368 368 SER SER C . n 
C 3 97  MET 97  369 369 MET MET C . n 
C 3 98  MET 98  370 370 MET MET C . n 
C 3 99  LEU 99  371 371 LEU LEU C . n 
C 3 100 GLN 100 372 372 GLN GLN C . n 
C 3 101 ALA 101 373 373 ALA ALA C . n 
C 3 102 GLY 102 374 374 GLY GLY C . n 
C 3 103 ASP 103 375 375 ASP ASP C . n 
C 3 104 THR 104 376 376 THR THR C . n 
C 3 105 VAL 105 377 377 VAL VAL C . n 
C 3 106 THR 106 378 378 THR THR C . n 
C 3 107 PHE 107 379 379 PHE PHE C . n 
C 3 108 SER 108 380 380 SER SER C . n 
C 3 109 ARG 109 381 381 ARG ARG C . n 
C 3 110 VAL 110 382 382 VAL VAL C . n 
C 3 111 ASP 111 383 383 ASP ASP C . n 
C 3 112 PRO 112 384 384 PRO PRO C . n 
C 3 113 GLY 113 385 385 GLY GLY C . n 
C 3 114 GLY 114 386 386 GLY GLY C . n 
C 3 115 LYS 115 387 387 LYS LYS C . n 
C 3 116 LEU 116 388 388 LEU LEU C . n 
C 3 117 ILE 117 389 389 ILE ILE C . n 
C 3 118 MET 118 390 390 MET MET C . n 
C 3 119 GLY 119 391 391 GLY GLY C . n 
C 3 120 SER 120 392 392 SER SER C . n 
C 3 121 ARG 121 393 393 ARG ARG C . n 
C 3 122 LYS 122 394 394 LYS LYS C . n 
C 3 123 ALA 123 395 395 ALA ALA C . n 
C 3 124 ALA 124 396 396 ALA ALA C . n 
C 3 125 ASN 125 397 397 ASN ASN C . n 
C 3 126 ALA 126 398 ?   ?   ?   C . n 
C 3 127 GLY 127 399 ?   ?   ?   C . n 
C 3 128 ASP 128 400 ?   ?   ?   C . n 
# 
_pdbx_struct_assembly.id                   1 
_pdbx_struct_assembly.details              author_and_software_defined_assembly 
_pdbx_struct_assembly.method_details       PISA 
_pdbx_struct_assembly.oligomeric_details   trimeric 
_pdbx_struct_assembly.oligomeric_count     3 
# 
_pdbx_struct_assembly_gen.assembly_id       1 
_pdbx_struct_assembly_gen.oper_expression   1 
_pdbx_struct_assembly_gen.asym_id_list      A,B,C 
# 
loop_
_pdbx_struct_assembly_prop.biol_id 
_pdbx_struct_assembly_prop.type 
_pdbx_struct_assembly_prop.value 
_pdbx_struct_assembly_prop.details 
1 'ABSA (A^2)' 2550  ? 
1 MORE         -14   ? 
1 'SSA (A^2)'  10360 ? 
# 
_pdbx_struct_oper_list.id                   1 
_pdbx_struct_oper_list.type                 'identity operation' 
_pdbx_struct_oper_list.name                 1_555 
_pdbx_struct_oper_list.symmetry_operation   x,y,z 
_pdbx_struct_oper_list.matrix[1][1]         1.0000000000 
_pdbx_struct_oper_list.matrix[1][2]         0.0000000000 
_pdbx_struct_oper_list.matrix[1][3]         0.0000000000 
_pdbx_struct_oper_list.vector[1]            0.0000000000 
_pdbx_struct_oper_list.matrix[2][1]         0.0000000000 
_pdbx_struct_oper_list.matrix[2][2]         1.0000000000 
_pdbx_struct_oper_list.matrix[2][3]         0.0000000000 
_pdbx_struct_oper_list.vector[2]            0.0000000000 
_pdbx_struct_oper_list.matrix[3][1]         0.0000000000 
_pdbx_struct_oper_list.matrix[3][2]         0.0000000000 
_pdbx_struct_oper_list.matrix[3][3]         1.0000000000 
_pdbx_struct_oper_list.vector[3]            0.0000000000 
# 
loop_
_pdbx_audit_revision_history.ordinal 
_pdbx_audit_revision_history.data_content_type 
_pdbx_audit_revision_history.major_revision 
_pdbx_audit_revision_history.minor_revision 
_pdbx_audit_revision_history.revision_date 
1 'Structure model' 1 0 2018-05-02 
2 'Structure model' 1 1 2018-05-30 
3 'Structure model' 1 2 2023-11-22 
# 
_pdbx_audit_revision_details.ordinal             1 
_pdbx_audit_revision_details.revision_ordinal    1 
_pdbx_audit_revision_details.data_content_type   'Structure model' 
_pdbx_audit_revision_details.provider            repository 
_pdbx_audit_revision_details.type                'Initial release' 
_pdbx_audit_revision_details.description         ? 
_pdbx_audit_revision_details.details             ? 
# 
loop_
_pdbx_audit_revision_group.ordinal 
_pdbx_audit_revision_group.revision_ordinal 
_pdbx_audit_revision_group.data_content_type 
_pdbx_audit_revision_group.group 
1 2 'Structure model' 'Data collection'        
2 2 'Structure model' 'Database references'    
3 3 'Structure model' 'Data collection'        
4 3 'Structure model' 'Database references'    
5 3 'Structure model' 'Refinement description' 
# 
loop_
_pdbx_audit_revision_category.ordinal 
_pdbx_audit_revision_category.revision_ordinal 
_pdbx_audit_revision_category.data_content_type 
_pdbx_audit_revision_category.category 
1 2 'Structure model' citation                      
2 2 'Structure model' citation_author               
3 3 'Structure model' chem_comp_atom                
4 3 'Structure model' chem_comp_bond                
5 3 'Structure model' database_2                    
6 3 'Structure model' pdbx_initial_refinement_model 
# 
loop_
_pdbx_audit_revision_item.ordinal 
_pdbx_audit_revision_item.revision_ordinal 
_pdbx_audit_revision_item.data_content_type 
_pdbx_audit_revision_item.item 
1  2 'Structure model' '_citation.country'                   
2  2 'Structure model' '_citation.journal_abbrev'            
3  2 'Structure model' '_citation.journal_id_ASTM'           
4  2 'Structure model' '_citation.journal_id_CSD'            
5  2 'Structure model' '_citation.journal_id_ISSN'           
6  2 'Structure model' '_citation.pdbx_database_id_DOI'      
7  2 'Structure model' '_citation.pdbx_database_id_PubMed'   
8  2 'Structure model' '_citation.title'                     
9  2 'Structure model' '_citation.year'                      
10 3 'Structure model' '_database_2.pdbx_DOI'                
11 3 'Structure model' '_database_2.pdbx_database_accession' 
# 
loop_
_software.citation_id 
_software.classification 
_software.compiler_name 
_software.compiler_version 
_software.contact_author 
_software.contact_author_email 
_software.date 
_software.description 
_software.dependencies 
_software.hardware 
_software.language 
_software.location 
_software.mods 
_software.name 
_software.os 
_software.os_version 
_software.type 
_software.version 
_software.pdbx_ordinal 
? refinement       ? ? ? ? ? ? ? ? ? ? ? REFMAC   ? ? ? 5.8.0189 1 
? 'data reduction' ? ? ? ? ? ? ? ? ? ? ? HKL-3000 ? ? ? .        2 
? 'data scaling'   ? ? ? ? ? ? ? ? ? ? ? HKL-3000 ? ? ? .        3 
? phasing          ? ? ? ? ? ? ? ? ? ? ? PHASER   ? ? ? .        4 
# 
loop_
_pdbx_validate_rmsd_angle.id 
_pdbx_validate_rmsd_angle.PDB_model_num 
_pdbx_validate_rmsd_angle.auth_atom_id_1 
_pdbx_validate_rmsd_angle.auth_asym_id_1 
_pdbx_validate_rmsd_angle.auth_comp_id_1 
_pdbx_validate_rmsd_angle.auth_seq_id_1 
_pdbx_validate_rmsd_angle.PDB_ins_code_1 
_pdbx_validate_rmsd_angle.label_alt_id_1 
_pdbx_validate_rmsd_angle.auth_atom_id_2 
_pdbx_validate_rmsd_angle.auth_asym_id_2 
_pdbx_validate_rmsd_angle.auth_comp_id_2 
_pdbx_validate_rmsd_angle.auth_seq_id_2 
_pdbx_validate_rmsd_angle.PDB_ins_code_2 
_pdbx_validate_rmsd_angle.label_alt_id_2 
_pdbx_validate_rmsd_angle.auth_atom_id_3 
_pdbx_validate_rmsd_angle.auth_asym_id_3 
_pdbx_validate_rmsd_angle.auth_comp_id_3 
_pdbx_validate_rmsd_angle.auth_seq_id_3 
_pdbx_validate_rmsd_angle.PDB_ins_code_3 
_pdbx_validate_rmsd_angle.label_alt_id_3 
_pdbx_validate_rmsd_angle.angle_value 
_pdbx_validate_rmsd_angle.angle_target_value 
_pdbx_validate_rmsd_angle.angle_deviation 
_pdbx_validate_rmsd_angle.angle_standard_deviation 
_pdbx_validate_rmsd_angle.linker_flag 
1 1 "O5'" A DT 13 ? ? P     A DT 13 ? ? OP1   A DT 13 ? ? 100.21 105.70 -5.49 0.90 N 
2 1 "O5'" B DC 5  ? ? P     B DC 5  ? ? OP1   B DC 5  ? ? 98.82  105.70 -6.88 0.90 N 
3 1 "O5'" B DC 5  ? ? P     B DC 5  ? ? OP2   B DC 5  ? ? 117.93 110.70 7.23  1.20 N 
4 1 "O4'" B DC 9  ? ? "C1'" B DC 9  ? ? N1    B DC 9  ? ? 110.21 108.30 1.91  0.30 N 
5 1 "C5'" B DA 10 ? ? "C4'" B DA 10 ? ? "O4'" B DA 10 ? ? 117.39 109.80 7.59  1.10 N 
# 
loop_
_pdbx_validate_torsion.id 
_pdbx_validate_torsion.PDB_model_num 
_pdbx_validate_torsion.auth_comp_id 
_pdbx_validate_torsion.auth_asym_id 
_pdbx_validate_torsion.auth_seq_id 
_pdbx_validate_torsion.PDB_ins_code 
_pdbx_validate_torsion.label_alt_id 
_pdbx_validate_torsion.phi 
_pdbx_validate_torsion.psi 
1 1 LEU C 294 ? ? -99.98  -63.89  
2 1 PRO C 322 ? ? -49.55  155.71  
3 1 ARG C 338 ? ? -101.02 40.04   
4 1 ASN C 352 ? ? 54.69   -118.83 
5 1 SER C 354 ? ? -110.83 -135.45 
6 1 ALA C 396 ? ? -27.66  -47.45  
# 
_pdbx_validate_peptide_omega.id               1 
_pdbx_validate_peptide_omega.PDB_model_num    1 
_pdbx_validate_peptide_omega.auth_comp_id_1   VAL 
_pdbx_validate_peptide_omega.auth_asym_id_1   C 
_pdbx_validate_peptide_omega.auth_seq_id_1    358 
_pdbx_validate_peptide_omega.PDB_ins_code_1   ? 
_pdbx_validate_peptide_omega.label_alt_id_1   ? 
_pdbx_validate_peptide_omega.auth_comp_id_2   LEU 
_pdbx_validate_peptide_omega.auth_asym_id_2   C 
_pdbx_validate_peptide_omega.auth_seq_id_2    359 
_pdbx_validate_peptide_omega.PDB_ins_code_2   ? 
_pdbx_validate_peptide_omega.label_alt_id_2   ? 
_pdbx_validate_peptide_omega.omega            149.45 
# 
loop_
_pdbx_unobs_or_zero_occ_residues.id 
_pdbx_unobs_or_zero_occ_residues.PDB_model_num 
_pdbx_unobs_or_zero_occ_residues.polymer_flag 
_pdbx_unobs_or_zero_occ_residues.occupancy_flag 
_pdbx_unobs_or_zero_occ_residues.auth_asym_id 
_pdbx_unobs_or_zero_occ_residues.auth_comp_id 
_pdbx_unobs_or_zero_occ_residues.auth_seq_id 
_pdbx_unobs_or_zero_occ_residues.PDB_ins_code 
_pdbx_unobs_or_zero_occ_residues.label_asym_id 
_pdbx_unobs_or_zero_occ_residues.label_comp_id 
_pdbx_unobs_or_zero_occ_residues.label_seq_id 
1  1 Y 1 C PRO 273 ? C PRO 1   
2  1 Y 1 C LYS 274 ? C LYS 2   
3  1 Y 1 C TYR 275 ? C TYR 3   
4  1 Y 1 C THR 276 ? C THR 4   
5  1 Y 1 C ASP 277 ? C ASP 5   
6  1 Y 1 C LYS 278 ? C LYS 6   
7  1 Y 1 C GLU 279 ? C GLU 7   
8  1 Y 1 C VAL 280 ? C VAL 8   
9  1 Y 1 C GLN 281 ? C GLN 9   
10 1 Y 1 C GLN 282 ? C GLN 10  
11 1 Y 1 C ILE 283 ? C ILE 11  
12 1 Y 1 C SER 284 ? C SER 12  
13 1 Y 1 C GLY 285 ? C GLY 13  
14 1 Y 1 C ASN 286 ? C ASN 14  
15 1 Y 1 C ALA 398 ? C ALA 126 
16 1 Y 1 C GLY 399 ? C GLY 127 
17 1 Y 1 C ASP 400 ? C ASP 128 
# 
loop_
_chem_comp_atom.comp_id 
_chem_comp_atom.atom_id 
_chem_comp_atom.type_symbol 
_chem_comp_atom.pdbx_aromatic_flag 
_chem_comp_atom.pdbx_stereo_config 
_chem_comp_atom.pdbx_ordinal 
ALA N      N N N 1   
ALA CA     C N S 2   
ALA C      C N N 3   
ALA O      O N N 4   
ALA CB     C N N 5   
ALA OXT    O N N 6   
ALA H      H N N 7   
ALA H2     H N N 8   
ALA HA     H N N 9   
ALA HB1    H N N 10  
ALA HB2    H N N 11  
ALA HB3    H N N 12  
ALA HXT    H N N 13  
ARG N      N N N 14  
ARG CA     C N S 15  
ARG C      C N N 16  
ARG O      O N N 17  
ARG CB     C N N 18  
ARG CG     C N N 19  
ARG CD     C N N 20  
ARG NE     N N N 21  
ARG CZ     C N N 22  
ARG NH1    N N N 23  
ARG NH2    N N N 24  
ARG OXT    O N N 25  
ARG H      H N N 26  
ARG H2     H N N 27  
ARG HA     H N N 28  
ARG HB2    H N N 29  
ARG HB3    H N N 30  
ARG HG2    H N N 31  
ARG HG3    H N N 32  
ARG HD2    H N N 33  
ARG HD3    H N N 34  
ARG HE     H N N 35  
ARG HH11   H N N 36  
ARG HH12   H N N 37  
ARG HH21   H N N 38  
ARG HH22   H N N 39  
ARG HXT    H N N 40  
ASN N      N N N 41  
ASN CA     C N S 42  
ASN C      C N N 43  
ASN O      O N N 44  
ASN CB     C N N 45  
ASN CG     C N N 46  
ASN OD1    O N N 47  
ASN ND2    N N N 48  
ASN OXT    O N N 49  
ASN H      H N N 50  
ASN H2     H N N 51  
ASN HA     H N N 52  
ASN HB2    H N N 53  
ASN HB3    H N N 54  
ASN HD21   H N N 55  
ASN HD22   H N N 56  
ASN HXT    H N N 57  
ASP N      N N N 58  
ASP CA     C N S 59  
ASP C      C N N 60  
ASP O      O N N 61  
ASP CB     C N N 62  
ASP CG     C N N 63  
ASP OD1    O N N 64  
ASP OD2    O N N 65  
ASP OXT    O N N 66  
ASP H      H N N 67  
ASP H2     H N N 68  
ASP HA     H N N 69  
ASP HB2    H N N 70  
ASP HB3    H N N 71  
ASP HD2    H N N 72  
ASP HXT    H N N 73  
CYS N      N N N 74  
CYS CA     C N R 75  
CYS C      C N N 76  
CYS O      O N N 77  
CYS CB     C N N 78  
CYS SG     S N N 79  
CYS OXT    O N N 80  
CYS H      H N N 81  
CYS H2     H N N 82  
CYS HA     H N N 83  
CYS HB2    H N N 84  
CYS HB3    H N N 85  
CYS HG     H N N 86  
CYS HXT    H N N 87  
DA  OP3    O N N 88  
DA  P      P N N 89  
DA  OP1    O N N 90  
DA  OP2    O N N 91  
DA  "O5'"  O N N 92  
DA  "C5'"  C N N 93  
DA  "C4'"  C N R 94  
DA  "O4'"  O N N 95  
DA  "C3'"  C N S 96  
DA  "O3'"  O N N 97  
DA  "C2'"  C N N 98  
DA  "C1'"  C N R 99  
DA  N9     N Y N 100 
DA  C8     C Y N 101 
DA  N7     N Y N 102 
DA  C5     C Y N 103 
DA  C6     C Y N 104 
DA  N6     N N N 105 
DA  N1     N Y N 106 
DA  C2     C Y N 107 
DA  N3     N Y N 108 
DA  C4     C Y N 109 
DA  HOP3   H N N 110 
DA  HOP2   H N N 111 
DA  "H5'"  H N N 112 
DA  "H5''" H N N 113 
DA  "H4'"  H N N 114 
DA  "H3'"  H N N 115 
DA  "HO3'" H N N 116 
DA  "H2'"  H N N 117 
DA  "H2''" H N N 118 
DA  "H1'"  H N N 119 
DA  H8     H N N 120 
DA  H61    H N N 121 
DA  H62    H N N 122 
DA  H2     H N N 123 
DC  OP3    O N N 124 
DC  P      P N N 125 
DC  OP1    O N N 126 
DC  OP2    O N N 127 
DC  "O5'"  O N N 128 
DC  "C5'"  C N N 129 
DC  "C4'"  C N R 130 
DC  "O4'"  O N N 131 
DC  "C3'"  C N S 132 
DC  "O3'"  O N N 133 
DC  "C2'"  C N N 134 
DC  "C1'"  C N R 135 
DC  N1     N N N 136 
DC  C2     C N N 137 
DC  O2     O N N 138 
DC  N3     N N N 139 
DC  C4     C N N 140 
DC  N4     N N N 141 
DC  C5     C N N 142 
DC  C6     C N N 143 
DC  HOP3   H N N 144 
DC  HOP2   H N N 145 
DC  "H5'"  H N N 146 
DC  "H5''" H N N 147 
DC  "H4'"  H N N 148 
DC  "H3'"  H N N 149 
DC  "HO3'" H N N 150 
DC  "H2'"  H N N 151 
DC  "H2''" H N N 152 
DC  "H1'"  H N N 153 
DC  H41    H N N 154 
DC  H42    H N N 155 
DC  H5     H N N 156 
DC  H6     H N N 157 
DG  OP3    O N N 158 
DG  P      P N N 159 
DG  OP1    O N N 160 
DG  OP2    O N N 161 
DG  "O5'"  O N N 162 
DG  "C5'"  C N N 163 
DG  "C4'"  C N R 164 
DG  "O4'"  O N N 165 
DG  "C3'"  C N S 166 
DG  "O3'"  O N N 167 
DG  "C2'"  C N N 168 
DG  "C1'"  C N R 169 
DG  N9     N Y N 170 
DG  C8     C Y N 171 
DG  N7     N Y N 172 
DG  C5     C Y N 173 
DG  C6     C N N 174 
DG  O6     O N N 175 
DG  N1     N N N 176 
DG  C2     C N N 177 
DG  N2     N N N 178 
DG  N3     N N N 179 
DG  C4     C Y N 180 
DG  HOP3   H N N 181 
DG  HOP2   H N N 182 
DG  "H5'"  H N N 183 
DG  "H5''" H N N 184 
DG  "H4'"  H N N 185 
DG  "H3'"  H N N 186 
DG  "HO3'" H N N 187 
DG  "H2'"  H N N 188 
DG  "H2''" H N N 189 
DG  "H1'"  H N N 190 
DG  H8     H N N 191 
DG  H1     H N N 192 
DG  H21    H N N 193 
DG  H22    H N N 194 
DT  OP3    O N N 195 
DT  P      P N N 196 
DT  OP1    O N N 197 
DT  OP2    O N N 198 
DT  "O5'"  O N N 199 
DT  "C5'"  C N N 200 
DT  "C4'"  C N R 201 
DT  "O4'"  O N N 202 
DT  "C3'"  C N S 203 
DT  "O3'"  O N N 204 
DT  "C2'"  C N N 205 
DT  "C1'"  C N R 206 
DT  N1     N N N 207 
DT  C2     C N N 208 
DT  O2     O N N 209 
DT  N3     N N N 210 
DT  C4     C N N 211 
DT  O4     O N N 212 
DT  C5     C N N 213 
DT  C7     C N N 214 
DT  C6     C N N 215 
DT  HOP3   H N N 216 
DT  HOP2   H N N 217 
DT  "H5'"  H N N 218 
DT  "H5''" H N N 219 
DT  "H4'"  H N N 220 
DT  "H3'"  H N N 221 
DT  "HO3'" H N N 222 
DT  "H2'"  H N N 223 
DT  "H2''" H N N 224 
DT  "H1'"  H N N 225 
DT  H3     H N N 226 
DT  H71    H N N 227 
DT  H72    H N N 228 
DT  H73    H N N 229 
DT  H6     H N N 230 
GLN N      N N N 231 
GLN CA     C N S 232 
GLN C      C N N 233 
GLN O      O N N 234 
GLN CB     C N N 235 
GLN CG     C N N 236 
GLN CD     C N N 237 
GLN OE1    O N N 238 
GLN NE2    N N N 239 
GLN OXT    O N N 240 
GLN H      H N N 241 
GLN H2     H N N 242 
GLN HA     H N N 243 
GLN HB2    H N N 244 
GLN HB3    H N N 245 
GLN HG2    H N N 246 
GLN HG3    H N N 247 
GLN HE21   H N N 248 
GLN HE22   H N N 249 
GLN HXT    H N N 250 
GLU N      N N N 251 
GLU CA     C N S 252 
GLU C      C N N 253 
GLU O      O N N 254 
GLU CB     C N N 255 
GLU CG     C N N 256 
GLU CD     C N N 257 
GLU OE1    O N N 258 
GLU OE2    O N N 259 
GLU OXT    O N N 260 
GLU H      H N N 261 
GLU H2     H N N 262 
GLU HA     H N N 263 
GLU HB2    H N N 264 
GLU HB3    H N N 265 
GLU HG2    H N N 266 
GLU HG3    H N N 267 
GLU HE2    H N N 268 
GLU HXT    H N N 269 
GLY N      N N N 270 
GLY CA     C N N 271 
GLY C      C N N 272 
GLY O      O N N 273 
GLY OXT    O N N 274 
GLY H      H N N 275 
GLY H2     H N N 276 
GLY HA2    H N N 277 
GLY HA3    H N N 278 
GLY HXT    H N N 279 
ILE N      N N N 280 
ILE CA     C N S 281 
ILE C      C N N 282 
ILE O      O N N 283 
ILE CB     C N S 284 
ILE CG1    C N N 285 
ILE CG2    C N N 286 
ILE CD1    C N N 287 
ILE OXT    O N N 288 
ILE H      H N N 289 
ILE H2     H N N 290 
ILE HA     H N N 291 
ILE HB     H N N 292 
ILE HG12   H N N 293 
ILE HG13   H N N 294 
ILE HG21   H N N 295 
ILE HG22   H N N 296 
ILE HG23   H N N 297 
ILE HD11   H N N 298 
ILE HD12   H N N 299 
ILE HD13   H N N 300 
ILE HXT    H N N 301 
LEU N      N N N 302 
LEU CA     C N S 303 
LEU C      C N N 304 
LEU O      O N N 305 
LEU CB     C N N 306 
LEU CG     C N N 307 
LEU CD1    C N N 308 
LEU CD2    C N N 309 
LEU OXT    O N N 310 
LEU H      H N N 311 
LEU H2     H N N 312 
LEU HA     H N N 313 
LEU HB2    H N N 314 
LEU HB3    H N N 315 
LEU HG     H N N 316 
LEU HD11   H N N 317 
LEU HD12   H N N 318 
LEU HD13   H N N 319 
LEU HD21   H N N 320 
LEU HD22   H N N 321 
LEU HD23   H N N 322 
LEU HXT    H N N 323 
LYS N      N N N 324 
LYS CA     C N S 325 
LYS C      C N N 326 
LYS O      O N N 327 
LYS CB     C N N 328 
LYS CG     C N N 329 
LYS CD     C N N 330 
LYS CE     C N N 331 
LYS NZ     N N N 332 
LYS OXT    O N N 333 
LYS H      H N N 334 
LYS H2     H N N 335 
LYS HA     H N N 336 
LYS HB2    H N N 337 
LYS HB3    H N N 338 
LYS HG2    H N N 339 
LYS HG3    H N N 340 
LYS HD2    H N N 341 
LYS HD3    H N N 342 
LYS HE2    H N N 343 
LYS HE3    H N N 344 
LYS HZ1    H N N 345 
LYS HZ2    H N N 346 
LYS HZ3    H N N 347 
LYS HXT    H N N 348 
MET N      N N N 349 
MET CA     C N S 350 
MET C      C N N 351 
MET O      O N N 352 
MET CB     C N N 353 
MET CG     C N N 354 
MET SD     S N N 355 
MET CE     C N N 356 
MET OXT    O N N 357 
MET H      H N N 358 
MET H2     H N N 359 
MET HA     H N N 360 
MET HB2    H N N 361 
MET HB3    H N N 362 
MET HG2    H N N 363 
MET HG3    H N N 364 
MET HE1    H N N 365 
MET HE2    H N N 366 
MET HE3    H N N 367 
MET HXT    H N N 368 
PHE N      N N N 369 
PHE CA     C N S 370 
PHE C      C N N 371 
PHE O      O N N 372 
PHE CB     C N N 373 
PHE CG     C Y N 374 
PHE CD1    C Y N 375 
PHE CD2    C Y N 376 
PHE CE1    C Y N 377 
PHE CE2    C Y N 378 
PHE CZ     C Y N 379 
PHE OXT    O N N 380 
PHE H      H N N 381 
PHE H2     H N N 382 
PHE HA     H N N 383 
PHE HB2    H N N 384 
PHE HB3    H N N 385 
PHE HD1    H N N 386 
PHE HD2    H N N 387 
PHE HE1    H N N 388 
PHE HE2    H N N 389 
PHE HZ     H N N 390 
PHE HXT    H N N 391 
PRO N      N N N 392 
PRO CA     C N S 393 
PRO C      C N N 394 
PRO O      O N N 395 
PRO CB     C N N 396 
PRO CG     C N N 397 
PRO CD     C N N 398 
PRO OXT    O N N 399 
PRO H      H N N 400 
PRO HA     H N N 401 
PRO HB2    H N N 402 
PRO HB3    H N N 403 
PRO HG2    H N N 404 
PRO HG3    H N N 405 
PRO HD2    H N N 406 
PRO HD3    H N N 407 
PRO HXT    H N N 408 
SER N      N N N 409 
SER CA     C N S 410 
SER C      C N N 411 
SER O      O N N 412 
SER CB     C N N 413 
SER OG     O N N 414 
SER OXT    O N N 415 
SER H      H N N 416 
SER H2     H N N 417 
SER HA     H N N 418 
SER HB2    H N N 419 
SER HB3    H N N 420 
SER HG     H N N 421 
SER HXT    H N N 422 
THR N      N N N 423 
THR CA     C N S 424 
THR C      C N N 425 
THR O      O N N 426 
THR CB     C N R 427 
THR OG1    O N N 428 
THR CG2    C N N 429 
THR OXT    O N N 430 
THR H      H N N 431 
THR H2     H N N 432 
THR HA     H N N 433 
THR HB     H N N 434 
THR HG1    H N N 435 
THR HG21   H N N 436 
THR HG22   H N N 437 
THR HG23   H N N 438 
THR HXT    H N N 439 
TRP N      N N N 440 
TRP CA     C N S 441 
TRP C      C N N 442 
TRP O      O N N 443 
TRP CB     C N N 444 
TRP CG     C Y N 445 
TRP CD1    C Y N 446 
TRP CD2    C Y N 447 
TRP NE1    N Y N 448 
TRP CE2    C Y N 449 
TRP CE3    C Y N 450 
TRP CZ2    C Y N 451 
TRP CZ3    C Y N 452 
TRP CH2    C Y N 453 
TRP OXT    O N N 454 
TRP H      H N N 455 
TRP H2     H N N 456 
TRP HA     H N N 457 
TRP HB2    H N N 458 
TRP HB3    H N N 459 
TRP HD1    H N N 460 
TRP HE1    H N N 461 
TRP HE3    H N N 462 
TRP HZ2    H N N 463 
TRP HZ3    H N N 464 
TRP HH2    H N N 465 
TRP HXT    H N N 466 
TYR N      N N N 467 
TYR CA     C N S 468 
TYR C      C N N 469 
TYR O      O N N 470 
TYR CB     C N N 471 
TYR CG     C Y N 472 
TYR CD1    C Y N 473 
TYR CD2    C Y N 474 
TYR CE1    C Y N 475 
TYR CE2    C Y N 476 
TYR CZ     C Y N 477 
TYR OH     O N N 478 
TYR OXT    O N N 479 
TYR H      H N N 480 
TYR H2     H N N 481 
TYR HA     H N N 482 
TYR HB2    H N N 483 
TYR HB3    H N N 484 
TYR HD1    H N N 485 
TYR HD2    H N N 486 
TYR HE1    H N N 487 
TYR HE2    H N N 488 
TYR HH     H N N 489 
TYR HXT    H N N 490 
VAL N      N N N 491 
VAL CA     C N S 492 
VAL C      C N N 493 
VAL O      O N N 494 
VAL CB     C N N 495 
VAL CG1    C N N 496 
VAL CG2    C N N 497 
VAL OXT    O N N 498 
VAL H      H N N 499 
VAL H2     H N N 500 
VAL HA     H N N 501 
VAL HB     H N N 502 
VAL HG11   H N N 503 
VAL HG12   H N N 504 
VAL HG13   H N N 505 
VAL HG21   H N N 506 
VAL HG22   H N N 507 
VAL HG23   H N N 508 
VAL HXT    H N N 509 
# 
loop_
_chem_comp_bond.comp_id 
_chem_comp_bond.atom_id_1 
_chem_comp_bond.atom_id_2 
_chem_comp_bond.value_order 
_chem_comp_bond.pdbx_aromatic_flag 
_chem_comp_bond.pdbx_stereo_config 
_chem_comp_bond.pdbx_ordinal 
ALA N     CA     sing N N 1   
ALA N     H      sing N N 2   
ALA N     H2     sing N N 3   
ALA CA    C      sing N N 4   
ALA CA    CB     sing N N 5   
ALA CA    HA     sing N N 6   
ALA C     O      doub N N 7   
ALA C     OXT    sing N N 8   
ALA CB    HB1    sing N N 9   
ALA CB    HB2    sing N N 10  
ALA CB    HB3    sing N N 11  
ALA OXT   HXT    sing N N 12  
ARG N     CA     sing N N 13  
ARG N     H      sing N N 14  
ARG N     H2     sing N N 15  
ARG CA    C      sing N N 16  
ARG CA    CB     sing N N 17  
ARG CA    HA     sing N N 18  
ARG C     O      doub N N 19  
ARG C     OXT    sing N N 20  
ARG CB    CG     sing N N 21  
ARG CB    HB2    sing N N 22  
ARG CB    HB3    sing N N 23  
ARG CG    CD     sing N N 24  
ARG CG    HG2    sing N N 25  
ARG CG    HG3    sing N N 26  
ARG CD    NE     sing N N 27  
ARG CD    HD2    sing N N 28  
ARG CD    HD3    sing N N 29  
ARG NE    CZ     sing N N 30  
ARG NE    HE     sing N N 31  
ARG CZ    NH1    sing N N 32  
ARG CZ    NH2    doub N N 33  
ARG NH1   HH11   sing N N 34  
ARG NH1   HH12   sing N N 35  
ARG NH2   HH21   sing N N 36  
ARG NH2   HH22   sing N N 37  
ARG OXT   HXT    sing N N 38  
ASN N     CA     sing N N 39  
ASN N     H      sing N N 40  
ASN N     H2     sing N N 41  
ASN CA    C      sing N N 42  
ASN CA    CB     sing N N 43  
ASN CA    HA     sing N N 44  
ASN C     O      doub N N 45  
ASN C     OXT    sing N N 46  
ASN CB    CG     sing N N 47  
ASN CB    HB2    sing N N 48  
ASN CB    HB3    sing N N 49  
ASN CG    OD1    doub N N 50  
ASN CG    ND2    sing N N 51  
ASN ND2   HD21   sing N N 52  
ASN ND2   HD22   sing N N 53  
ASN OXT   HXT    sing N N 54  
ASP N     CA     sing N N 55  
ASP N     H      sing N N 56  
ASP N     H2     sing N N 57  
ASP CA    C      sing N N 58  
ASP CA    CB     sing N N 59  
ASP CA    HA     sing N N 60  
ASP C     O      doub N N 61  
ASP C     OXT    sing N N 62  
ASP CB    CG     sing N N 63  
ASP CB    HB2    sing N N 64  
ASP CB    HB3    sing N N 65  
ASP CG    OD1    doub N N 66  
ASP CG    OD2    sing N N 67  
ASP OD2   HD2    sing N N 68  
ASP OXT   HXT    sing N N 69  
CYS N     CA     sing N N 70  
CYS N     H      sing N N 71  
CYS N     H2     sing N N 72  
CYS CA    C      sing N N 73  
CYS CA    CB     sing N N 74  
CYS CA    HA     sing N N 75  
CYS C     O      doub N N 76  
CYS C     OXT    sing N N 77  
CYS CB    SG     sing N N 78  
CYS CB    HB2    sing N N 79  
CYS CB    HB3    sing N N 80  
CYS SG    HG     sing N N 81  
CYS OXT   HXT    sing N N 82  
DA  OP3   P      sing N N 83  
DA  OP3   HOP3   sing N N 84  
DA  P     OP1    doub N N 85  
DA  P     OP2    sing N N 86  
DA  P     "O5'"  sing N N 87  
DA  OP2   HOP2   sing N N 88  
DA  "O5'" "C5'"  sing N N 89  
DA  "C5'" "C4'"  sing N N 90  
DA  "C5'" "H5'"  sing N N 91  
DA  "C5'" "H5''" sing N N 92  
DA  "C4'" "O4'"  sing N N 93  
DA  "C4'" "C3'"  sing N N 94  
DA  "C4'" "H4'"  sing N N 95  
DA  "O4'" "C1'"  sing N N 96  
DA  "C3'" "O3'"  sing N N 97  
DA  "C3'" "C2'"  sing N N 98  
DA  "C3'" "H3'"  sing N N 99  
DA  "O3'" "HO3'" sing N N 100 
DA  "C2'" "C1'"  sing N N 101 
DA  "C2'" "H2'"  sing N N 102 
DA  "C2'" "H2''" sing N N 103 
DA  "C1'" N9     sing N N 104 
DA  "C1'" "H1'"  sing N N 105 
DA  N9    C8     sing Y N 106 
DA  N9    C4     sing Y N 107 
DA  C8    N7     doub Y N 108 
DA  C8    H8     sing N N 109 
DA  N7    C5     sing Y N 110 
DA  C5    C6     sing Y N 111 
DA  C5    C4     doub Y N 112 
DA  C6    N6     sing N N 113 
DA  C6    N1     doub Y N 114 
DA  N6    H61    sing N N 115 
DA  N6    H62    sing N N 116 
DA  N1    C2     sing Y N 117 
DA  C2    N3     doub Y N 118 
DA  C2    H2     sing N N 119 
DA  N3    C4     sing Y N 120 
DC  OP3   P      sing N N 121 
DC  OP3   HOP3   sing N N 122 
DC  P     OP1    doub N N 123 
DC  P     OP2    sing N N 124 
DC  P     "O5'"  sing N N 125 
DC  OP2   HOP2   sing N N 126 
DC  "O5'" "C5'"  sing N N 127 
DC  "C5'" "C4'"  sing N N 128 
DC  "C5'" "H5'"  sing N N 129 
DC  "C5'" "H5''" sing N N 130 
DC  "C4'" "O4'"  sing N N 131 
DC  "C4'" "C3'"  sing N N 132 
DC  "C4'" "H4'"  sing N N 133 
DC  "O4'" "C1'"  sing N N 134 
DC  "C3'" "O3'"  sing N N 135 
DC  "C3'" "C2'"  sing N N 136 
DC  "C3'" "H3'"  sing N N 137 
DC  "O3'" "HO3'" sing N N 138 
DC  "C2'" "C1'"  sing N N 139 
DC  "C2'" "H2'"  sing N N 140 
DC  "C2'" "H2''" sing N N 141 
DC  "C1'" N1     sing N N 142 
DC  "C1'" "H1'"  sing N N 143 
DC  N1    C2     sing N N 144 
DC  N1    C6     sing N N 145 
DC  C2    O2     doub N N 146 
DC  C2    N3     sing N N 147 
DC  N3    C4     doub N N 148 
DC  C4    N4     sing N N 149 
DC  C4    C5     sing N N 150 
DC  N4    H41    sing N N 151 
DC  N4    H42    sing N N 152 
DC  C5    C6     doub N N 153 
DC  C5    H5     sing N N 154 
DC  C6    H6     sing N N 155 
DG  OP3   P      sing N N 156 
DG  OP3   HOP3   sing N N 157 
DG  P     OP1    doub N N 158 
DG  P     OP2    sing N N 159 
DG  P     "O5'"  sing N N 160 
DG  OP2   HOP2   sing N N 161 
DG  "O5'" "C5'"  sing N N 162 
DG  "C5'" "C4'"  sing N N 163 
DG  "C5'" "H5'"  sing N N 164 
DG  "C5'" "H5''" sing N N 165 
DG  "C4'" "O4'"  sing N N 166 
DG  "C4'" "C3'"  sing N N 167 
DG  "C4'" "H4'"  sing N N 168 
DG  "O4'" "C1'"  sing N N 169 
DG  "C3'" "O3'"  sing N N 170 
DG  "C3'" "C2'"  sing N N 171 
DG  "C3'" "H3'"  sing N N 172 
DG  "O3'" "HO3'" sing N N 173 
DG  "C2'" "C1'"  sing N N 174 
DG  "C2'" "H2'"  sing N N 175 
DG  "C2'" "H2''" sing N N 176 
DG  "C1'" N9     sing N N 177 
DG  "C1'" "H1'"  sing N N 178 
DG  N9    C8     sing Y N 179 
DG  N9    C4     sing Y N 180 
DG  C8    N7     doub Y N 181 
DG  C8    H8     sing N N 182 
DG  N7    C5     sing Y N 183 
DG  C5    C6     sing N N 184 
DG  C5    C4     doub Y N 185 
DG  C6    O6     doub N N 186 
DG  C6    N1     sing N N 187 
DG  N1    C2     sing N N 188 
DG  N1    H1     sing N N 189 
DG  C2    N2     sing N N 190 
DG  C2    N3     doub N N 191 
DG  N2    H21    sing N N 192 
DG  N2    H22    sing N N 193 
DG  N3    C4     sing N N 194 
DT  OP3   P      sing N N 195 
DT  OP3   HOP3   sing N N 196 
DT  P     OP1    doub N N 197 
DT  P     OP2    sing N N 198 
DT  P     "O5'"  sing N N 199 
DT  OP2   HOP2   sing N N 200 
DT  "O5'" "C5'"  sing N N 201 
DT  "C5'" "C4'"  sing N N 202 
DT  "C5'" "H5'"  sing N N 203 
DT  "C5'" "H5''" sing N N 204 
DT  "C4'" "O4'"  sing N N 205 
DT  "C4'" "C3'"  sing N N 206 
DT  "C4'" "H4'"  sing N N 207 
DT  "O4'" "C1'"  sing N N 208 
DT  "C3'" "O3'"  sing N N 209 
DT  "C3'" "C2'"  sing N N 210 
DT  "C3'" "H3'"  sing N N 211 
DT  "O3'" "HO3'" sing N N 212 
DT  "C2'" "C1'"  sing N N 213 
DT  "C2'" "H2'"  sing N N 214 
DT  "C2'" "H2''" sing N N 215 
DT  "C1'" N1     sing N N 216 
DT  "C1'" "H1'"  sing N N 217 
DT  N1    C2     sing N N 218 
DT  N1    C6     sing N N 219 
DT  C2    O2     doub N N 220 
DT  C2    N3     sing N N 221 
DT  N3    C4     sing N N 222 
DT  N3    H3     sing N N 223 
DT  C4    O4     doub N N 224 
DT  C4    C5     sing N N 225 
DT  C5    C7     sing N N 226 
DT  C5    C6     doub N N 227 
DT  C7    H71    sing N N 228 
DT  C7    H72    sing N N 229 
DT  C7    H73    sing N N 230 
DT  C6    H6     sing N N 231 
GLN N     CA     sing N N 232 
GLN N     H      sing N N 233 
GLN N     H2     sing N N 234 
GLN CA    C      sing N N 235 
GLN CA    CB     sing N N 236 
GLN CA    HA     sing N N 237 
GLN C     O      doub N N 238 
GLN C     OXT    sing N N 239 
GLN CB    CG     sing N N 240 
GLN CB    HB2    sing N N 241 
GLN CB    HB3    sing N N 242 
GLN CG    CD     sing N N 243 
GLN CG    HG2    sing N N 244 
GLN CG    HG3    sing N N 245 
GLN CD    OE1    doub N N 246 
GLN CD    NE2    sing N N 247 
GLN NE2   HE21   sing N N 248 
GLN NE2   HE22   sing N N 249 
GLN OXT   HXT    sing N N 250 
GLU N     CA     sing N N 251 
GLU N     H      sing N N 252 
GLU N     H2     sing N N 253 
GLU CA    C      sing N N 254 
GLU CA    CB     sing N N 255 
GLU CA    HA     sing N N 256 
GLU C     O      doub N N 257 
GLU C     OXT    sing N N 258 
GLU CB    CG     sing N N 259 
GLU CB    HB2    sing N N 260 
GLU CB    HB3    sing N N 261 
GLU CG    CD     sing N N 262 
GLU CG    HG2    sing N N 263 
GLU CG    HG3    sing N N 264 
GLU CD    OE1    doub N N 265 
GLU CD    OE2    sing N N 266 
GLU OE2   HE2    sing N N 267 
GLU OXT   HXT    sing N N 268 
GLY N     CA     sing N N 269 
GLY N     H      sing N N 270 
GLY N     H2     sing N N 271 
GLY CA    C      sing N N 272 
GLY CA    HA2    sing N N 273 
GLY CA    HA3    sing N N 274 
GLY C     O      doub N N 275 
GLY C     OXT    sing N N 276 
GLY OXT   HXT    sing N N 277 
ILE N     CA     sing N N 278 
ILE N     H      sing N N 279 
ILE N     H2     sing N N 280 
ILE CA    C      sing N N 281 
ILE CA    CB     sing N N 282 
ILE CA    HA     sing N N 283 
ILE C     O      doub N N 284 
ILE C     OXT    sing N N 285 
ILE CB    CG1    sing N N 286 
ILE CB    CG2    sing N N 287 
ILE CB    HB     sing N N 288 
ILE CG1   CD1    sing N N 289 
ILE CG1   HG12   sing N N 290 
ILE CG1   HG13   sing N N 291 
ILE CG2   HG21   sing N N 292 
ILE CG2   HG22   sing N N 293 
ILE CG2   HG23   sing N N 294 
ILE CD1   HD11   sing N N 295 
ILE CD1   HD12   sing N N 296 
ILE CD1   HD13   sing N N 297 
ILE OXT   HXT    sing N N 298 
LEU N     CA     sing N N 299 
LEU N     H      sing N N 300 
LEU N     H2     sing N N 301 
LEU CA    C      sing N N 302 
LEU CA    CB     sing N N 303 
LEU CA    HA     sing N N 304 
LEU C     O      doub N N 305 
LEU C     OXT    sing N N 306 
LEU CB    CG     sing N N 307 
LEU CB    HB2    sing N N 308 
LEU CB    HB3    sing N N 309 
LEU CG    CD1    sing N N 310 
LEU CG    CD2    sing N N 311 
LEU CG    HG     sing N N 312 
LEU CD1   HD11   sing N N 313 
LEU CD1   HD12   sing N N 314 
LEU CD1   HD13   sing N N 315 
LEU CD2   HD21   sing N N 316 
LEU CD2   HD22   sing N N 317 
LEU CD2   HD23   sing N N 318 
LEU OXT   HXT    sing N N 319 
LYS N     CA     sing N N 320 
LYS N     H      sing N N 321 
LYS N     H2     sing N N 322 
LYS CA    C      sing N N 323 
LYS CA    CB     sing N N 324 
LYS CA    HA     sing N N 325 
LYS C     O      doub N N 326 
LYS C     OXT    sing N N 327 
LYS CB    CG     sing N N 328 
LYS CB    HB2    sing N N 329 
LYS CB    HB3    sing N N 330 
LYS CG    CD     sing N N 331 
LYS CG    HG2    sing N N 332 
LYS CG    HG3    sing N N 333 
LYS CD    CE     sing N N 334 
LYS CD    HD2    sing N N 335 
LYS CD    HD3    sing N N 336 
LYS CE    NZ     sing N N 337 
LYS CE    HE2    sing N N 338 
LYS CE    HE3    sing N N 339 
LYS NZ    HZ1    sing N N 340 
LYS NZ    HZ2    sing N N 341 
LYS NZ    HZ3    sing N N 342 
LYS OXT   HXT    sing N N 343 
MET N     CA     sing N N 344 
MET N     H      sing N N 345 
MET N     H2     sing N N 346 
MET CA    C      sing N N 347 
MET CA    CB     sing N N 348 
MET CA    HA     sing N N 349 
MET C     O      doub N N 350 
MET C     OXT    sing N N 351 
MET CB    CG     sing N N 352 
MET CB    HB2    sing N N 353 
MET CB    HB3    sing N N 354 
MET CG    SD     sing N N 355 
MET CG    HG2    sing N N 356 
MET CG    HG3    sing N N 357 
MET SD    CE     sing N N 358 
MET CE    HE1    sing N N 359 
MET CE    HE2    sing N N 360 
MET CE    HE3    sing N N 361 
MET OXT   HXT    sing N N 362 
PHE N     CA     sing N N 363 
PHE N     H      sing N N 364 
PHE N     H2     sing N N 365 
PHE CA    C      sing N N 366 
PHE CA    CB     sing N N 367 
PHE CA    HA     sing N N 368 
PHE C     O      doub N N 369 
PHE C     OXT    sing N N 370 
PHE CB    CG     sing N N 371 
PHE CB    HB2    sing N N 372 
PHE CB    HB3    sing N N 373 
PHE CG    CD1    doub Y N 374 
PHE CG    CD2    sing Y N 375 
PHE CD1   CE1    sing Y N 376 
PHE CD1   HD1    sing N N 377 
PHE CD2   CE2    doub Y N 378 
PHE CD2   HD2    sing N N 379 
PHE CE1   CZ     doub Y N 380 
PHE CE1   HE1    sing N N 381 
PHE CE2   CZ     sing Y N 382 
PHE CE2   HE2    sing N N 383 
PHE CZ    HZ     sing N N 384 
PHE OXT   HXT    sing N N 385 
PRO N     CA     sing N N 386 
PRO N     CD     sing N N 387 
PRO N     H      sing N N 388 
PRO CA    C      sing N N 389 
PRO CA    CB     sing N N 390 
PRO CA    HA     sing N N 391 
PRO C     O      doub N N 392 
PRO C     OXT    sing N N 393 
PRO CB    CG     sing N N 394 
PRO CB    HB2    sing N N 395 
PRO CB    HB3    sing N N 396 
PRO CG    CD     sing N N 397 
PRO CG    HG2    sing N N 398 
PRO CG    HG3    sing N N 399 
PRO CD    HD2    sing N N 400 
PRO CD    HD3    sing N N 401 
PRO OXT   HXT    sing N N 402 
SER N     CA     sing N N 403 
SER N     H      sing N N 404 
SER N     H2     sing N N 405 
SER CA    C      sing N N 406 
SER CA    CB     sing N N 407 
SER CA    HA     sing N N 408 
SER C     O      doub N N 409 
SER C     OXT    sing N N 410 
SER CB    OG     sing N N 411 
SER CB    HB2    sing N N 412 
SER CB    HB3    sing N N 413 
SER OG    HG     sing N N 414 
SER OXT   HXT    sing N N 415 
THR N     CA     sing N N 416 
THR N     H      sing N N 417 
THR N     H2     sing N N 418 
THR CA    C      sing N N 419 
THR CA    CB     sing N N 420 
THR CA    HA     sing N N 421 
THR C     O      doub N N 422 
THR C     OXT    sing N N 423 
THR CB    OG1    sing N N 424 
THR CB    CG2    sing N N 425 
THR CB    HB     sing N N 426 
THR OG1   HG1    sing N N 427 
THR CG2   HG21   sing N N 428 
THR CG2   HG22   sing N N 429 
THR CG2   HG23   sing N N 430 
THR OXT   HXT    sing N N 431 
TRP N     CA     sing N N 432 
TRP N     H      sing N N 433 
TRP N     H2     sing N N 434 
TRP CA    C      sing N N 435 
TRP CA    CB     sing N N 436 
TRP CA    HA     sing N N 437 
TRP C     O      doub N N 438 
TRP C     OXT    sing N N 439 
TRP CB    CG     sing N N 440 
TRP CB    HB2    sing N N 441 
TRP CB    HB3    sing N N 442 
TRP CG    CD1    doub Y N 443 
TRP CG    CD2    sing Y N 444 
TRP CD1   NE1    sing Y N 445 
TRP CD1   HD1    sing N N 446 
TRP CD2   CE2    doub Y N 447 
TRP CD2   CE3    sing Y N 448 
TRP NE1   CE2    sing Y N 449 
TRP NE1   HE1    sing N N 450 
TRP CE2   CZ2    sing Y N 451 
TRP CE3   CZ3    doub Y N 452 
TRP CE3   HE3    sing N N 453 
TRP CZ2   CH2    doub Y N 454 
TRP CZ2   HZ2    sing N N 455 
TRP CZ3   CH2    sing Y N 456 
TRP CZ3   HZ3    sing N N 457 
TRP CH2   HH2    sing N N 458 
TRP OXT   HXT    sing N N 459 
TYR N     CA     sing N N 460 
TYR N     H      sing N N 461 
TYR N     H2     sing N N 462 
TYR CA    C      sing N N 463 
TYR CA    CB     sing N N 464 
TYR CA    HA     sing N N 465 
TYR C     O      doub N N 466 
TYR C     OXT    sing N N 467 
TYR CB    CG     sing N N 468 
TYR CB    HB2    sing N N 469 
TYR CB    HB3    sing N N 470 
TYR CG    CD1    doub Y N 471 
TYR CG    CD2    sing Y N 472 
TYR CD1   CE1    sing Y N 473 
TYR CD1   HD1    sing N N 474 
TYR CD2   CE2    doub Y N 475 
TYR CD2   HD2    sing N N 476 
TYR CE1   CZ     doub Y N 477 
TYR CE1   HE1    sing N N 478 
TYR CE2   CZ     sing Y N 479 
TYR CE2   HE2    sing N N 480 
TYR CZ    OH     sing N N 481 
TYR OH    HH     sing N N 482 
TYR OXT   HXT    sing N N 483 
VAL N     CA     sing N N 484 
VAL N     H      sing N N 485 
VAL N     H2     sing N N 486 
VAL CA    C      sing N N 487 
VAL CA    CB     sing N N 488 
VAL CA    HA     sing N N 489 
VAL C     O      doub N N 490 
VAL C     OXT    sing N N 491 
VAL CB    CG1    sing N N 492 
VAL CB    CG2    sing N N 493 
VAL CB    HB     sing N N 494 
VAL CG1   HG11   sing N N 495 
VAL CG1   HG12   sing N N 496 
VAL CG1   HG13   sing N N 497 
VAL CG2   HG21   sing N N 498 
VAL CG2   HG22   sing N N 499 
VAL CG2   HG23   sing N N 500 
VAL OXT   HXT    sing N N 501 
# 
loop_
_ndb_struct_conf_na.entry_id 
_ndb_struct_conf_na.feature 
5YZZ 'double helix'        
5YZZ 'b-form double helix' 
# 
loop_
_ndb_struct_na_base_pair.model_number 
_ndb_struct_na_base_pair.i_label_asym_id 
_ndb_struct_na_base_pair.i_label_comp_id 
_ndb_struct_na_base_pair.i_label_seq_id 
_ndb_struct_na_base_pair.i_symmetry 
_ndb_struct_na_base_pair.j_label_asym_id 
_ndb_struct_na_base_pair.j_label_comp_id 
_ndb_struct_na_base_pair.j_label_seq_id 
_ndb_struct_na_base_pair.j_symmetry 
_ndb_struct_na_base_pair.shear 
_ndb_struct_na_base_pair.stretch 
_ndb_struct_na_base_pair.stagger 
_ndb_struct_na_base_pair.buckle 
_ndb_struct_na_base_pair.propeller 
_ndb_struct_na_base_pair.opening 
_ndb_struct_na_base_pair.pair_number 
_ndb_struct_na_base_pair.pair_name 
_ndb_struct_na_base_pair.i_auth_asym_id 
_ndb_struct_na_base_pair.i_auth_seq_id 
_ndb_struct_na_base_pair.i_PDB_ins_code 
_ndb_struct_na_base_pair.j_auth_asym_id 
_ndb_struct_na_base_pair.j_auth_seq_id 
_ndb_struct_na_base_pair.j_PDB_ins_code 
_ndb_struct_na_base_pair.hbond_type_28 
_ndb_struct_na_base_pair.hbond_type_12 
1 A DT 2  1_555 B DA 13 1_555 0.387  -0.161 0.364  -10.625 -14.692 1.914  1  A_DT2:DA13_B A 2  ? B 13 ? 20 1 
1 A DT 3  1_555 B DA 12 1_555 0.247  -0.134 0.102  -9.427  -17.966 -1.807 2  A_DT3:DA12_B A 3  ? B 12 ? 20 1 
1 A DC 4  1_555 B DG 11 1_555 0.360  -0.221 0.289  -4.689  -13.675 -0.155 3  A_DC4:DG11_B A 4  ? B 11 ? 19 1 
1 A DT 5  1_555 B DA 10 1_555 0.074  -0.083 0.582  -11.765 -13.485 0.324  4  A_DT5:DA10_B A 5  ? B 10 ? 20 1 
1 A DG 6  1_555 B DC 9  1_555 -0.207 -0.266 0.182  1.181   -2.697  -4.742 5  A_DG6:DC9_B  A 6  ? B 9  ? 19 1 
1 A DC 7  1_555 B DG 8  1_555 -0.124 -0.207 0.455  1.108   -13.709 -3.476 6  A_DC7:DG8_B  A 7  ? B 8  ? 19 1 
1 A DA 8  1_555 B DT 7  1_555 0.137  -0.159 0.324  0.558   -3.844  -1.820 7  A_DA8:DT7_B  A 8  ? B 7  ? 20 1 
1 A DT 9  1_555 B DA 6  1_555 -0.282 -0.314 0.032  -0.816  -16.167 -4.775 8  A_DT9:DA6_B  A 9  ? B 6  ? 20 1 
1 A DG 10 1_555 B DC 5  1_555 -0.134 -0.241 0.036  -0.865  -11.860 -0.391 9  A_DG10:DC5_B A 10 ? B 5  ? 19 1 
1 A DG 11 1_555 B DC 4  1_555 -0.380 -0.279 -0.276 -4.203  -7.719  -0.078 10 A_DG11:DC4_B A 11 ? B 4  ? 19 1 
1 A DA 12 1_555 B DT 3  1_555 -0.212 -0.225 -0.238 -2.320  -8.796  -0.421 11 A_DA12:DT3_B A 12 ? B 3  ? 20 1 
1 A DT 13 1_555 B DA 2  1_555 0.323  -0.135 0.195  9.917   -10.349 -0.486 12 A_DT13:DA2_B A 13 ? B 2  ? 20 1 
# 
loop_
_ndb_struct_na_base_pair_step.model_number 
_ndb_struct_na_base_pair_step.i_label_asym_id_1 
_ndb_struct_na_base_pair_step.i_label_comp_id_1 
_ndb_struct_na_base_pair_step.i_label_seq_id_1 
_ndb_struct_na_base_pair_step.i_symmetry_1 
_ndb_struct_na_base_pair_step.j_label_asym_id_1 
_ndb_struct_na_base_pair_step.j_label_comp_id_1 
_ndb_struct_na_base_pair_step.j_label_seq_id_1 
_ndb_struct_na_base_pair_step.j_symmetry_1 
_ndb_struct_na_base_pair_step.i_label_asym_id_2 
_ndb_struct_na_base_pair_step.i_label_comp_id_2 
_ndb_struct_na_base_pair_step.i_label_seq_id_2 
_ndb_struct_na_base_pair_step.i_symmetry_2 
_ndb_struct_na_base_pair_step.j_label_asym_id_2 
_ndb_struct_na_base_pair_step.j_label_comp_id_2 
_ndb_struct_na_base_pair_step.j_label_seq_id_2 
_ndb_struct_na_base_pair_step.j_symmetry_2 
_ndb_struct_na_base_pair_step.shift 
_ndb_struct_na_base_pair_step.slide 
_ndb_struct_na_base_pair_step.rise 
_ndb_struct_na_base_pair_step.tilt 
_ndb_struct_na_base_pair_step.roll 
_ndb_struct_na_base_pair_step.twist 
_ndb_struct_na_base_pair_step.x_displacement 
_ndb_struct_na_base_pair_step.y_displacement 
_ndb_struct_na_base_pair_step.helical_rise 
_ndb_struct_na_base_pair_step.inclination 
_ndb_struct_na_base_pair_step.tip 
_ndb_struct_na_base_pair_step.helical_twist 
_ndb_struct_na_base_pair_step.step_number 
_ndb_struct_na_base_pair_step.step_name 
_ndb_struct_na_base_pair_step.i_auth_asym_id_1 
_ndb_struct_na_base_pair_step.i_auth_seq_id_1 
_ndb_struct_na_base_pair_step.i_PDB_ins_code_1 
_ndb_struct_na_base_pair_step.j_auth_asym_id_1 
_ndb_struct_na_base_pair_step.j_auth_seq_id_1 
_ndb_struct_na_base_pair_step.j_PDB_ins_code_1 
_ndb_struct_na_base_pair_step.i_auth_asym_id_2 
_ndb_struct_na_base_pair_step.i_auth_seq_id_2 
_ndb_struct_na_base_pair_step.i_PDB_ins_code_2 
_ndb_struct_na_base_pair_step.j_auth_asym_id_2 
_ndb_struct_na_base_pair_step.j_auth_seq_id_2 
_ndb_struct_na_base_pair_step.j_PDB_ins_code_2 
1 A DT 2  1_555 B DA 13 1_555 A DT 3  1_555 B DA 12 1_555 -0.551 -0.447 3.273 2.849  5.140  28.611 -1.983 1.702  3.079 10.264 
-5.688 29.196 1  AA_DT2DT3:DA12DA13_BB A 2  ? B 13 ? A 3  ? B 12 ? 
1 A DT 3  1_555 B DA 12 1_555 A DC 4  1_555 B DG 11 1_555 0.030  -0.292 3.174 -1.277 2.732  36.561 -0.825 -0.217 3.142 4.345  
2.031  36.681 2  AA_DT3DC4:DG11DA12_BB A 3  ? B 12 ? A 4  ? B 11 ? 
1 A DC 4  1_555 B DG 11 1_555 A DT 5  1_555 B DA 10 1_555 0.493  -0.482 3.395 1.304  7.246  32.599 -2.070 -0.636 3.233 12.708 
-2.287 33.398 3  AA_DC4DT5:DA10DG11_BB A 4  ? B 11 ? A 5  ? B 10 ? 
1 A DT 5  1_555 B DA 10 1_555 A DG 6  1_555 B DC 9  1_555 0.120  0.712  3.061 4.414  3.558  31.609 0.681  0.536  3.108 6.467  
-8.022 32.101 4  AA_DT5DG6:DC9DA10_BB  A 5  ? B 10 ? A 6  ? B 9  ? 
1 A DG 6  1_555 B DC 9  1_555 A DC 7  1_555 B DG 8  1_555 0.557  -0.743 3.393 -1.931 -0.513 23.085 -1.666 -2.080 3.352 -1.278 
4.814  23.170 5  AA_DG6DC7:DG8DC9_BB   A 6  ? B 9  ? A 7  ? B 8  ? 
1 A DC 7  1_555 B DG 8  1_555 A DA 8  1_555 B DT 7  1_555 -0.078 -0.117 3.317 3.364  -2.047 45.362 0.032  0.401  3.305 -2.648 
-4.352 45.524 6  AA_DC7DA8:DT7DG8_BB   A 7  ? B 8  ? A 8  ? B 7  ? 
1 A DA 8  1_555 B DT 7  1_555 A DT 9  1_555 B DA 6  1_555 -0.694 -0.635 3.343 0.745  -3.678 28.242 -0.422 1.585  3.378 -7.496 
-1.519 28.486 7  AA_DA8DT9:DA6DT7_BB   A 8  ? B 7  ? A 9  ? B 6  ? 
1 A DT 9  1_555 B DA 6  1_555 A DG 10 1_555 B DC 5  1_555 1.031  1.269  3.401 3.357  5.458  40.378 1.172  -1.079 3.606 7.847  
-4.826 40.862 8  AA_DT9DG10:DC5DA6_BB  A 9  ? B 6  ? A 10 ? B 5  ? 
1 A DG 10 1_555 B DC 5  1_555 A DG 11 1_555 B DC 4  1_555 -0.337 2.095  3.429 -2.156 -4.366 44.107 3.188  0.243  3.230 -5.793 
2.861  44.361 9  AA_DG10DG11:DC4DC5_BB A 10 ? B 5  ? A 11 ? B 4  ? 
1 A DG 11 1_555 B DC 4  1_555 A DA 12 1_555 B DT 3  1_555 -0.448 0.158  3.292 -5.607 7.103  29.410 -1.131 -0.283 3.268 13.590 
10.729 30.741 10 AA_DG11DA12:DT3DC4_BB A 11 ? B 4  ? A 12 ? B 3  ? 
1 A DA 12 1_555 B DT 3  1_555 A DT 13 1_555 B DA 2  1_555 0.637  -0.423 3.034 -4.505 4.416  34.533 -1.302 -1.669 2.856 7.363  
7.511  35.087 11 AA_DA12DT13:DA2DT3_BB A 12 ? B 3  ? A 13 ? B 2  ? 
# 
_pdbx_initial_refinement_model.id               1 
_pdbx_initial_refinement_model.entity_id_list   ? 
_pdbx_initial_refinement_model.type             'experimental model' 
_pdbx_initial_refinement_model.source_name      PDB 
_pdbx_initial_refinement_model.accession_code   5YZY 
_pdbx_initial_refinement_model.details          ? 
# 
_pdbx_struct_assembly_auth_evidence.id                     1 
_pdbx_struct_assembly_auth_evidence.assembly_id            1 
_pdbx_struct_assembly_auth_evidence.experimental_support   'gel filtration' 
_pdbx_struct_assembly_auth_evidence.details                ? 
# 
